data_7QID
#
_entry.id   7QID
#
_cell.length_a   1.00
_cell.length_b   1.00
_cell.length_c   1.00
_cell.angle_alpha   90.00
_cell.angle_beta   90.00
_cell.angle_gamma   90.00
#
_symmetry.space_group_name_H-M   'P 1'
#
loop_
_entity.id
_entity.type
_entity.pdbx_description
1 polymer 'Insulin receptor'
2 polymer 'Isoform Short of Insulin receptor'
3 polymer Insulin
4 polymer Insulin
#
loop_
_entity_poly.entity_id
_entity_poly.type
_entity_poly.pdbx_seq_one_letter_code
_entity_poly.pdbx_strand_id
1 'polypeptide(L)'
;HLYPGEVCPGMDIRNNLTRLHELENCSVIEGHLQILLMFKTRPEDFRDLSFPKLIMITDYLLLFRVYGLESLKDLFPNLT
VIRGSRLFFNYALVIFEMVHLKELGLYNLMNITRGSVRIEKNNELCYLATIDWSRILDSVEDNYIVLNKDDNEECGDICP
GTAKGKTNCPATVINGQFVERCWTHSHCQKVCPTICKSHGCTAEGLCCHSECLGNCSQPDDPTKCVACRNFYLDGRCVET
CPPPYYHFQDWRCVNFSFCQDLHHKCKNSRRQGCHQYVIHNNKCIPECPSGYTMNSSNLLCTPCLGPCPKVCHLLEGEKT
IDSVTSAQELRGCTVINGSLIINIRGGNNLAAELEANLGLIEEISGYLKIRRSYALVSLSFFRKLRLIRGETLEIGNYSF
YALDNQNLRQLWDWSKHNLTITQGKLFFHYNPKLCLSEIHKMEEVSGTKGRQERNDIALKTNGDQASCENELLKFSYIRT
SFDKILLRWEPYWPPDFRDLLGFMLFYKEAPYQNVTEFDGQDACGSNSWTVVDIDPPLRSNDPKSQNHPGWLMRGLKPWT
QYAIFVKTLVTFSDERRTYGAKSDIIYVQTDATNPSVPLDPISVSNSSSQIILKWKPPSDPNGNITHYLVFWERQAEDSE
LFELDYCLKGLKLPSRTWSPPFESEDSQKHNQSEYEDSAGECCSCPKTDSQILKELEESSFRKTFEDYLHNVVFVPRPS
;
A,C
2 'polypeptide(L)'
;SLGDVGNVTVAVPTVAAFPNTSSTSVPTSPEEHRPFEKVVNKESLVISGLRHFTGYRIELQACNQDTPEERCSVAAYVSA
RTMPEAKADDIVGPVTHEIFENNVVHLMWQEPKEPNGLIVLYEVSYRRYGDEELHLCVSRKHFALERGCRLRGLSPGNYS
VRIRATSLAGNGSWTEPTYFYVTDYLDVPSNIAK
;
B,D
3 'polypeptide(L)' GIVEQCCTSICSLYQLENYCN E,K,I
4 'polypeptide(L)' FVNQHLCGSHLVEALYLVCGERGFFYTPKT F,L,J
#
# COMPACT_ATOMS: atom_id res chain seq x y z
N HIS A 1 -33.45 -2.42 -66.11
CA HIS A 1 -32.95 -1.68 -64.92
C HIS A 1 -31.78 -2.41 -64.29
N LEU A 2 -30.93 -1.67 -63.58
CA LEU A 2 -29.84 -2.25 -62.80
C LEU A 2 -30.27 -2.50 -61.37
N TYR A 3 -30.70 -1.45 -60.67
CA TYR A 3 -31.30 -1.61 -59.36
C TYR A 3 -32.75 -2.06 -59.51
N PRO A 4 -33.16 -3.20 -58.94
CA PRO A 4 -34.57 -3.60 -59.05
C PRO A 4 -35.48 -2.62 -58.34
N GLY A 5 -36.69 -2.48 -58.86
CA GLY A 5 -37.70 -1.62 -58.29
C GLY A 5 -38.48 -2.32 -57.20
N GLU A 6 -39.76 -2.00 -57.11
CA GLU A 6 -40.67 -2.65 -56.17
C GLU A 6 -40.23 -2.42 -54.72
N VAL A 7 -39.95 -1.16 -54.39
CA VAL A 7 -39.50 -0.82 -53.04
C VAL A 7 -40.63 -1.06 -52.05
N CYS A 8 -40.31 -1.76 -50.96
CA CYS A 8 -41.30 -2.20 -49.97
C CYS A 8 -41.01 -1.48 -48.66
N PRO A 9 -41.96 -0.69 -48.11
CA PRO A 9 -41.65 0.00 -46.86
C PRO A 9 -41.57 -0.95 -45.69
N GLY A 10 -40.83 -0.53 -44.66
CA GLY A 10 -40.63 -1.37 -43.49
C GLY A 10 -41.88 -1.49 -42.64
N MET A 11 -41.92 -2.57 -41.86
CA MET A 11 -43.03 -2.85 -40.95
C MET A 11 -42.48 -3.67 -39.79
N ASP A 12 -43.37 -3.97 -38.83
CA ASP A 12 -43.03 -4.77 -37.66
C ASP A 12 -43.47 -6.21 -37.88
N ILE A 13 -42.51 -7.14 -37.77
CA ILE A 13 -42.75 -8.56 -37.90
C ILE A 13 -42.81 -9.13 -36.49
N ARG A 14 -44.02 -9.42 -36.00
CA ARG A 14 -44.23 -9.75 -34.60
C ARG A 14 -45.26 -10.86 -34.45
N ASN A 15 -44.88 -11.91 -33.70
CA ASN A 15 -45.75 -12.84 -32.99
C ASN A 15 -46.37 -13.92 -33.88
N ASN A 16 -46.02 -14.00 -35.16
CA ASN A 16 -46.65 -15.03 -36.00
C ASN A 16 -45.77 -15.33 -37.20
N LEU A 17 -45.91 -16.56 -37.69
CA LEU A 17 -45.18 -17.05 -38.86
C LEU A 17 -45.90 -16.64 -40.14
N THR A 18 -45.24 -16.80 -41.29
CA THR A 18 -45.79 -16.55 -42.61
C THR A 18 -46.09 -15.09 -42.87
N ARG A 19 -45.50 -14.18 -42.10
CA ARG A 19 -45.66 -12.75 -42.30
C ARG A 19 -44.58 -12.16 -43.20
N LEU A 20 -43.72 -12.99 -43.79
CA LEU A 20 -42.64 -12.53 -44.66
C LEU A 20 -43.08 -12.33 -46.10
N HIS A 21 -44.37 -12.48 -46.41
CA HIS A 21 -44.85 -12.32 -47.78
C HIS A 21 -44.65 -10.90 -48.29
N GLU A 22 -44.48 -9.92 -47.40
CA GLU A 22 -44.18 -8.55 -47.81
C GLU A 22 -42.72 -8.35 -48.23
N LEU A 23 -41.91 -9.41 -48.26
CA LEU A 23 -40.55 -9.35 -48.77
C LEU A 23 -40.41 -9.94 -50.17
N GLU A 24 -41.52 -10.33 -50.81
CA GLU A 24 -41.45 -10.99 -52.11
C GLU A 24 -40.98 -10.00 -53.17
N ASN A 25 -39.84 -10.28 -53.79
CA ASN A 25 -39.31 -9.50 -54.90
C ASN A 25 -38.97 -8.06 -54.48
N CYS A 26 -38.78 -7.81 -53.18
CA CYS A 26 -38.50 -6.46 -52.73
C CYS A 26 -37.02 -6.13 -52.92
N SER A 27 -36.76 -4.90 -53.35
CA SER A 27 -35.39 -4.47 -53.62
C SER A 27 -34.72 -3.90 -52.38
N VAL A 28 -35.29 -2.86 -51.80
CA VAL A 28 -34.75 -2.18 -50.63
C VAL A 28 -35.92 -1.81 -49.72
N ILE A 29 -35.59 -1.47 -48.47
CA ILE A 29 -36.57 -1.15 -47.45
C ILE A 29 -36.72 0.36 -47.37
N GLU A 30 -37.96 0.80 -47.10
CA GLU A 30 -38.27 2.21 -46.88
C GLU A 30 -39.01 2.29 -45.55
N GLY A 31 -38.24 2.33 -44.46
CA GLY A 31 -38.79 2.32 -43.12
C GLY A 31 -37.98 1.46 -42.17
N HIS A 32 -38.63 0.91 -41.14
CA HIS A 32 -38.00 0.11 -40.11
C HIS A 32 -38.41 -1.34 -40.28
N LEU A 33 -37.43 -2.25 -40.20
CA LEU A 33 -37.66 -3.69 -40.28
C LEU A 33 -37.29 -4.34 -38.96
N GLN A 34 -38.27 -5.00 -38.34
CA GLN A 34 -38.12 -5.61 -37.03
C GLN A 34 -38.64 -7.04 -37.06
N ILE A 35 -37.91 -7.93 -36.39
CA ILE A 35 -38.29 -9.33 -36.24
C ILE A 35 -38.28 -9.63 -34.75
N LEU A 36 -39.48 -9.72 -34.16
CA LEU A 36 -39.66 -9.78 -32.72
C LEU A 36 -40.54 -10.95 -32.33
N LEU A 37 -40.14 -11.62 -31.24
CA LEU A 37 -40.98 -12.57 -30.52
C LEU A 37 -41.46 -13.70 -31.44
N MET A 38 -40.47 -14.48 -31.89
CA MET A 38 -40.71 -15.73 -32.62
C MET A 38 -40.13 -16.83 -31.74
N PHE A 39 -40.97 -17.36 -30.86
CA PHE A 39 -40.56 -18.29 -29.81
C PHE A 39 -41.17 -19.67 -30.09
N LYS A 40 -40.36 -20.70 -29.88
CA LYS A 40 -40.75 -22.09 -30.12
C LYS A 40 -41.17 -22.29 -31.59
N THR A 41 -40.19 -22.09 -32.46
CA THR A 41 -40.34 -22.31 -33.89
C THR A 41 -39.14 -23.09 -34.40
N ARG A 42 -39.41 -24.10 -35.23
CA ARG A 42 -38.34 -24.91 -35.77
C ARG A 42 -37.53 -24.10 -36.79
N PRO A 43 -36.30 -24.52 -37.09
CA PRO A 43 -35.60 -23.89 -38.23
C PRO A 43 -36.36 -24.06 -39.54
N GLU A 44 -37.06 -25.18 -39.71
CA GLU A 44 -37.83 -25.42 -40.92
C GLU A 44 -39.03 -24.49 -41.04
N ASP A 45 -39.51 -23.93 -39.92
CA ASP A 45 -40.70 -23.09 -39.97
C ASP A 45 -40.47 -21.84 -40.80
N PHE A 46 -39.37 -21.14 -40.54
CA PHE A 46 -39.07 -19.89 -41.23
C PHE A 46 -38.25 -20.07 -42.51
N ARG A 47 -37.80 -21.29 -42.82
CA ARG A 47 -37.08 -21.55 -44.05
C ARG A 47 -38.02 -21.81 -45.23
N ASP A 48 -39.30 -21.47 -45.11
CA ASP A 48 -40.23 -21.57 -46.22
C ASP A 48 -39.94 -20.59 -47.34
N LEU A 49 -39.15 -19.56 -47.07
CA LEU A 49 -38.75 -18.60 -48.09
C LEU A 49 -37.36 -18.09 -47.78
N SER A 50 -36.69 -17.57 -48.82
CA SER A 50 -35.40 -16.91 -48.68
C SER A 50 -35.43 -15.66 -49.55
N PHE A 51 -34.79 -14.60 -49.05
CA PHE A 51 -34.89 -13.26 -49.65
C PHE A 51 -33.50 -12.71 -49.91
N PRO A 52 -32.84 -13.17 -50.96
CA PRO A 52 -31.72 -12.41 -51.53
C PRO A 52 -32.17 -11.24 -52.38
N LYS A 53 -33.49 -11.03 -52.53
CA LYS A 53 -33.99 -9.87 -53.26
C LYS A 53 -33.55 -8.58 -52.59
N LEU A 54 -33.56 -8.55 -51.26
CA LEU A 54 -33.11 -7.38 -50.54
C LEU A 54 -31.63 -7.11 -50.81
N ILE A 55 -31.28 -5.83 -50.88
CA ILE A 55 -29.93 -5.38 -51.12
C ILE A 55 -29.39 -4.53 -49.98
N MET A 56 -30.11 -3.48 -49.61
CA MET A 56 -29.71 -2.58 -48.54
C MET A 56 -30.96 -2.13 -47.80
N ILE A 57 -30.76 -1.61 -46.59
CA ILE A 57 -31.85 -1.22 -45.70
C ILE A 57 -31.72 0.26 -45.39
N THR A 58 -32.84 0.98 -45.54
CA THR A 58 -32.81 2.43 -45.35
C THR A 58 -32.49 2.80 -43.90
N ASP A 59 -32.92 1.97 -42.95
CA ASP A 59 -32.82 2.31 -41.53
C ASP A 59 -32.41 1.05 -40.77
N TYR A 60 -32.54 1.09 -39.44
CA TYR A 60 -32.06 0.01 -38.59
C TYR A 60 -32.81 -1.30 -38.85
N LEU A 61 -32.08 -2.40 -38.69
CA LEU A 61 -32.62 -3.75 -38.78
C LEU A 61 -32.58 -4.36 -37.38
N LEU A 62 -33.73 -4.86 -36.92
CA LEU A 62 -33.89 -5.31 -35.54
C LEU A 62 -34.22 -6.79 -35.51
N LEU A 63 -33.50 -7.55 -34.68
CA LEU A 63 -33.79 -8.95 -34.40
C LEU A 63 -33.76 -9.15 -32.88
N PHE A 64 -34.90 -9.52 -32.31
CA PHE A 64 -35.04 -9.57 -30.86
C PHE A 64 -35.92 -10.75 -30.46
N ARG A 65 -35.37 -11.67 -29.68
CA ARG A 65 -36.12 -12.81 -29.13
C ARG A 65 -36.72 -13.66 -30.26
N VAL A 66 -35.83 -14.25 -31.03
CA VAL A 66 -36.20 -15.24 -32.04
C VAL A 66 -35.31 -16.46 -31.86
N TYR A 67 -35.95 -17.62 -31.72
CA TYR A 67 -35.28 -18.88 -31.42
C TYR A 67 -35.04 -19.74 -32.64
N GLY A 68 -35.88 -19.62 -33.67
CA GLY A 68 -35.60 -20.24 -34.94
C GLY A 68 -34.62 -19.40 -35.73
N LEU A 69 -34.50 -19.64 -37.04
CA LEU A 69 -33.60 -18.89 -37.90
C LEU A 69 -32.15 -19.01 -37.41
N GLU A 70 -31.62 -20.22 -37.50
CA GLU A 70 -30.31 -20.55 -36.95
C GLU A 70 -29.18 -19.77 -37.60
N SER A 71 -29.40 -19.12 -38.72
CA SER A 71 -28.41 -18.23 -39.33
C SER A 71 -29.12 -17.38 -40.37
N LEU A 72 -28.42 -16.40 -40.93
CA LEU A 72 -28.97 -15.52 -41.95
C LEU A 72 -28.52 -15.89 -43.36
N LYS A 73 -27.87 -17.04 -43.53
CA LYS A 73 -27.44 -17.46 -44.86
C LYS A 73 -28.59 -17.98 -45.72
N ASP A 74 -29.78 -18.17 -45.15
CA ASP A 74 -30.91 -18.76 -45.87
C ASP A 74 -32.15 -17.87 -45.87
N LEU A 75 -32.05 -16.63 -45.39
CA LEU A 75 -33.14 -15.66 -45.48
C LEU A 75 -32.70 -14.34 -46.11
N PHE A 76 -31.50 -13.86 -45.81
CA PHE A 76 -30.95 -12.66 -46.42
C PHE A 76 -29.48 -12.89 -46.73
N PRO A 77 -29.17 -13.80 -47.67
CA PRO A 77 -27.76 -14.11 -47.95
C PRO A 77 -27.02 -12.94 -48.58
N ASN A 78 -27.60 -12.37 -49.63
CA ASN A 78 -26.93 -11.34 -50.43
C ASN A 78 -27.34 -9.96 -49.93
N LEU A 79 -26.41 -9.27 -49.29
CA LEU A 79 -26.58 -7.88 -48.90
C LEU A 79 -25.22 -7.19 -48.95
N THR A 80 -25.26 -5.88 -49.19
CA THR A 80 -24.06 -5.08 -49.43
C THR A 80 -23.82 -4.00 -48.38
N VAL A 81 -24.80 -3.12 -48.15
CA VAL A 81 -24.62 -2.00 -47.24
C VAL A 81 -25.91 -1.77 -46.46
N ILE A 82 -25.81 -1.03 -45.36
CA ILE A 82 -26.95 -0.67 -44.53
C ILE A 82 -26.89 0.84 -44.32
N ARG A 83 -27.90 1.56 -44.80
CA ARG A 83 -27.93 2.99 -44.64
C ARG A 83 -28.04 3.38 -43.16
N GLY A 84 -27.41 4.50 -42.82
CA GLY A 84 -27.33 4.96 -41.45
C GLY A 84 -27.88 6.35 -41.27
N SER A 85 -28.85 6.73 -42.12
CA SER A 85 -29.49 8.03 -41.99
C SER A 85 -30.20 8.12 -40.65
N ARG A 86 -31.16 7.24 -40.41
CA ARG A 86 -31.78 7.10 -39.10
C ARG A 86 -31.04 6.03 -38.31
N LEU A 87 -31.02 6.22 -36.99
CA LEU A 87 -30.35 5.31 -36.07
C LEU A 87 -31.32 4.95 -34.95
N PHE A 88 -30.97 3.89 -34.21
CA PHE A 88 -31.84 3.35 -33.17
C PHE A 88 -31.25 3.62 -31.78
N PHE A 89 -30.05 3.12 -31.49
CA PHE A 89 -29.28 3.61 -30.35
C PHE A 89 -27.84 3.18 -30.59
N ASN A 90 -27.02 4.09 -31.08
CA ASN A 90 -25.58 3.91 -31.34
C ASN A 90 -25.32 3.09 -32.61
N TYR A 91 -26.32 2.52 -33.26
CA TYR A 91 -26.06 1.64 -34.39
C TYR A 91 -27.37 1.40 -35.14
N ALA A 92 -27.32 0.50 -36.12
CA ALA A 92 -28.46 0.10 -36.95
C ALA A 92 -28.78 -1.38 -36.87
N LEU A 93 -27.79 -2.24 -36.58
CA LEU A 93 -27.98 -3.68 -36.52
C LEU A 93 -28.17 -4.10 -35.07
N VAL A 94 -29.39 -4.54 -34.73
CA VAL A 94 -29.70 -5.12 -33.42
C VAL A 94 -29.84 -6.61 -33.61
N ILE A 95 -29.04 -7.39 -32.89
CA ILE A 95 -29.21 -8.85 -32.81
C ILE A 95 -29.10 -9.20 -31.33
N PHE A 96 -30.24 -9.29 -30.65
CA PHE A 96 -30.29 -9.40 -29.20
C PHE A 96 -31.10 -10.64 -28.82
N GLU A 97 -30.50 -11.48 -27.99
CA GLU A 97 -31.17 -12.67 -27.45
C GLU A 97 -31.64 -13.61 -28.56
N MET A 98 -30.68 -14.08 -29.35
CA MET A 98 -30.91 -15.14 -30.32
C MET A 98 -30.49 -16.48 -29.73
N VAL A 99 -31.22 -17.53 -30.13
CA VAL A 99 -31.01 -18.88 -29.62
C VAL A 99 -31.04 -19.83 -30.80
N HIS A 100 -30.34 -20.96 -30.65
CA HIS A 100 -30.16 -22.00 -31.66
C HIS A 100 -29.31 -21.55 -32.83
N LEU A 101 -28.63 -20.41 -32.73
CA LEU A 101 -27.71 -20.00 -33.78
C LEU A 101 -26.42 -20.80 -33.72
N LYS A 102 -25.86 -21.10 -34.89
CA LYS A 102 -24.47 -21.55 -34.97
C LYS A 102 -23.69 -20.98 -36.15
N GLU A 103 -24.33 -20.21 -37.03
CA GLU A 103 -23.65 -19.60 -38.18
C GLU A 103 -24.24 -18.22 -38.41
N LEU A 104 -23.69 -17.52 -39.40
CA LEU A 104 -24.15 -16.16 -39.71
C LEU A 104 -23.93 -15.91 -41.19
N GLY A 105 -24.98 -15.44 -41.87
CA GLY A 105 -24.90 -15.18 -43.30
C GLY A 105 -24.50 -13.75 -43.63
N LEU A 106 -25.36 -13.04 -44.36
CA LEU A 106 -25.08 -11.68 -44.80
C LEU A 106 -23.82 -11.66 -45.68
N TYR A 107 -23.87 -12.44 -46.75
CA TYR A 107 -22.70 -12.68 -47.57
C TYR A 107 -22.21 -11.42 -48.27
N ASN A 108 -20.94 -11.07 -48.02
CA ASN A 108 -20.26 -10.01 -48.76
C ASN A 108 -20.91 -8.64 -48.54
N LEU A 109 -21.13 -8.29 -47.27
CA LEU A 109 -21.42 -6.91 -46.93
C LEU A 109 -20.16 -6.07 -47.08
N MET A 110 -20.36 -4.78 -47.37
CA MET A 110 -19.27 -3.88 -47.74
C MET A 110 -19.07 -2.74 -46.76
N ASN A 111 -20.14 -2.04 -46.36
CA ASN A 111 -19.97 -0.84 -45.55
C ASN A 111 -21.30 -0.49 -44.88
N ILE A 112 -21.25 -0.21 -43.59
CA ILE A 112 -22.37 0.35 -42.84
C ILE A 112 -22.15 1.86 -42.80
N THR A 113 -23.17 2.61 -43.24
CA THR A 113 -22.96 4.04 -43.50
C THR A 113 -22.66 4.82 -42.23
N ARG A 114 -23.38 4.57 -41.14
CA ARG A 114 -23.16 5.31 -39.90
C ARG A 114 -23.49 4.41 -38.71
N GLY A 115 -22.66 4.53 -37.66
CA GLY A 115 -22.93 3.88 -36.39
C GLY A 115 -22.01 2.72 -36.04
N SER A 116 -22.60 1.63 -35.56
CA SER A 116 -21.87 0.46 -35.08
C SER A 116 -22.71 -0.78 -35.38
N VAL A 117 -22.42 -1.88 -34.68
CA VAL A 117 -23.22 -3.09 -34.73
C VAL A 117 -23.61 -3.47 -33.31
N ARG A 118 -24.50 -4.46 -33.19
CA ARG A 118 -24.79 -5.05 -31.88
C ARG A 118 -25.21 -6.50 -32.09
N ILE A 119 -24.42 -7.42 -31.55
CA ILE A 119 -24.75 -8.83 -31.49
C ILE A 119 -24.47 -9.25 -30.06
N GLU A 120 -25.50 -9.26 -29.22
CA GLU A 120 -25.32 -9.39 -27.77
C GLU A 120 -26.32 -10.38 -27.19
N LYS A 121 -25.94 -10.95 -26.05
CA LYS A 121 -26.74 -11.94 -25.33
C LYS A 121 -27.08 -13.12 -26.24
N ASN A 122 -26.09 -13.53 -27.03
CA ASN A 122 -26.22 -14.68 -27.92
C ASN A 122 -25.09 -15.65 -27.57
N ASN A 123 -25.36 -16.53 -26.61
CA ASN A 123 -24.43 -17.57 -26.19
C ASN A 123 -24.54 -18.83 -27.03
N GLU A 124 -25.19 -18.74 -28.19
CA GLU A 124 -25.42 -19.88 -29.07
C GLU A 124 -24.67 -19.75 -30.39
N LEU A 125 -24.66 -18.57 -30.99
CA LEU A 125 -23.87 -18.35 -32.19
C LEU A 125 -22.39 -18.41 -31.86
N CYS A 126 -21.66 -19.22 -32.62
CA CYS A 126 -20.20 -19.26 -32.59
C CYS A 126 -19.67 -18.71 -33.90
N TYR A 127 -18.36 -18.52 -33.97
CA TYR A 127 -17.71 -17.95 -35.14
C TYR A 127 -18.25 -16.54 -35.41
N LEU A 128 -18.16 -15.69 -34.39
CA LEU A 128 -18.69 -14.33 -34.45
C LEU A 128 -17.75 -13.32 -33.81
N ALA A 129 -16.44 -13.60 -33.83
CA ALA A 129 -15.43 -12.71 -33.25
C ALA A 129 -14.59 -12.01 -34.30
N THR A 130 -14.02 -12.75 -35.25
CA THR A 130 -13.18 -12.20 -36.29
C THR A 130 -13.95 -11.81 -37.54
N ILE A 131 -15.28 -11.65 -37.45
CA ILE A 131 -16.06 -11.29 -38.61
C ILE A 131 -15.65 -9.89 -39.10
N ASP A 132 -15.71 -9.71 -40.42
CA ASP A 132 -15.38 -8.42 -41.03
C ASP A 132 -16.46 -7.42 -40.69
N TRP A 133 -16.20 -6.55 -39.71
CA TRP A 133 -17.16 -5.54 -39.28
C TRP A 133 -16.51 -4.18 -39.06
N SER A 134 -15.19 -4.15 -38.82
CA SER A 134 -14.54 -2.91 -38.41
C SER A 134 -14.52 -1.88 -39.54
N ARG A 135 -13.88 -2.23 -40.65
CA ARG A 135 -13.83 -1.30 -41.78
C ARG A 135 -15.21 -1.02 -42.33
N ILE A 136 -16.15 -1.96 -42.16
CA ILE A 136 -17.53 -1.74 -42.56
C ILE A 136 -18.17 -0.60 -41.79
N LEU A 137 -17.69 -0.31 -40.59
CA LEU A 137 -18.25 0.73 -39.74
C LEU A 137 -17.44 2.01 -39.83
N ASP A 138 -18.07 3.10 -39.40
CA ASP A 138 -17.39 4.40 -39.26
C ASP A 138 -16.79 4.54 -37.87
N SER A 139 -17.60 4.28 -36.83
CA SER A 139 -17.14 4.35 -35.45
C SER A 139 -16.36 3.08 -35.13
N VAL A 140 -15.04 3.17 -35.19
CA VAL A 140 -14.20 2.01 -34.89
C VAL A 140 -14.35 1.60 -33.44
N GLU A 141 -14.52 2.57 -32.54
CA GLU A 141 -14.86 2.31 -31.15
C GLU A 141 -16.39 2.31 -31.02
N ASP A 142 -16.88 2.27 -29.78
CA ASP A 142 -18.32 2.21 -29.51
C ASP A 142 -18.93 0.95 -30.14
N ASN A 143 -18.19 -0.15 -30.07
CA ASN A 143 -18.64 -1.45 -30.56
C ASN A 143 -19.13 -2.29 -29.40
N TYR A 144 -20.15 -3.12 -29.66
CA TYR A 144 -20.77 -3.95 -28.62
C TYR A 144 -21.06 -5.34 -29.21
N ILE A 145 -20.13 -6.26 -29.01
CA ILE A 145 -20.35 -7.68 -29.25
C ILE A 145 -19.81 -8.39 -28.02
N VAL A 146 -20.68 -8.67 -27.06
CA VAL A 146 -20.30 -9.22 -25.76
C VAL A 146 -21.37 -10.23 -25.35
N LEU A 147 -21.09 -10.99 -24.30
CA LEU A 147 -21.94 -12.10 -23.86
C LEU A 147 -22.12 -13.11 -24.99
N ASN A 148 -21.04 -13.34 -25.73
CA ASN A 148 -20.97 -14.40 -26.73
C ASN A 148 -20.61 -15.71 -26.01
N LYS A 149 -20.24 -16.73 -26.79
CA LYS A 149 -19.88 -18.04 -26.26
C LYS A 149 -18.41 -18.37 -26.48
N ASP A 150 -17.56 -17.34 -26.57
CA ASP A 150 -16.11 -17.49 -26.60
C ASP A 150 -15.45 -16.98 -25.33
N ASP A 151 -15.90 -15.84 -24.80
CA ASP A 151 -15.49 -15.43 -23.46
C ASP A 151 -16.19 -16.25 -22.38
N ASN A 152 -17.36 -16.79 -22.68
CA ASN A 152 -18.08 -17.67 -21.75
C ASN A 152 -17.57 -19.10 -21.77
N GLU A 153 -16.58 -19.43 -22.61
CA GLU A 153 -15.97 -20.76 -22.66
C GLU A 153 -17.02 -21.82 -23.04
N GLU A 154 -17.54 -21.68 -24.26
CA GLU A 154 -18.43 -22.69 -24.83
C GLU A 154 -18.17 -22.98 -26.30
N CYS A 155 -17.38 -22.17 -27.01
CA CYS A 155 -16.98 -22.48 -28.38
C CYS A 155 -15.93 -21.48 -28.83
N GLY A 156 -15.02 -21.95 -29.69
CA GLY A 156 -14.00 -21.10 -30.28
C GLY A 156 -14.42 -20.56 -31.63
N ASP A 157 -14.30 -19.25 -31.81
CA ASP A 157 -14.74 -18.59 -33.04
C ASP A 157 -13.65 -18.73 -34.10
N ILE A 158 -13.58 -19.93 -34.69
CA ILE A 158 -12.60 -20.25 -35.71
C ILE A 158 -13.22 -20.02 -37.09
N CYS A 159 -12.40 -19.54 -38.02
CA CYS A 159 -12.78 -19.37 -39.41
C CYS A 159 -11.69 -19.99 -40.28
N PRO A 160 -12.01 -20.37 -41.51
CA PRO A 160 -11.02 -21.04 -42.35
C PRO A 160 -9.99 -20.06 -42.92
N GLY A 161 -8.74 -20.49 -42.95
CA GLY A 161 -7.68 -19.64 -43.45
C GLY A 161 -7.57 -19.62 -44.97
N THR A 162 -8.03 -20.68 -45.63
CA THR A 162 -7.90 -20.79 -47.07
C THR A 162 -8.98 -19.96 -47.77
N ALA A 163 -8.85 -19.87 -49.09
CA ALA A 163 -9.79 -19.11 -49.92
C ALA A 163 -11.06 -19.91 -50.11
N LYS A 164 -12.09 -19.60 -49.31
CA LYS A 164 -13.39 -20.25 -49.43
C LYS A 164 -14.07 -19.70 -50.67
N GLY A 165 -14.03 -20.47 -51.76
CA GLY A 165 -14.57 -19.98 -53.02
C GLY A 165 -13.81 -18.76 -53.48
N LYS A 166 -14.55 -17.77 -54.00
CA LYS A 166 -13.94 -16.52 -54.41
C LYS A 166 -13.44 -15.70 -53.22
N THR A 167 -14.03 -15.90 -52.04
CA THR A 167 -13.63 -15.15 -50.86
C THR A 167 -12.35 -15.74 -50.26
N ASN A 168 -11.67 -14.92 -49.45
CA ASN A 168 -10.47 -15.36 -48.75
C ASN A 168 -10.36 -14.59 -47.44
N CYS A 169 -9.61 -15.16 -46.51
CA CYS A 169 -9.54 -14.68 -45.13
C CYS A 169 -8.15 -14.09 -44.86
N PRO A 170 -7.88 -12.85 -45.28
CA PRO A 170 -6.61 -12.23 -44.92
C PRO A 170 -6.60 -11.85 -43.44
N ALA A 171 -5.51 -12.21 -42.76
CA ALA A 171 -5.38 -11.91 -41.35
C ALA A 171 -5.12 -10.41 -41.15
N THR A 172 -6.18 -9.65 -40.90
CA THR A 172 -6.11 -8.20 -40.80
C THR A 172 -5.99 -7.77 -39.34
N VAL A 173 -5.17 -6.76 -39.09
CA VAL A 173 -4.93 -6.27 -37.74
C VAL A 173 -6.04 -5.29 -37.37
N ILE A 174 -6.70 -5.56 -36.25
CA ILE A 174 -7.65 -4.63 -35.63
C ILE A 174 -7.26 -4.53 -34.17
N ASN A 175 -6.89 -3.33 -33.73
CA ASN A 175 -6.51 -3.06 -32.36
C ASN A 175 -5.38 -3.96 -31.86
N GLY A 176 -4.56 -4.51 -32.77
CA GLY A 176 -3.47 -5.40 -32.41
C GLY A 176 -3.75 -6.87 -32.58
N GLN A 177 -5.00 -7.28 -32.79
CA GLN A 177 -5.36 -8.69 -32.95
C GLN A 177 -5.59 -9.00 -34.42
N PHE A 178 -5.14 -10.18 -34.83
CA PHE A 178 -5.32 -10.65 -36.21
C PHE A 178 -6.68 -11.31 -36.34
N VAL A 179 -7.60 -10.66 -37.05
CA VAL A 179 -8.91 -11.21 -37.34
C VAL A 179 -8.87 -11.82 -38.73
N GLU A 180 -9.38 -13.03 -38.86
CA GLU A 180 -9.60 -13.66 -40.16
C GLU A 180 -10.96 -13.19 -40.69
N ARG A 181 -10.93 -12.28 -41.65
CA ARG A 181 -12.13 -11.63 -42.16
C ARG A 181 -13.08 -12.66 -42.75
N CYS A 182 -14.23 -12.86 -42.11
CA CYS A 182 -15.17 -13.90 -42.51
C CYS A 182 -16.56 -13.51 -42.03
N TRP A 183 -17.49 -14.46 -42.11
CA TRP A 183 -18.82 -14.37 -41.54
C TRP A 183 -19.16 -15.55 -40.64
N THR A 184 -18.60 -16.72 -40.93
CA THR A 184 -18.80 -17.91 -40.11
C THR A 184 -17.77 -18.95 -40.56
N HIS A 185 -17.78 -20.09 -39.89
CA HIS A 185 -16.86 -21.16 -40.25
C HIS A 185 -17.20 -21.70 -41.63
N SER A 186 -16.17 -22.21 -42.31
CA SER A 186 -16.27 -22.72 -43.69
C SER A 186 -16.64 -21.63 -44.69
N HIS A 187 -16.40 -20.36 -44.35
CA HIS A 187 -16.63 -19.27 -45.28
C HIS A 187 -15.70 -18.12 -44.90
N CYS A 188 -15.47 -17.22 -45.85
CA CYS A 188 -14.53 -16.13 -45.70
C CYS A 188 -15.10 -14.84 -46.29
N GLN A 189 -14.41 -13.73 -46.00
CA GLN A 189 -14.78 -12.42 -46.49
C GLN A 189 -13.53 -11.73 -47.04
N LYS A 190 -13.61 -11.27 -48.28
CA LYS A 190 -12.48 -10.73 -49.01
C LYS A 190 -12.13 -9.32 -48.51
N VAL A 191 -10.87 -8.93 -48.75
CA VAL A 191 -10.38 -7.58 -48.50
C VAL A 191 -9.65 -7.10 -49.74
N CYS A 192 -9.90 -5.84 -50.11
CA CYS A 192 -9.32 -5.23 -51.30
C CYS A 192 -8.28 -4.19 -50.89
N PRO A 193 -7.54 -3.61 -51.84
CA PRO A 193 -6.60 -2.53 -51.49
C PRO A 193 -7.34 -1.33 -50.91
N THR A 194 -6.57 -0.52 -50.17
CA THR A 194 -7.15 0.64 -49.49
C THR A 194 -7.73 1.63 -50.48
N ILE A 195 -7.00 1.92 -51.55
CA ILE A 195 -7.49 2.83 -52.58
C ILE A 195 -8.74 2.25 -53.23
N CYS A 196 -8.73 0.95 -53.51
CA CYS A 196 -9.92 0.32 -54.07
C CYS A 196 -11.08 0.38 -53.08
N LYS A 197 -10.82 0.04 -51.81
CA LYS A 197 -11.87 0.05 -50.80
C LYS A 197 -12.43 1.46 -50.57
N SER A 198 -11.67 2.50 -50.91
CA SER A 198 -12.21 3.85 -50.82
C SER A 198 -13.42 4.03 -51.73
N HIS A 199 -13.49 3.27 -52.82
CA HIS A 199 -14.62 3.28 -53.74
C HIS A 199 -15.16 1.88 -53.99
N GLY A 200 -14.85 0.93 -53.10
CA GLY A 200 -15.36 -0.42 -53.25
C GLY A 200 -14.61 -1.22 -54.30
N CYS A 201 -15.01 -2.49 -54.40
CA CYS A 201 -14.38 -3.39 -55.36
C CYS A 201 -15.28 -4.59 -55.58
N THR A 202 -15.10 -5.25 -56.73
CA THR A 202 -15.79 -6.49 -57.00
C THR A 202 -15.05 -7.66 -56.35
N ALA A 203 -15.78 -8.76 -56.14
CA ALA A 203 -15.22 -10.00 -55.61
C ALA A 203 -14.74 -10.90 -56.74
N GLU A 204 -13.89 -10.33 -57.60
CA GLU A 204 -13.37 -11.03 -58.78
C GLU A 204 -11.89 -10.77 -58.98
N GLY A 205 -11.15 -10.41 -57.94
CA GLY A 205 -9.78 -9.98 -58.12
C GLY A 205 -9.67 -8.74 -58.97
N LEU A 206 -10.66 -7.86 -58.91
CA LEU A 206 -10.70 -6.63 -59.69
C LEU A 206 -11.14 -5.49 -58.79
N CYS A 207 -10.75 -4.27 -59.16
CA CYS A 207 -11.06 -3.07 -58.40
C CYS A 207 -12.02 -2.19 -59.19
N CYS A 208 -12.99 -1.62 -58.49
CA CYS A 208 -13.91 -0.65 -59.08
C CYS A 208 -13.17 0.66 -59.33
N HIS A 209 -13.89 1.62 -59.92
CA HIS A 209 -13.42 2.98 -60.13
C HIS A 209 -14.28 3.94 -59.31
N SER A 210 -14.00 5.24 -59.45
CA SER A 210 -14.72 6.24 -58.68
C SER A 210 -16.20 6.25 -59.06
N GLU A 211 -16.97 7.04 -58.31
CA GLU A 211 -18.43 7.16 -58.36
C GLU A 211 -19.12 5.97 -57.70
N CYS A 212 -18.38 4.95 -57.26
CA CYS A 212 -18.93 3.78 -56.58
C CYS A 212 -18.31 3.66 -55.20
N LEU A 213 -18.94 2.83 -54.36
CA LEU A 213 -18.45 2.58 -53.01
C LEU A 213 -18.44 1.11 -52.62
N GLY A 214 -19.03 0.22 -53.42
CA GLY A 214 -19.06 -1.20 -53.11
C GLY A 214 -18.72 -2.07 -54.31
N ASN A 215 -19.51 -3.12 -54.52
CA ASN A 215 -19.28 -4.04 -55.62
C ASN A 215 -19.97 -3.55 -56.88
N CYS A 216 -19.22 -3.50 -57.98
CA CYS A 216 -19.73 -3.04 -59.26
C CYS A 216 -20.24 -4.26 -60.04
N SER A 217 -21.53 -4.25 -60.38
CA SER A 217 -22.17 -5.38 -61.03
C SER A 217 -21.48 -5.70 -62.36
N GLN A 218 -21.54 -4.77 -63.31
CA GLN A 218 -20.69 -4.86 -64.48
C GLN A 218 -19.31 -4.43 -64.02
N PRO A 219 -18.35 -5.35 -63.84
CA PRO A 219 -17.17 -5.02 -63.04
C PRO A 219 -16.31 -3.92 -63.66
N ASP A 220 -15.71 -3.12 -62.78
CA ASP A 220 -14.83 -2.02 -63.17
C ASP A 220 -15.56 -0.98 -64.03
N ASP A 221 -16.87 -0.78 -63.77
CA ASP A 221 -17.69 0.23 -64.44
C ASP A 221 -18.14 1.29 -63.44
N PRO A 222 -18.06 2.60 -63.76
CA PRO A 222 -18.48 3.61 -62.78
C PRO A 222 -19.97 3.92 -62.83
N THR A 223 -20.59 3.75 -64.00
CA THR A 223 -21.96 4.19 -64.21
C THR A 223 -23.00 3.16 -63.79
N LYS A 224 -22.68 1.86 -63.87
CA LYS A 224 -23.64 0.79 -63.60
C LYS A 224 -23.16 -0.09 -62.46
N CYS A 225 -22.72 0.53 -61.37
CA CYS A 225 -22.21 -0.18 -60.19
C CYS A 225 -23.23 -0.17 -59.07
N VAL A 226 -23.39 -1.31 -58.41
CA VAL A 226 -24.27 -1.44 -57.25
C VAL A 226 -23.62 -0.77 -56.05
N ALA A 227 -24.44 -0.30 -55.11
CA ALA A 227 -23.99 0.38 -53.89
C ALA A 227 -23.21 1.65 -54.25
N CYS A 228 -23.95 2.59 -54.83
CA CYS A 228 -23.38 3.87 -55.22
C CYS A 228 -22.84 4.62 -54.02
N ARG A 229 -21.81 5.43 -54.26
CA ARG A 229 -21.26 6.31 -53.23
C ARG A 229 -22.10 7.56 -53.01
N ASN A 230 -23.04 7.84 -53.90
CA ASN A 230 -23.82 9.07 -53.88
C ASN A 230 -25.20 8.72 -54.42
N PHE A 231 -25.94 9.74 -54.87
CA PHE A 231 -27.34 9.55 -55.26
C PHE A 231 -27.44 8.62 -56.47
N TYR A 232 -28.66 8.26 -56.86
CA TYR A 232 -28.85 7.42 -58.04
C TYR A 232 -30.09 7.87 -58.79
N LEU A 233 -30.08 7.64 -60.11
CA LEU A 233 -31.20 7.95 -60.98
C LEU A 233 -31.35 6.82 -61.98
N ASP A 234 -32.51 6.14 -61.94
CA ASP A 234 -32.89 5.15 -62.93
C ASP A 234 -31.82 4.08 -63.13
N GLY A 235 -31.15 3.69 -62.05
CA GLY A 235 -30.10 2.70 -62.12
C GLY A 235 -28.74 3.21 -62.53
N ARG A 236 -28.44 4.49 -62.30
CA ARG A 236 -27.12 5.04 -62.58
C ARG A 236 -26.69 5.95 -61.43
N CYS A 237 -25.47 5.72 -60.94
CA CYS A 237 -24.94 6.52 -59.84
C CYS A 237 -24.67 7.94 -60.31
N VAL A 238 -25.00 8.92 -59.45
CA VAL A 238 -24.91 10.33 -59.78
C VAL A 238 -24.46 11.08 -58.53
N GLU A 239 -23.59 12.08 -58.72
CA GLU A 239 -23.19 12.95 -57.62
C GLU A 239 -24.22 14.03 -57.38
N THR A 240 -24.74 14.64 -58.45
CA THR A 240 -25.77 15.65 -58.34
C THR A 240 -26.67 15.56 -59.56
N CYS A 241 -27.97 15.71 -59.33
CA CYS A 241 -28.99 15.48 -60.34
C CYS A 241 -29.53 16.83 -60.83
N PRO A 242 -29.33 17.23 -62.09
CA PRO A 242 -29.93 18.48 -62.54
C PRO A 242 -31.44 18.37 -62.55
N PRO A 243 -32.16 19.50 -62.64
CA PRO A 243 -33.61 19.45 -62.51
C PRO A 243 -34.23 18.73 -63.69
N PRO A 244 -35.51 18.31 -63.58
CA PRO A 244 -36.45 18.54 -62.47
C PRO A 244 -36.29 17.57 -61.30
N TYR A 245 -35.44 16.55 -61.45
CA TYR A 245 -35.28 15.54 -60.41
C TYR A 245 -34.39 16.09 -59.29
N TYR A 246 -34.98 16.27 -58.11
CA TYR A 246 -34.24 16.69 -56.92
C TYR A 246 -33.95 15.50 -56.01
N HIS A 247 -33.00 15.68 -55.10
CA HIS A 247 -32.63 14.61 -54.21
C HIS A 247 -33.74 14.34 -53.19
N PHE A 248 -33.71 13.14 -52.62
CA PHE A 248 -34.71 12.69 -51.66
C PHE A 248 -34.07 11.67 -50.73
N GLN A 249 -34.21 11.93 -49.43
CA GLN A 249 -33.62 11.11 -48.37
C GLN A 249 -32.12 10.93 -48.57
N ASP A 250 -31.47 11.94 -49.16
CA ASP A 250 -30.03 12.03 -49.34
C ASP A 250 -29.45 10.93 -50.22
N TRP A 251 -30.28 10.04 -50.82
CA TRP A 251 -29.76 8.93 -51.60
C TRP A 251 -30.50 8.66 -52.90
N ARG A 252 -31.71 9.17 -53.11
CA ARG A 252 -32.41 8.98 -54.38
C ARG A 252 -32.59 10.32 -55.08
N CYS A 253 -32.82 10.26 -56.39
CA CYS A 253 -33.20 11.44 -57.18
C CYS A 253 -34.61 11.18 -57.71
N VAL A 254 -35.57 11.96 -57.20
CA VAL A 254 -36.99 11.77 -57.47
C VAL A 254 -37.54 13.02 -58.14
N ASN A 255 -38.67 12.83 -58.81
CA ASN A 255 -39.31 13.91 -59.55
C ASN A 255 -39.96 14.91 -58.60
N PHE A 256 -40.10 16.15 -59.09
CA PHE A 256 -40.80 17.19 -58.35
C PHE A 256 -42.22 16.78 -58.03
N SER A 257 -42.89 16.12 -58.98
CA SER A 257 -44.25 15.67 -58.75
C SER A 257 -44.33 14.70 -57.58
N PHE A 258 -43.32 13.84 -57.41
CA PHE A 258 -43.33 12.89 -56.30
C PHE A 258 -43.28 13.63 -54.97
N CYS A 259 -42.37 14.61 -54.84
CA CYS A 259 -42.28 15.37 -53.60
C CYS A 259 -43.56 16.15 -53.33
N GLN A 260 -44.17 16.73 -54.38
CA GLN A 260 -45.42 17.45 -54.20
C GLN A 260 -46.53 16.52 -53.73
N ASP A 261 -46.62 15.33 -54.32
CA ASP A 261 -47.63 14.36 -53.90
C ASP A 261 -47.38 13.91 -52.47
N LEU A 262 -46.12 13.68 -52.11
CA LEU A 262 -45.79 13.27 -50.75
C LEU A 262 -46.19 14.35 -49.74
N HIS A 263 -45.96 15.61 -50.09
CA HIS A 263 -46.45 16.70 -49.24
C HIS A 263 -47.98 16.74 -49.22
N HIS A 264 -48.64 16.33 -50.30
CA HIS A 264 -50.10 16.26 -50.34
C HIS A 264 -50.64 14.98 -49.71
N LYS A 265 -49.81 14.19 -49.05
CA LYS A 265 -50.24 12.97 -48.39
C LYS A 265 -49.52 12.83 -47.06
N CYS A 266 -49.99 11.88 -46.25
CA CYS A 266 -49.36 11.53 -44.98
C CYS A 266 -49.29 10.02 -44.87
N LYS A 267 -48.22 9.54 -44.24
CA LYS A 267 -47.99 8.11 -44.03
C LYS A 267 -48.52 7.63 -42.69
N ASN A 268 -49.53 8.29 -42.14
CA ASN A 268 -50.25 7.84 -40.96
C ASN A 268 -51.72 7.59 -41.29
N SER A 269 -52.01 7.15 -42.52
CA SER A 269 -53.34 6.86 -43.00
C SER A 269 -54.26 8.09 -42.96
N ARG A 270 -53.71 9.28 -43.12
CA ARG A 270 -54.49 10.51 -43.27
C ARG A 270 -53.95 11.30 -44.46
N ARG A 271 -54.52 12.48 -44.69
CA ARG A 271 -54.17 13.33 -45.82
C ARG A 271 -53.90 14.75 -45.33
N GLN A 272 -52.97 15.42 -46.02
CA GLN A 272 -52.57 16.78 -45.66
C GLN A 272 -52.04 16.84 -44.23
N GLY A 273 -51.15 15.90 -43.91
CA GLY A 273 -50.63 15.73 -42.58
C GLY A 273 -49.12 15.56 -42.56
N CYS A 274 -48.66 14.46 -41.96
CA CYS A 274 -47.25 14.14 -41.82
C CYS A 274 -46.51 14.10 -43.16
N HIS A 275 -45.18 13.97 -43.10
CA HIS A 275 -44.31 13.87 -44.28
C HIS A 275 -44.48 15.10 -45.17
N GLN A 276 -44.16 16.26 -44.59
CA GLN A 276 -44.21 17.55 -45.28
C GLN A 276 -42.81 17.84 -45.81
N TYR A 277 -42.59 17.52 -47.09
CA TYR A 277 -41.32 17.72 -47.77
C TYR A 277 -41.45 18.85 -48.77
N VAL A 278 -40.39 19.64 -48.90
CA VAL A 278 -40.36 20.79 -49.81
C VAL A 278 -38.95 20.90 -50.39
N ILE A 279 -38.83 21.68 -51.46
CA ILE A 279 -37.59 21.76 -52.23
C ILE A 279 -36.57 22.62 -51.51
N HIS A 280 -35.31 22.23 -51.66
CA HIS A 280 -34.16 23.02 -51.23
C HIS A 280 -33.29 23.21 -52.46
N ASN A 281 -32.03 23.63 -52.26
CA ASN A 281 -31.11 23.91 -53.36
C ASN A 281 -31.03 22.74 -54.35
N ASN A 282 -30.96 21.51 -53.83
CA ASN A 282 -30.92 20.32 -54.67
C ASN A 282 -31.73 19.15 -54.15
N LYS A 283 -32.48 19.30 -53.05
CA LYS A 283 -33.00 18.16 -52.32
C LYS A 283 -34.37 18.46 -51.74
N CYS A 284 -35.28 17.49 -51.87
CA CYS A 284 -36.54 17.52 -51.14
C CYS A 284 -36.26 17.13 -49.69
N ILE A 285 -36.61 18.00 -48.76
CA ILE A 285 -36.34 17.79 -47.34
C ILE A 285 -37.50 18.36 -46.54
N PRO A 286 -37.79 17.87 -45.34
CA PRO A 286 -38.81 18.51 -44.50
C PRO A 286 -38.18 19.53 -43.55
N GLU A 287 -38.94 20.58 -43.26
CA GLU A 287 -38.59 21.58 -42.25
C GLU A 287 -37.26 22.26 -42.60
N CYS A 288 -37.31 23.08 -43.66
CA CYS A 288 -36.19 23.87 -44.17
C CYS A 288 -35.38 24.50 -43.03
N PRO A 289 -34.04 24.61 -43.14
CA PRO A 289 -33.26 25.15 -42.00
C PRO A 289 -33.60 26.59 -41.67
N SER A 290 -32.99 27.11 -40.60
CA SER A 290 -33.21 28.49 -40.21
C SER A 290 -32.69 29.44 -41.29
N GLY A 291 -33.35 30.58 -41.42
CA GLY A 291 -33.06 31.51 -42.49
C GLY A 291 -33.69 31.17 -43.82
N TYR A 292 -34.52 30.12 -43.89
CA TYR A 292 -35.24 29.75 -45.10
C TYR A 292 -36.63 29.29 -44.70
N THR A 293 -37.64 30.06 -45.12
CA THR A 293 -39.02 29.80 -44.73
C THR A 293 -39.74 29.06 -45.86
N MET A 294 -41.03 28.80 -45.65
CA MET A 294 -41.83 28.09 -46.63
C MET A 294 -42.26 29.05 -47.74
N ASN A 295 -42.77 28.49 -48.84
CA ASN A 295 -43.22 29.27 -49.99
C ASN A 295 -44.48 28.62 -50.53
N SER A 296 -45.64 29.17 -50.17
CA SER A 296 -46.91 28.63 -50.61
C SER A 296 -47.18 28.90 -52.10
N SER A 297 -46.41 29.79 -52.72
CA SER A 297 -46.59 30.08 -54.14
C SER A 297 -46.39 28.83 -54.97
N ASN A 298 -45.36 28.04 -54.63
CA ASN A 298 -45.11 26.76 -55.26
C ASN A 298 -44.73 25.68 -54.26
N LEU A 299 -44.98 25.91 -52.97
CA LEU A 299 -44.73 24.90 -51.95
C LEU A 299 -43.24 24.54 -51.90
N LEU A 300 -42.38 25.52 -51.59
CA LEU A 300 -40.94 25.35 -51.65
C LEU A 300 -40.32 25.90 -50.36
N CYS A 301 -38.98 25.90 -50.30
CA CYS A 301 -38.23 26.66 -49.33
C CYS A 301 -37.62 27.87 -50.02
N THR A 302 -37.83 29.06 -49.43
CA THR A 302 -37.34 30.31 -49.99
C THR A 302 -36.57 31.11 -48.94
N PRO A 303 -35.61 31.94 -49.34
CA PRO A 303 -34.78 32.63 -48.35
C PRO A 303 -35.50 33.83 -47.77
N CYS A 304 -35.85 33.72 -46.49
CA CYS A 304 -36.49 34.81 -45.78
C CYS A 304 -35.51 35.95 -45.54
N LEU A 305 -36.05 37.17 -45.50
CA LEU A 305 -35.27 38.34 -45.13
C LEU A 305 -35.20 38.43 -43.60
N GLY A 306 -33.98 38.48 -43.08
CA GLY A 306 -33.78 38.44 -41.65
C GLY A 306 -33.91 37.03 -41.13
N PRO A 307 -33.64 36.82 -39.85
CA PRO A 307 -33.78 35.47 -39.28
C PRO A 307 -35.24 35.01 -39.29
N CYS A 308 -35.44 33.75 -39.68
CA CYS A 308 -36.73 33.07 -39.58
C CYS A 308 -36.50 31.68 -39.00
N PRO A 309 -36.09 31.59 -37.74
CA PRO A 309 -35.82 30.27 -37.14
C PRO A 309 -37.10 29.48 -36.94
N LYS A 310 -36.92 28.17 -36.77
CA LYS A 310 -38.01 27.23 -36.57
C LYS A 310 -37.88 26.66 -35.16
N VAL A 311 -38.93 26.82 -34.35
CA VAL A 311 -38.97 26.35 -32.97
C VAL A 311 -39.65 24.99 -32.93
N CYS A 312 -39.11 24.08 -32.14
CA CYS A 312 -39.66 22.75 -31.97
C CYS A 312 -40.61 22.76 -30.78
N HIS A 313 -41.86 22.37 -31.01
CA HIS A 313 -42.89 22.41 -29.97
C HIS A 313 -42.63 21.38 -28.89
N LEU A 314 -42.18 21.84 -27.73
CA LEU A 314 -41.98 21.00 -26.55
C LEU A 314 -42.48 21.71 -25.30
N LEU A 315 -43.65 22.35 -25.39
CA LEU A 315 -44.19 23.10 -24.27
C LEU A 315 -44.47 22.20 -23.08
N GLU A 316 -45.20 21.10 -23.30
CA GLU A 316 -45.59 20.17 -22.25
C GLU A 316 -45.11 18.77 -22.62
N GLY A 317 -44.63 18.04 -21.61
CA GLY A 317 -44.12 16.69 -21.80
C GLY A 317 -42.61 16.67 -21.98
N GLU A 318 -41.90 16.09 -21.01
CA GLU A 318 -40.44 16.09 -21.05
C GLU A 318 -39.94 15.16 -22.14
N LYS A 319 -39.01 15.67 -22.96
CA LYS A 319 -38.38 14.89 -24.03
C LYS A 319 -36.88 15.18 -23.95
N THR A 320 -36.18 14.41 -23.12
CA THR A 320 -34.75 14.59 -22.93
C THR A 320 -33.97 13.95 -24.07
N ILE A 321 -32.92 14.63 -24.51
CA ILE A 321 -32.02 14.10 -25.54
C ILE A 321 -30.83 13.50 -24.80
N ASP A 322 -30.91 12.18 -24.54
CA ASP A 322 -29.86 11.42 -23.88
C ASP A 322 -29.26 10.36 -24.79
N SER A 323 -29.41 10.51 -26.11
CA SER A 323 -28.87 9.55 -27.06
C SER A 323 -28.68 10.24 -28.40
N VAL A 324 -27.84 9.62 -29.24
CA VAL A 324 -27.63 10.15 -30.59
C VAL A 324 -28.92 10.12 -31.37
N THR A 325 -29.70 9.05 -31.22
CA THR A 325 -31.01 8.99 -31.85
C THR A 325 -31.94 10.08 -31.34
N SER A 326 -31.93 10.33 -30.03
CA SER A 326 -32.71 11.44 -29.50
C SER A 326 -32.16 12.79 -29.93
N ALA A 327 -30.85 12.89 -30.13
CA ALA A 327 -30.29 14.12 -30.68
C ALA A 327 -30.82 14.37 -32.08
N GLN A 328 -30.92 13.33 -32.89
CA GLN A 328 -31.47 13.49 -34.23
C GLN A 328 -32.96 13.78 -34.23
N GLU A 329 -33.68 13.68 -33.11
CA GLU A 329 -35.09 14.04 -33.08
C GLU A 329 -35.30 15.54 -33.26
N LEU A 330 -34.29 16.36 -32.92
CA LEU A 330 -34.37 17.82 -33.04
C LEU A 330 -33.22 18.27 -33.93
N ARG A 331 -33.46 18.28 -35.24
CA ARG A 331 -32.49 18.76 -36.22
C ARG A 331 -32.85 20.17 -36.65
N GLY A 332 -31.93 21.11 -36.44
CA GLY A 332 -32.12 22.46 -36.92
C GLY A 332 -33.10 23.29 -36.14
N CYS A 333 -33.61 22.80 -35.01
CA CYS A 333 -34.47 23.62 -34.19
C CYS A 333 -33.67 24.77 -33.60
N THR A 334 -34.40 25.77 -33.11
CA THR A 334 -33.79 26.99 -32.56
C THR A 334 -34.17 27.27 -31.11
N VAL A 335 -35.31 26.78 -30.63
CA VAL A 335 -35.71 26.97 -29.24
C VAL A 335 -36.32 25.69 -28.72
N ILE A 336 -35.92 25.31 -27.50
CA ILE A 336 -36.48 24.17 -26.78
C ILE A 336 -37.51 24.73 -25.81
N ASN A 337 -38.79 24.63 -26.16
CA ASN A 337 -39.84 25.13 -25.28
C ASN A 337 -39.92 24.37 -23.96
N GLY A 338 -39.41 23.14 -23.91
CA GLY A 338 -39.34 22.36 -22.70
C GLY A 338 -37.99 22.45 -22.02
N SER A 339 -37.79 21.56 -21.06
CA SER A 339 -36.55 21.47 -20.29
C SER A 339 -35.65 20.40 -20.87
N LEU A 340 -34.35 20.68 -20.89
CA LEU A 340 -33.35 19.82 -21.50
C LEU A 340 -32.53 19.11 -20.43
N ILE A 341 -32.40 17.79 -20.58
CA ILE A 341 -31.66 16.94 -19.66
C ILE A 341 -30.65 16.14 -20.46
N ILE A 342 -29.43 16.03 -19.93
CA ILE A 342 -28.32 15.32 -20.57
C ILE A 342 -27.81 14.27 -19.58
N ASN A 343 -27.96 13.00 -19.96
CA ASN A 343 -27.49 11.86 -19.17
C ASN A 343 -26.63 10.91 -19.99
N ILE A 344 -26.10 11.37 -21.14
CA ILE A 344 -25.27 10.51 -21.96
C ILE A 344 -24.00 10.17 -21.22
N ARG A 345 -23.54 8.93 -21.41
CA ARG A 345 -22.35 8.44 -20.70
C ARG A 345 -21.60 7.48 -21.61
N GLY A 346 -20.29 7.41 -21.43
CA GLY A 346 -19.46 6.52 -22.20
C GLY A 346 -19.30 6.98 -23.64
N GLY A 347 -18.80 6.07 -24.47
CA GLY A 347 -18.63 6.32 -25.88
C GLY A 347 -17.26 6.85 -26.23
N ASN A 348 -17.17 7.57 -27.35
CA ASN A 348 -15.91 8.12 -27.86
C ASN A 348 -16.12 9.58 -28.26
N ASN A 349 -16.69 10.37 -27.35
CA ASN A 349 -16.97 11.78 -27.60
C ASN A 349 -17.95 11.93 -28.78
N LEU A 350 -19.17 11.45 -28.52
CA LEU A 350 -20.25 11.57 -29.49
C LEU A 350 -20.76 13.00 -29.67
N ALA A 351 -20.23 13.97 -28.90
CA ALA A 351 -20.66 15.35 -29.02
C ALA A 351 -20.46 15.93 -30.41
N ALA A 352 -19.57 15.33 -31.21
CA ALA A 352 -19.45 15.74 -32.60
C ALA A 352 -20.81 15.67 -33.31
N GLU A 353 -21.53 14.56 -33.11
CA GLU A 353 -22.86 14.46 -33.68
C GLU A 353 -23.80 15.53 -33.11
N LEU A 354 -23.63 15.90 -31.83
CA LEU A 354 -24.41 17.01 -31.30
C LEU A 354 -24.09 18.28 -32.06
N GLU A 355 -22.82 18.50 -32.40
CA GLU A 355 -22.47 19.65 -33.24
C GLU A 355 -23.17 19.57 -34.58
N ALA A 356 -23.44 18.36 -35.07
CA ALA A 356 -24.19 18.19 -36.31
C ALA A 356 -25.69 18.36 -36.11
N ASN A 357 -26.19 18.24 -34.89
CA ASN A 357 -27.62 18.37 -34.60
C ASN A 357 -27.92 19.52 -33.66
N LEU A 358 -27.25 19.59 -32.52
CA LEU A 358 -27.41 20.63 -31.52
C LEU A 358 -26.29 21.67 -31.70
N GLY A 359 -26.19 22.58 -30.73
CA GLY A 359 -25.29 23.70 -30.88
C GLY A 359 -25.81 24.78 -31.80
N LEU A 360 -27.10 24.77 -32.10
CA LEU A 360 -27.77 25.77 -32.91
C LEU A 360 -28.92 26.42 -32.16
N ILE A 361 -29.61 25.69 -31.29
CA ILE A 361 -30.62 26.29 -30.44
C ILE A 361 -29.94 27.27 -29.47
N GLU A 362 -30.66 28.34 -29.13
CA GLU A 362 -30.11 29.41 -28.31
C GLU A 362 -30.96 29.80 -27.11
N GLU A 363 -32.22 29.33 -27.01
CA GLU A 363 -33.08 29.62 -25.87
C GLU A 363 -33.50 28.30 -25.25
N ILE A 364 -33.07 28.06 -24.01
CA ILE A 364 -33.37 26.85 -23.27
C ILE A 364 -34.44 27.21 -22.24
N SER A 365 -35.69 26.89 -22.56
CA SER A 365 -36.78 27.18 -21.64
C SER A 365 -36.73 26.25 -20.43
N GLY A 366 -37.20 26.74 -19.29
CA GLY A 366 -37.29 25.93 -18.10
C GLY A 366 -35.98 25.80 -17.36
N TYR A 367 -35.40 24.60 -17.38
CA TYR A 367 -34.18 24.31 -16.64
C TYR A 367 -33.32 23.31 -17.39
N LEU A 368 -32.02 23.56 -17.42
CA LEU A 368 -31.04 22.60 -17.91
C LEU A 368 -30.67 21.64 -16.79
N LYS A 369 -30.34 20.41 -17.17
CA LYS A 369 -29.96 19.40 -16.18
C LYS A 369 -28.92 18.47 -16.79
N ILE A 370 -27.64 18.74 -16.51
CA ILE A 370 -26.53 17.93 -16.99
C ILE A 370 -26.12 17.01 -15.85
N ARG A 371 -26.64 15.78 -15.86
CA ARG A 371 -26.56 14.88 -14.71
C ARG A 371 -25.94 13.55 -15.12
N ARG A 372 -25.01 13.08 -14.30
CA ARG A 372 -24.46 11.72 -14.41
C ARG A 372 -23.84 11.48 -15.78
N SER A 373 -22.79 12.22 -16.07
CA SER A 373 -21.98 12.03 -17.28
C SER A 373 -20.63 11.45 -16.86
N TYR A 374 -20.50 10.13 -17.02
CA TYR A 374 -19.25 9.47 -16.66
C TYR A 374 -18.11 9.82 -17.61
N ALA A 375 -18.42 10.27 -18.83
CA ALA A 375 -17.39 10.62 -19.80
C ALA A 375 -17.94 11.69 -20.72
N LEU A 376 -17.54 12.94 -20.49
CA LEU A 376 -17.99 14.05 -21.32
C LEU A 376 -17.04 15.23 -21.13
N VAL A 377 -16.31 15.60 -22.17
CA VAL A 377 -15.27 16.62 -22.11
C VAL A 377 -15.44 17.59 -23.26
N SER A 378 -14.94 18.81 -23.06
CA SER A 378 -14.90 19.83 -24.11
C SER A 378 -16.30 20.16 -24.62
N LEU A 379 -17.12 20.71 -23.72
CA LEU A 379 -18.46 21.13 -24.08
C LEU A 379 -18.38 22.23 -25.12
N SER A 380 -18.81 21.91 -26.36
CA SER A 380 -18.80 22.88 -27.45
C SER A 380 -20.10 22.84 -28.26
N PHE A 381 -21.15 22.20 -27.76
CA PHE A 381 -22.44 22.13 -28.45
C PHE A 381 -23.50 22.99 -27.76
N PHE A 382 -23.07 24.02 -27.04
CA PHE A 382 -23.96 25.09 -26.60
C PHE A 382 -23.28 26.45 -26.75
N ARG A 383 -22.43 26.59 -27.77
CA ARG A 383 -21.74 27.85 -28.01
C ARG A 383 -22.75 28.95 -28.31
N LYS A 384 -23.77 28.64 -29.10
CA LYS A 384 -24.79 29.62 -29.44
C LYS A 384 -25.77 29.88 -28.32
N LEU A 385 -25.71 29.12 -27.22
CA LEU A 385 -26.63 29.33 -26.11
C LEU A 385 -26.29 30.64 -25.41
N ARG A 386 -27.17 31.64 -25.58
CA ARG A 386 -27.01 32.92 -24.89
C ARG A 386 -28.35 33.49 -24.46
N LEU A 387 -29.35 32.63 -24.24
CA LEU A 387 -30.68 33.10 -23.89
C LEU A 387 -31.42 32.00 -23.13
N ILE A 388 -32.34 32.42 -22.26
CA ILE A 388 -33.20 31.51 -21.52
C ILE A 388 -34.43 32.28 -21.10
N ARG A 389 -35.61 31.68 -21.30
CA ARG A 389 -36.86 32.27 -20.84
C ARG A 389 -37.24 31.81 -19.44
N GLY A 390 -36.88 30.58 -19.06
CA GLY A 390 -37.23 30.07 -17.75
C GLY A 390 -38.72 30.00 -17.52
N GLU A 391 -39.45 29.39 -18.45
CA GLU A 391 -40.90 29.29 -18.35
C GLU A 391 -41.36 28.46 -17.17
N THR A 392 -40.67 27.35 -16.86
CA THR A 392 -41.04 26.51 -15.73
C THR A 392 -39.78 25.81 -15.23
N LEU A 393 -39.30 26.22 -14.07
CA LEU A 393 -38.06 25.72 -13.49
C LEU A 393 -38.36 24.56 -12.55
N GLU A 394 -37.30 23.87 -12.14
CA GLU A 394 -37.41 22.73 -11.24
C GLU A 394 -37.53 23.21 -9.80
N ILE A 395 -37.56 22.28 -8.86
CA ILE A 395 -37.66 22.61 -7.44
C ILE A 395 -36.32 23.18 -6.97
N GLY A 396 -36.40 24.10 -6.02
CA GLY A 396 -35.22 24.75 -5.48
C GLY A 396 -34.73 25.96 -6.26
N ASN A 397 -35.37 26.29 -7.38
CA ASN A 397 -34.97 27.43 -8.21
C ASN A 397 -33.52 27.27 -8.68
N TYR A 398 -33.22 26.11 -9.25
CA TYR A 398 -31.89 25.78 -9.76
C TYR A 398 -32.06 25.34 -11.21
N SER A 399 -31.91 26.28 -12.14
CA SER A 399 -32.10 26.02 -13.56
C SER A 399 -30.81 25.57 -14.25
N PHE A 400 -29.69 25.46 -13.52
CA PHE A 400 -28.45 24.92 -14.05
C PHE A 400 -28.00 23.83 -13.07
N TYR A 401 -28.50 22.62 -13.31
CA TYR A 401 -28.27 21.48 -12.41
C TYR A 401 -27.15 20.62 -13.02
N ALA A 402 -25.92 21.00 -12.69
CA ALA A 402 -24.73 20.27 -13.13
C ALA A 402 -24.28 19.32 -12.04
N LEU A 403 -24.07 18.06 -12.41
CA LEU A 403 -23.69 17.07 -11.41
C LEU A 403 -23.03 15.85 -12.06
N ASP A 404 -21.94 15.38 -11.46
CA ASP A 404 -21.25 14.16 -11.90
C ASP A 404 -20.79 14.29 -13.36
N ASN A 405 -19.86 15.21 -13.54
CA ASN A 405 -19.30 15.58 -14.84
C ASN A 405 -17.78 15.42 -14.79
N GLN A 406 -17.36 14.22 -14.38
CA GLN A 406 -16.02 13.91 -13.88
C GLN A 406 -14.88 14.60 -14.65
N ASN A 407 -14.79 14.33 -15.95
CA ASN A 407 -13.71 14.86 -16.78
C ASN A 407 -14.14 16.07 -17.61
N LEU A 408 -15.19 16.77 -17.18
CA LEU A 408 -15.68 17.95 -17.89
C LEU A 408 -14.92 19.17 -17.39
N ARG A 409 -13.67 19.26 -17.82
CA ARG A 409 -12.73 20.27 -17.34
C ARG A 409 -12.77 21.56 -18.17
N GLN A 410 -13.77 21.73 -19.03
CA GLN A 410 -13.90 22.95 -19.83
C GLN A 410 -15.38 23.24 -20.01
N LEU A 411 -15.69 24.55 -20.14
CA LEU A 411 -17.03 24.99 -20.51
C LEU A 411 -17.06 25.68 -21.86
N TRP A 412 -16.29 26.75 -22.03
CA TRP A 412 -16.15 27.43 -23.32
C TRP A 412 -14.73 28.00 -23.38
N ASP A 413 -14.41 28.72 -24.46
CA ASP A 413 -13.18 29.47 -24.57
C ASP A 413 -13.35 30.96 -24.26
N TRP A 414 -14.56 31.39 -23.89
CA TRP A 414 -14.84 32.80 -23.57
C TRP A 414 -14.49 33.73 -24.73
N SER A 415 -15.03 33.39 -25.90
CA SER A 415 -15.04 34.27 -27.06
C SER A 415 -16.47 34.75 -27.23
N LYS A 416 -16.84 35.80 -26.49
CA LYS A 416 -18.18 36.36 -26.41
C LYS A 416 -19.21 35.39 -25.85
N HIS A 417 -18.77 34.29 -25.23
CA HIS A 417 -19.73 33.38 -24.61
C HIS A 417 -20.39 34.04 -23.42
N ASN A 418 -21.69 33.79 -23.27
CA ASN A 418 -22.48 34.45 -22.23
C ASN A 418 -23.85 33.79 -22.18
N LEU A 419 -24.59 34.11 -21.12
CA LEU A 419 -25.95 33.63 -20.95
C LEU A 419 -26.66 34.51 -19.94
N THR A 420 -27.89 34.90 -20.25
CA THR A 420 -28.69 35.78 -19.43
C THR A 420 -29.72 34.96 -18.67
N ILE A 421 -29.69 35.02 -17.34
CA ILE A 421 -30.59 34.25 -16.50
C ILE A 421 -31.77 35.15 -16.13
N THR A 422 -32.92 34.90 -16.75
CA THR A 422 -34.14 35.61 -16.38
C THR A 422 -34.52 35.29 -14.93
N GLN A 423 -34.52 34.02 -14.58
CA GLN A 423 -34.87 33.57 -13.24
C GLN A 423 -34.13 32.28 -12.94
N GLY A 424 -33.82 32.06 -11.66
CA GLY A 424 -33.20 30.82 -11.21
C GLY A 424 -31.83 31.05 -10.61
N LYS A 425 -31.25 29.98 -10.06
CA LYS A 425 -29.92 30.00 -9.43
C LYS A 425 -29.09 28.85 -10.00
N LEU A 426 -27.84 28.79 -9.56
CA LEU A 426 -26.84 27.85 -10.08
C LEU A 426 -26.55 26.78 -9.04
N PHE A 427 -26.61 25.52 -9.46
CA PHE A 427 -26.28 24.37 -8.61
C PHE A 427 -24.98 23.74 -9.11
N PHE A 428 -24.07 23.47 -8.18
CA PHE A 428 -22.79 22.86 -8.53
C PHE A 428 -22.32 21.98 -7.38
N HIS A 429 -22.14 20.70 -7.66
CA HIS A 429 -21.63 19.76 -6.68
C HIS A 429 -20.89 18.63 -7.40
N TYR A 430 -19.77 18.21 -6.82
CA TYR A 430 -18.98 17.10 -7.34
C TYR A 430 -18.55 17.37 -8.79
N ASN A 431 -17.72 18.40 -8.93
CA ASN A 431 -17.15 18.81 -10.22
C ASN A 431 -15.64 18.90 -10.02
N PRO A 432 -14.94 17.76 -10.03
CA PRO A 432 -13.51 17.77 -9.65
C PRO A 432 -12.63 18.65 -10.53
N LYS A 433 -12.91 18.74 -11.82
CA LYS A 433 -12.08 19.49 -12.76
C LYS A 433 -12.73 20.77 -13.26
N LEU A 434 -13.83 21.21 -12.65
CA LEU A 434 -14.48 22.46 -13.02
C LEU A 434 -13.91 23.60 -12.20
N CYS A 435 -13.46 24.66 -12.89
CA CYS A 435 -12.67 25.72 -12.28
C CYS A 435 -13.54 26.66 -11.44
N LEU A 436 -12.85 27.47 -10.62
CA LEU A 436 -13.53 28.41 -9.73
C LEU A 436 -13.64 29.80 -10.38
N SER A 437 -12.52 30.34 -10.85
CA SER A 437 -12.49 31.68 -11.42
C SER A 437 -13.28 31.81 -12.70
N GLU A 438 -13.55 30.70 -13.39
CA GLU A 438 -14.40 30.71 -14.57
C GLU A 438 -15.87 30.53 -14.23
N ILE A 439 -16.17 29.72 -13.21
CA ILE A 439 -17.53 29.67 -12.70
C ILE A 439 -17.95 31.03 -12.18
N HIS A 440 -17.04 31.77 -11.55
CA HIS A 440 -17.38 33.10 -11.08
C HIS A 440 -17.63 34.06 -12.23
N LYS A 441 -16.85 33.97 -13.30
CA LYS A 441 -17.10 34.78 -14.48
C LYS A 441 -18.46 34.45 -15.08
N MET A 442 -18.80 33.17 -15.15
CA MET A 442 -20.11 32.76 -15.62
C MET A 442 -21.21 33.31 -14.73
N GLU A 443 -20.97 33.35 -13.41
CA GLU A 443 -21.94 33.95 -12.50
C GLU A 443 -22.11 35.43 -12.79
N GLU A 444 -21.01 36.13 -13.08
CA GLU A 444 -21.07 37.57 -13.29
C GLU A 444 -21.86 37.92 -14.55
N VAL A 445 -21.75 37.11 -15.60
CA VAL A 445 -22.38 37.41 -16.89
C VAL A 445 -23.79 36.82 -16.99
N SER A 446 -24.39 36.38 -15.88
CA SER A 446 -25.74 35.84 -15.87
C SER A 446 -26.58 36.38 -14.71
N GLY A 447 -26.13 37.46 -14.08
CA GLY A 447 -26.91 38.09 -13.02
C GLY A 447 -27.09 37.24 -11.79
N THR A 448 -26.21 36.26 -11.55
CA THR A 448 -26.33 35.36 -10.40
C THR A 448 -25.52 35.82 -9.19
N LYS A 449 -24.70 36.84 -9.33
CA LYS A 449 -23.91 37.32 -8.20
C LYS A 449 -24.83 37.85 -7.10
N GLY A 450 -24.54 37.46 -5.88
CA GLY A 450 -25.36 37.85 -4.74
C GLY A 450 -26.51 36.91 -4.46
N ARG A 451 -27.32 36.63 -5.48
CA ARG A 451 -28.47 35.74 -5.30
C ARG A 451 -28.08 34.27 -5.27
N GLN A 452 -26.81 33.93 -5.50
CA GLN A 452 -26.36 32.56 -5.30
C GLN A 452 -26.52 32.18 -3.84
N GLU A 453 -27.06 30.99 -3.59
CA GLU A 453 -27.32 30.54 -2.24
C GLU A 453 -26.03 30.08 -1.56
N ARG A 454 -25.87 30.48 -0.30
CA ARG A 454 -24.78 30.01 0.55
C ARG A 454 -25.31 29.23 1.75
N ASN A 455 -26.40 28.49 1.55
CA ASN A 455 -26.99 27.63 2.56
C ASN A 455 -27.24 26.21 2.06
N ASP A 456 -27.41 26.02 0.76
CA ASP A 456 -27.59 24.71 0.15
C ASP A 456 -26.45 24.32 -0.77
N ILE A 457 -25.83 25.29 -1.44
CA ILE A 457 -24.84 25.04 -2.49
C ILE A 457 -23.51 25.65 -2.07
N ALA A 458 -22.44 24.86 -2.23
CA ALA A 458 -21.08 25.29 -1.92
C ALA A 458 -20.25 25.14 -3.19
N LEU A 459 -18.96 25.50 -3.08
CA LEU A 459 -18.04 25.45 -4.20
C LEU A 459 -16.85 24.55 -3.89
N LYS A 460 -16.44 24.49 -2.63
CA LYS A 460 -15.25 23.72 -2.26
C LYS A 460 -15.44 22.22 -2.49
N THR A 461 -16.67 21.73 -2.57
CA THR A 461 -16.89 20.34 -2.95
C THR A 461 -16.35 20.05 -4.34
N ASN A 462 -16.27 21.05 -5.21
CA ASN A 462 -15.75 20.94 -6.56
C ASN A 462 -14.28 21.32 -6.59
N GLY A 463 -13.68 21.19 -7.77
CA GLY A 463 -12.28 21.52 -7.92
C GLY A 463 -11.34 20.66 -7.10
N ASP A 464 -11.76 19.45 -6.75
CA ASP A 464 -11.00 18.62 -5.85
C ASP A 464 -9.73 18.04 -6.47
N GLN A 465 -9.55 18.17 -7.79
CA GLN A 465 -8.32 17.72 -8.43
C GLN A 465 -7.76 18.69 -9.46
N ALA A 466 -8.52 19.68 -9.91
CA ALA A 466 -8.03 20.64 -10.88
C ALA A 466 -8.90 21.88 -10.82
N SER A 467 -8.36 23.00 -11.27
CA SER A 467 -9.06 24.28 -11.27
C SER A 467 -8.23 25.26 -12.09
N CYS A 468 -8.66 26.51 -12.11
CA CYS A 468 -7.95 27.58 -12.80
C CYS A 468 -7.96 28.83 -11.92
N GLU A 469 -7.00 29.70 -12.15
CA GLU A 469 -6.89 30.97 -11.43
C GLU A 469 -6.38 32.02 -12.40
N ASN A 470 -7.17 33.08 -12.60
CA ASN A 470 -6.70 34.20 -13.40
C ASN A 470 -5.44 34.80 -12.80
N GLU A 471 -5.34 34.81 -11.47
CA GLU A 471 -4.08 35.11 -10.83
C GLU A 471 -3.06 34.04 -11.19
N LEU A 472 -1.86 34.46 -11.57
CA LEU A 472 -0.85 33.55 -12.08
C LEU A 472 0.52 33.96 -11.57
N LEU A 473 1.42 32.97 -11.51
CA LEU A 473 2.80 33.17 -11.09
C LEU A 473 3.73 32.70 -12.20
N LYS A 474 4.95 33.21 -12.17
CA LYS A 474 5.96 32.92 -13.18
C LYS A 474 7.25 32.48 -12.50
N PHE A 475 8.06 31.73 -13.25
CA PHE A 475 9.32 31.17 -12.76
C PHE A 475 10.43 32.17 -13.06
N SER A 476 10.89 32.87 -12.03
CA SER A 476 11.85 33.96 -12.17
C SER A 476 13.30 33.52 -12.02
N TYR A 477 13.56 32.32 -11.51
CA TYR A 477 14.92 31.82 -11.44
C TYR A 477 14.91 30.31 -11.26
N ILE A 478 15.87 29.65 -11.90
CA ILE A 478 16.00 28.20 -11.82
C ILE A 478 17.49 27.85 -11.82
N ARG A 479 17.87 26.92 -10.95
CA ARG A 479 19.21 26.34 -10.95
C ARG A 479 19.08 24.84 -10.84
N THR A 480 19.78 24.13 -11.73
CA THR A 480 19.58 22.70 -11.94
C THR A 480 20.74 21.88 -11.39
N SER A 481 20.40 20.78 -10.72
CA SER A 481 21.35 19.76 -10.32
C SER A 481 20.80 18.45 -10.88
N PHE A 482 21.39 17.32 -10.46
CA PHE A 482 20.96 16.03 -10.96
C PHE A 482 19.82 15.42 -10.15
N ASP A 483 19.74 15.71 -8.85
CA ASP A 483 18.72 15.17 -7.98
C ASP A 483 17.83 16.22 -7.33
N LYS A 484 18.22 17.49 -7.39
CA LYS A 484 17.40 18.57 -6.84
C LYS A 484 17.60 19.81 -7.69
N ILE A 485 16.66 20.74 -7.57
CA ILE A 485 16.70 21.99 -8.33
C ILE A 485 16.18 23.11 -7.43
N LEU A 486 16.87 24.23 -7.46
CA LEU A 486 16.45 25.42 -6.73
C LEU A 486 15.61 26.28 -7.67
N LEU A 487 14.29 26.28 -7.45
CA LEU A 487 13.36 27.06 -8.24
C LEU A 487 12.89 28.26 -7.43
N ARG A 488 12.63 29.37 -8.11
CA ARG A 488 12.16 30.57 -7.44
C ARG A 488 11.19 31.28 -8.38
N TRP A 489 9.97 31.52 -7.90
CA TRP A 489 8.89 32.09 -8.69
C TRP A 489 8.55 33.48 -8.16
N GLU A 490 7.54 34.10 -8.78
CA GLU A 490 7.24 35.49 -8.49
C GLU A 490 6.76 35.67 -7.05
N PRO A 491 6.93 36.86 -6.46
CA PRO A 491 6.53 37.06 -5.07
C PRO A 491 5.07 37.51 -4.93
N TYR A 492 4.27 37.37 -5.99
CA TYR A 492 2.93 37.94 -5.98
C TYR A 492 2.07 37.26 -4.92
N TRP A 493 1.21 38.06 -4.30
CA TRP A 493 0.24 37.64 -3.30
C TRP A 493 -1.12 38.23 -3.67
N PRO A 494 -2.22 37.71 -3.12
CA PRO A 494 -3.53 38.30 -3.42
C PRO A 494 -3.62 39.74 -2.95
N PRO A 495 -4.71 40.45 -3.29
CA PRO A 495 -4.81 41.86 -2.91
C PRO A 495 -4.67 42.11 -1.41
N ASP A 496 -5.20 41.20 -0.60
CA ASP A 496 -4.98 41.24 0.85
C ASP A 496 -3.65 40.54 1.12
N PHE A 497 -2.57 41.33 1.12
CA PHE A 497 -1.24 40.76 1.24
C PHE A 497 -1.04 40.06 2.57
N ARG A 498 -1.64 40.56 3.65
CA ARG A 498 -1.50 39.94 4.96
C ARG A 498 -2.41 38.73 5.15
N ASP A 499 -3.32 38.47 4.20
CA ASP A 499 -4.03 37.20 4.17
C ASP A 499 -3.18 36.06 3.63
N LEU A 500 -1.95 36.36 3.18
CA LEU A 500 -1.02 35.31 2.75
C LEU A 500 -0.81 34.29 3.85
N LEU A 501 -0.92 33.01 3.48
CA LEU A 501 -0.67 31.89 4.38
C LEU A 501 0.51 31.03 3.94
N GLY A 502 0.73 30.87 2.65
CA GLY A 502 1.85 30.12 2.14
C GLY A 502 1.51 29.44 0.83
N PHE A 503 2.55 29.05 0.12
CA PHE A 503 2.41 28.37 -1.16
C PHE A 503 2.36 26.86 -0.94
N MET A 504 1.88 26.15 -1.97
CA MET A 504 1.74 24.70 -1.92
C MET A 504 2.16 24.13 -3.27
N LEU A 505 3.34 23.51 -3.31
CA LEU A 505 3.80 22.85 -4.52
C LEU A 505 3.26 21.43 -4.59
N PHE A 506 2.79 21.05 -5.77
CA PHE A 506 2.20 19.74 -6.06
C PHE A 506 3.02 19.14 -7.19
N TYR A 507 3.71 18.02 -6.93
CA TYR A 507 4.49 17.36 -7.96
C TYR A 507 4.15 15.88 -8.04
N LYS A 508 4.30 15.35 -9.24
CA LYS A 508 3.96 13.98 -9.60
C LYS A 508 4.73 13.61 -10.86
N GLU A 509 4.71 12.33 -11.21
CA GLU A 509 5.33 11.84 -12.44
C GLU A 509 4.26 11.64 -13.51
N ALA A 510 3.86 12.76 -14.12
CA ALA A 510 2.95 12.70 -15.25
C ALA A 510 3.65 11.97 -16.40
N PRO A 511 2.93 11.12 -17.15
CA PRO A 511 3.63 10.27 -18.13
C PRO A 511 4.20 11.04 -19.32
N TYR A 512 3.51 12.08 -19.78
CA TYR A 512 3.93 12.80 -20.97
C TYR A 512 3.38 14.22 -20.89
N GLN A 513 3.93 15.09 -21.73
CA GLN A 513 3.52 16.49 -21.74
C GLN A 513 2.08 16.63 -22.22
N ASN A 514 1.59 17.87 -22.18
CA ASN A 514 0.23 18.20 -22.62
C ASN A 514 -0.82 17.39 -21.86
N VAL A 515 -0.70 17.41 -20.53
CA VAL A 515 -1.65 16.73 -19.65
C VAL A 515 -1.98 17.68 -18.50
N THR A 516 -3.28 17.77 -18.18
CA THR A 516 -3.77 18.76 -17.24
C THR A 516 -3.55 18.31 -15.80
N GLU A 517 -3.93 19.19 -14.86
CA GLU A 517 -3.79 18.88 -13.45
C GLU A 517 -4.65 17.68 -13.08
N PHE A 518 -4.06 16.74 -12.35
CA PHE A 518 -4.75 15.54 -11.90
C PHE A 518 -4.63 15.35 -10.39
N ASP A 519 -3.62 15.95 -9.78
CA ASP A 519 -3.40 15.77 -8.35
C ASP A 519 -4.59 16.26 -7.55
N GLY A 520 -4.98 15.47 -6.55
CA GLY A 520 -6.16 15.71 -5.72
C GLY A 520 -7.13 14.54 -5.72
N GLN A 521 -7.26 13.84 -6.85
CA GLN A 521 -8.06 12.64 -6.95
C GLN A 521 -7.24 11.36 -6.85
N ASP A 522 -5.97 11.39 -7.26
CA ASP A 522 -5.11 10.21 -7.23
C ASP A 522 -4.33 10.15 -5.93
N ALA A 523 -4.35 8.97 -5.29
CA ALA A 523 -3.63 8.75 -4.04
C ALA A 523 -2.71 7.52 -4.11
N CYS A 524 -2.44 7.01 -5.31
CA CYS A 524 -1.53 5.88 -5.51
C CYS A 524 -0.74 6.16 -6.78
N GLY A 525 -0.07 5.14 -7.31
CA GLY A 525 0.66 5.29 -8.55
C GLY A 525 -0.24 5.71 -9.71
N SER A 526 0.37 5.89 -10.88
CA SER A 526 -0.33 6.44 -12.04
C SER A 526 -0.86 7.83 -11.72
N ASN A 527 0.08 8.78 -11.71
CA ASN A 527 0.01 10.08 -11.03
C ASN A 527 0.15 9.94 -9.52
N SER A 528 1.24 9.30 -9.09
CA SER A 528 1.67 9.36 -7.70
C SER A 528 1.82 10.81 -7.27
N TRP A 529 1.03 11.22 -6.29
CA TRP A 529 0.88 12.62 -5.90
C TRP A 529 1.71 12.90 -4.66
N THR A 530 2.51 13.98 -4.70
CA THR A 530 3.21 14.51 -3.54
C THR A 530 2.97 16.00 -3.45
N VAL A 531 2.86 16.49 -2.21
CA VAL A 531 2.53 17.89 -1.94
C VAL A 531 3.41 18.39 -0.80
N VAL A 532 3.94 19.60 -0.94
CA VAL A 532 4.76 20.23 0.10
C VAL A 532 4.42 21.71 0.17
N ASP A 533 4.25 22.21 1.39
CA ASP A 533 4.01 23.62 1.61
C ASP A 533 5.33 24.39 1.56
N ILE A 534 5.21 25.70 1.36
CA ILE A 534 6.36 26.56 1.09
C ILE A 534 6.10 27.92 1.73
N ASP A 535 7.14 28.45 2.39
CA ASP A 535 7.05 29.74 3.08
C ASP A 535 8.46 30.32 3.18
N PRO A 536 8.97 30.94 2.11
CA PRO A 536 10.35 31.45 2.14
C PRO A 536 10.48 32.64 3.08
N PRO A 537 11.70 33.15 3.26
CA PRO A 537 11.88 34.26 4.23
C PRO A 537 11.05 35.49 3.93
N LEU A 538 10.86 35.83 2.66
CA LEU A 538 10.14 37.04 2.31
C LEU A 538 8.63 36.82 2.40
N ARG A 539 7.97 37.62 3.21
CA ARG A 539 6.52 37.71 3.29
C ARG A 539 5.99 39.02 2.74
N SER A 540 6.82 40.07 2.76
CA SER A 540 6.55 41.34 2.10
C SER A 540 7.70 41.68 1.18
N ASN A 541 7.43 42.49 0.16
CA ASN A 541 8.40 42.81 -0.88
C ASN A 541 9.27 44.02 -0.53
N ASP A 542 9.07 44.66 0.62
CA ASP A 542 9.85 45.84 0.96
C ASP A 542 11.33 45.55 1.08
N PRO A 543 11.79 44.53 1.84
CA PRO A 543 13.23 44.30 1.93
C PRO A 543 13.80 43.57 0.71
N LYS A 544 14.52 44.31 -0.14
CA LYS A 544 15.17 43.70 -1.29
C LYS A 544 16.39 42.89 -0.84
N SER A 545 16.74 41.90 -1.65
CA SER A 545 17.88 41.02 -1.36
C SER A 545 18.22 40.26 -2.63
N GLN A 546 19.13 39.29 -2.52
CA GLN A 546 19.52 38.42 -3.61
C GLN A 546 18.86 37.04 -3.51
N ASN A 547 17.70 36.96 -2.84
CA ASN A 547 16.99 35.70 -2.67
C ASN A 547 15.51 36.02 -2.60
N HIS A 548 14.82 35.92 -3.75
CA HIS A 548 13.38 36.18 -3.82
C HIS A 548 12.66 34.86 -3.54
N PRO A 549 11.33 34.86 -3.38
CA PRO A 549 10.64 33.64 -2.91
C PRO A 549 10.87 32.44 -3.81
N GLY A 550 11.04 31.28 -3.17
CA GLY A 550 11.32 30.07 -3.91
C GLY A 550 11.46 28.88 -2.98
N TRP A 551 11.74 27.73 -3.59
CA TRP A 551 11.81 26.46 -2.89
C TRP A 551 12.72 25.54 -3.70
N LEU A 552 13.22 24.49 -3.04
CA LEU A 552 14.00 23.46 -3.69
C LEU A 552 13.35 22.11 -3.44
N MET A 553 13.33 21.28 -4.47
CA MET A 553 12.76 19.94 -4.36
C MET A 553 13.58 19.13 -3.37
N ARG A 554 12.88 18.39 -2.50
CA ARG A 554 13.54 17.57 -1.50
C ARG A 554 14.25 16.36 -2.10
N GLY A 555 14.04 16.07 -3.38
CA GLY A 555 14.68 14.94 -4.04
C GLY A 555 13.77 14.32 -5.08
N LEU A 556 14.30 14.10 -6.29
CA LEU A 556 13.53 13.57 -7.40
C LEU A 556 14.41 12.61 -8.18
N LYS A 557 13.81 11.95 -9.17
CA LYS A 557 14.54 11.00 -10.00
C LYS A 557 15.33 11.74 -11.08
N PRO A 558 16.55 11.30 -11.44
CA PRO A 558 17.32 12.03 -12.46
C PRO A 558 16.65 11.93 -13.83
N TRP A 559 16.44 13.10 -14.46
CA TRP A 559 15.86 13.20 -15.79
C TRP A 559 14.48 12.55 -15.85
N THR A 560 13.58 13.12 -15.04
CA THR A 560 12.17 12.74 -15.01
C THR A 560 11.32 13.97 -15.22
N GLN A 561 10.31 13.84 -16.09
CA GLN A 561 9.46 14.96 -16.47
C GLN A 561 8.39 15.18 -15.40
N TYR A 562 8.84 15.62 -14.23
CA TYR A 562 7.92 15.97 -13.16
C TYR A 562 7.13 17.21 -13.53
N ALA A 563 5.84 17.18 -13.22
CA ALA A 563 4.93 18.28 -13.50
C ALA A 563 4.81 19.15 -12.25
N ILE A 564 5.03 20.44 -12.41
CA ILE A 564 5.00 21.41 -11.32
C ILE A 564 3.89 22.40 -11.59
N PHE A 565 3.01 22.56 -10.61
CA PHE A 565 2.05 23.65 -10.55
C PHE A 565 1.77 23.94 -9.08
N VAL A 566 1.29 25.15 -8.80
CA VAL A 566 1.17 25.66 -7.45
C VAL A 566 -0.25 26.18 -7.23
N LYS A 567 -0.69 26.12 -5.97
CA LYS A 567 -1.92 26.76 -5.54
C LYS A 567 -1.70 27.35 -4.16
N THR A 568 -1.86 28.66 -4.04
CA THR A 568 -1.57 29.34 -2.79
C THR A 568 -2.63 29.05 -1.74
N LEU A 569 -2.17 28.88 -0.50
CA LEU A 569 -3.06 28.75 0.64
C LEU A 569 -3.60 30.13 1.00
N VAL A 570 -4.91 30.30 0.91
CA VAL A 570 -5.55 31.59 1.06
C VAL A 570 -6.84 31.44 1.83
N THR A 571 -7.30 32.54 2.41
CA THR A 571 -8.60 32.60 3.07
C THR A 571 -9.69 32.79 2.01
N PHE A 572 -10.92 33.05 2.44
CA PHE A 572 -12.03 33.26 1.53
C PHE A 572 -12.98 34.28 2.14
N SER A 573 -13.61 35.08 1.27
CA SER A 573 -14.45 36.19 1.70
C SER A 573 -15.87 35.71 2.00
N ASP A 574 -16.78 36.65 2.19
CA ASP A 574 -18.18 36.33 2.48
C ASP A 574 -18.80 35.60 1.30
N GLU A 575 -18.89 36.28 0.15
CA GLU A 575 -19.33 35.68 -1.10
C GLU A 575 -18.10 35.31 -1.92
N ARG A 576 -18.01 34.05 -2.32
CA ARG A 576 -16.82 33.56 -2.99
C ARG A 576 -16.63 34.23 -4.34
N ARG A 577 -15.40 34.66 -4.62
CA ARG A 577 -15.03 35.27 -5.89
C ARG A 577 -13.69 34.68 -6.30
N THR A 578 -13.09 35.25 -7.35
CA THR A 578 -11.77 34.81 -7.81
C THR A 578 -10.76 34.97 -6.68
N TYR A 579 -10.26 33.84 -6.17
CA TYR A 579 -9.32 33.86 -5.05
C TYR A 579 -8.41 32.65 -5.19
N GLY A 580 -7.11 32.87 -5.04
CA GLY A 580 -6.11 31.84 -5.27
C GLY A 580 -5.36 32.11 -6.56
N ALA A 581 -4.15 31.57 -6.69
CA ALA A 581 -3.31 31.79 -7.84
C ALA A 581 -2.62 30.48 -8.18
N LYS A 582 -1.73 30.52 -9.17
CA LYS A 582 -0.99 29.34 -9.60
C LYS A 582 0.17 29.82 -10.48
N SER A 583 0.86 28.86 -11.09
CA SER A 583 1.87 29.14 -12.10
C SER A 583 1.60 28.21 -13.28
N ASP A 584 2.36 28.41 -14.37
CA ASP A 584 2.24 27.55 -15.52
C ASP A 584 2.55 26.11 -15.16
N ILE A 585 1.71 25.18 -15.64
CA ILE A 585 1.91 23.77 -15.36
C ILE A 585 3.08 23.30 -16.20
N ILE A 586 4.26 23.25 -15.59
CA ILE A 586 5.51 23.10 -16.33
C ILE A 586 6.10 21.72 -16.07
N TYR A 587 6.52 21.06 -17.14
CA TYR A 587 7.11 19.73 -17.09
C TYR A 587 8.62 19.91 -17.15
N VAL A 588 9.29 19.63 -16.02
CA VAL A 588 10.71 19.88 -15.85
C VAL A 588 11.40 18.60 -15.42
N GLN A 589 12.71 18.56 -15.64
CA GLN A 589 13.53 17.41 -15.29
C GLN A 589 14.92 17.90 -14.92
N THR A 590 15.62 17.07 -14.15
CA THR A 590 16.92 17.42 -13.58
C THR A 590 18.03 16.89 -14.48
N ASP A 591 19.28 17.00 -14.02
CA ASP A 591 20.41 16.40 -14.71
C ASP A 591 20.42 14.91 -14.36
N ALA A 592 21.49 14.19 -14.70
CA ALA A 592 21.48 12.74 -14.56
C ALA A 592 22.87 12.23 -14.21
N THR A 593 22.86 11.06 -13.57
CA THR A 593 24.05 10.27 -13.28
C THR A 593 23.58 8.85 -13.05
N ASN A 594 24.43 7.87 -13.38
CA ASN A 594 24.05 6.46 -13.38
C ASN A 594 25.01 5.65 -12.50
N PRO A 595 24.95 5.84 -11.18
CA PRO A 595 25.63 4.90 -10.28
C PRO A 595 24.75 3.70 -9.95
N SER A 596 23.43 3.85 -10.10
CA SER A 596 22.51 2.76 -9.82
C SER A 596 22.59 1.73 -10.94
N VAL A 597 22.61 0.46 -10.55
CA VAL A 597 22.69 -0.65 -11.50
C VAL A 597 21.43 -0.65 -12.36
N PRO A 598 21.52 -0.77 -13.69
CA PRO A 598 20.29 -1.02 -14.47
C PRO A 598 19.60 -2.30 -14.01
N LEU A 599 18.28 -2.22 -13.88
CA LEU A 599 17.55 -3.33 -13.29
C LEU A 599 17.53 -4.52 -14.23
N ASP A 600 17.55 -5.71 -13.63
CA ASP A 600 17.57 -6.97 -14.36
C ASP A 600 18.82 -7.07 -15.24
N PRO A 601 20.02 -7.02 -14.67
CA PRO A 601 21.22 -7.25 -15.50
C PRO A 601 21.35 -8.71 -15.84
N ILE A 602 20.52 -9.18 -16.76
CA ILE A 602 20.38 -10.61 -17.03
C ILE A 602 21.61 -11.09 -17.81
N SER A 603 22.23 -12.15 -17.32
CA SER A 603 23.34 -12.77 -18.03
C SER A 603 22.79 -13.51 -19.25
N VAL A 604 22.95 -12.91 -20.43
CA VAL A 604 22.45 -13.46 -21.68
C VAL A 604 23.60 -13.69 -22.64
N SER A 605 24.77 -14.04 -22.10
CA SER A 605 25.92 -14.33 -22.93
C SER A 605 25.65 -15.54 -23.81
N ASN A 606 26.15 -15.49 -25.05
CA ASN A 606 25.93 -16.55 -26.02
C ASN A 606 27.18 -16.97 -26.77
N SER A 607 28.31 -16.27 -26.62
CA SER A 607 29.57 -16.64 -27.25
C SER A 607 30.67 -16.64 -26.19
N SER A 608 31.62 -17.56 -26.36
CA SER A 608 32.75 -17.63 -25.44
C SER A 608 33.69 -16.44 -25.61
N SER A 609 33.84 -15.91 -26.82
CA SER A 609 34.73 -14.80 -27.08
C SER A 609 34.05 -13.45 -26.92
N GLN A 610 32.72 -13.40 -27.07
CA GLN A 610 31.97 -12.15 -27.04
C GLN A 610 30.77 -12.30 -26.12
N ILE A 611 30.41 -11.21 -25.46
CA ILE A 611 29.42 -11.21 -24.39
C ILE A 611 28.19 -10.48 -24.88
N ILE A 612 27.04 -11.15 -24.82
CA ILE A 612 25.75 -10.55 -25.13
C ILE A 612 25.08 -10.13 -23.82
N LEU A 613 24.49 -8.94 -23.82
CA LEU A 613 23.88 -8.35 -22.64
C LEU A 613 22.46 -7.93 -22.96
N LYS A 614 21.66 -7.79 -21.91
CA LYS A 614 20.29 -7.30 -22.01
C LYS A 614 20.11 -6.21 -20.96
N TRP A 615 19.73 -5.01 -21.41
CA TRP A 615 19.65 -3.84 -20.54
C TRP A 615 18.21 -3.36 -20.48
N LYS A 616 17.71 -3.16 -19.27
CA LYS A 616 16.48 -2.43 -19.01
C LYS A 616 16.83 -1.18 -18.21
N PRO A 617 15.99 -0.15 -18.18
CA PRO A 617 16.34 1.06 -17.44
C PRO A 617 16.52 0.78 -15.96
N PRO A 618 17.47 1.46 -15.27
CA PRO A 618 17.49 1.36 -13.81
C PRO A 618 16.22 1.87 -13.17
N SER A 619 16.11 1.72 -11.85
CA SER A 619 14.95 2.27 -11.13
C SER A 619 14.85 3.77 -11.36
N ASP A 620 15.96 4.47 -11.27
CA ASP A 620 16.05 5.83 -11.77
C ASP A 620 16.19 5.81 -13.28
N PRO A 621 15.64 6.81 -14.00
CA PRO A 621 15.94 6.87 -15.44
C PRO A 621 17.42 7.06 -15.72
N ASN A 622 18.11 7.84 -14.90
CA ASN A 622 19.54 8.13 -15.07
C ASN A 622 19.81 8.69 -16.46
N GLY A 623 18.92 9.55 -16.93
CA GLY A 623 19.09 10.18 -18.23
C GLY A 623 18.49 9.40 -19.38
N ASN A 624 17.61 10.02 -20.16
CA ASN A 624 17.11 9.39 -21.37
C ASN A 624 18.20 9.24 -22.43
N ILE A 625 19.32 9.95 -22.28
CA ILE A 625 20.43 9.81 -23.21
C ILE A 625 20.94 8.37 -23.16
N THR A 626 21.07 7.75 -24.34
CA THR A 626 21.43 6.34 -24.45
C THR A 626 22.92 6.10 -24.48
N HIS A 627 23.75 7.14 -24.35
CA HIS A 627 25.19 6.98 -24.47
C HIS A 627 25.75 6.43 -23.16
N TYR A 628 26.43 5.29 -23.25
CA TYR A 628 27.10 4.66 -22.11
C TYR A 628 28.50 4.23 -22.53
N LEU A 629 29.34 3.94 -21.54
CA LEU A 629 30.63 3.32 -21.75
C LEU A 629 30.72 2.09 -20.86
N VAL A 630 31.31 1.02 -21.41
CA VAL A 630 31.34 -0.30 -20.77
C VAL A 630 32.80 -0.64 -20.47
N PHE A 631 33.08 -0.95 -19.21
CA PHE A 631 34.35 -1.51 -18.79
C PHE A 631 34.06 -2.71 -17.89
N TRP A 632 35.07 -3.20 -17.17
CA TRP A 632 34.84 -4.29 -16.23
C TRP A 632 36.04 -4.39 -15.30
N GLU A 633 35.77 -4.56 -14.01
CA GLU A 633 36.82 -4.88 -13.04
C GLU A 633 37.03 -6.39 -13.00
N ARG A 634 38.28 -6.82 -12.98
CA ARG A 634 38.58 -8.24 -12.96
C ARG A 634 38.12 -8.86 -11.63
N GLN A 635 38.06 -10.19 -11.61
CA GLN A 635 37.70 -10.94 -10.41
C GLN A 635 38.61 -12.14 -10.23
N ALA A 636 39.87 -12.02 -10.65
CA ALA A 636 40.81 -13.12 -10.51
C ALA A 636 41.34 -13.21 -9.09
N GLU A 637 41.62 -14.43 -8.64
CA GLU A 637 42.21 -14.68 -7.33
C GLU A 637 41.28 -14.24 -6.19
N ASP A 638 39.97 -14.28 -6.43
CA ASP A 638 39.01 -13.90 -5.40
C ASP A 638 38.97 -14.97 -4.32
N SER A 639 38.68 -14.55 -3.09
CA SER A 639 38.64 -15.49 -1.96
C SER A 639 37.57 -16.55 -2.17
N GLU A 640 36.49 -16.21 -2.87
CA GLU A 640 35.44 -17.18 -3.16
C GLU A 640 35.99 -18.36 -3.97
N LEU A 641 36.99 -18.10 -4.81
CA LEU A 641 37.54 -19.16 -5.65
C LEU A 641 38.22 -20.23 -4.80
N PHE A 642 39.13 -19.82 -3.93
CA PHE A 642 39.95 -20.76 -3.17
C PHE A 642 39.29 -21.22 -1.87
N GLU A 643 38.27 -20.53 -1.39
CA GLU A 643 37.49 -20.98 -0.24
C GLU A 643 36.39 -21.95 -0.63
N LEU A 644 35.71 -21.68 -1.74
CA LEU A 644 34.67 -22.57 -2.26
C LEU A 644 35.23 -23.55 -3.27
N ASP A 645 36.30 -24.25 -2.89
CA ASP A 645 36.92 -25.25 -3.75
C ASP A 645 36.02 -26.48 -3.81
N TYR A 646 35.42 -26.71 -4.98
CA TYR A 646 34.53 -27.86 -5.22
C TYR A 646 35.28 -28.88 -6.05
N CYS A 647 35.98 -29.79 -5.37
CA CYS A 647 36.68 -30.92 -6.00
C CYS A 647 36.29 -32.24 -5.36
N LEU A 648 35.10 -32.33 -4.80
CA LEU A 648 34.67 -33.51 -4.04
C LEU A 648 33.19 -33.37 -3.75
N LYS A 649 32.63 -34.36 -3.04
CA LYS A 649 31.21 -34.37 -2.73
C LYS A 649 30.84 -33.18 -1.84
N GLY A 650 29.53 -32.97 -1.70
CA GLY A 650 29.02 -31.90 -0.87
C GLY A 650 28.83 -30.62 -1.66
N LEU A 651 27.64 -30.02 -1.55
CA LEU A 651 27.38 -28.77 -2.25
C LEU A 651 28.30 -27.68 -1.73
N LYS A 652 28.89 -26.93 -2.66
CA LYS A 652 29.74 -25.79 -2.35
C LYS A 652 29.29 -24.54 -3.10
N LEU A 653 28.05 -24.56 -3.62
CA LEU A 653 27.61 -23.58 -4.61
C LEU A 653 28.66 -23.55 -5.72
N PRO A 654 28.70 -24.56 -6.59
CA PRO A 654 29.87 -24.75 -7.45
C PRO A 654 30.14 -23.56 -8.37
N SER A 655 31.42 -23.28 -8.58
CA SER A 655 31.83 -22.07 -9.28
C SER A 655 31.47 -22.13 -10.76
N ARG A 656 31.25 -20.96 -11.35
CA ARG A 656 31.04 -20.81 -12.77
C ARG A 656 29.81 -21.57 -13.26
N THR A 657 28.65 -21.22 -12.73
CA THR A 657 27.37 -21.71 -13.25
C THR A 657 26.78 -20.69 -14.20
N TRP A 658 25.85 -21.17 -15.04
CA TRP A 658 25.15 -20.29 -15.98
C TRP A 658 23.79 -20.91 -16.27
N SER A 659 22.73 -20.24 -15.83
CA SER A 659 21.37 -20.73 -16.00
C SER A 659 20.39 -19.57 -15.97
N PRO A 660 20.21 -18.83 -17.06
CA PRO A 660 19.27 -17.71 -17.07
C PRO A 660 17.85 -18.19 -16.78
N PRO A 661 17.05 -17.41 -16.03
CA PRO A 661 15.74 -17.93 -15.61
C PRO A 661 14.66 -17.81 -16.67
N PHE A 662 14.66 -16.72 -17.45
CA PHE A 662 13.63 -16.45 -18.46
C PHE A 662 12.25 -16.43 -17.81
N GLU A 663 12.03 -15.38 -17.00
CA GLU A 663 10.88 -15.29 -16.11
C GLU A 663 9.55 -15.52 -16.83
N SER A 664 9.45 -15.16 -18.10
CA SER A 664 8.19 -15.23 -18.83
C SER A 664 8.05 -16.60 -19.49
N GLU A 665 7.21 -17.46 -18.90
CA GLU A 665 6.71 -18.71 -19.47
C GLU A 665 7.71 -19.86 -19.42
N ASP A 666 8.96 -19.64 -19.01
CA ASP A 666 9.95 -20.70 -18.85
C ASP A 666 10.24 -21.05 -17.40
N SER A 667 10.31 -20.06 -16.52
CA SER A 667 10.45 -20.28 -15.08
C SER A 667 9.71 -19.16 -14.38
N GLN A 668 9.08 -19.44 -13.23
CA GLN A 668 8.20 -18.48 -12.56
C GLN A 668 7.09 -18.04 -13.50
N LYS A 669 6.23 -19.02 -13.82
CA LYS A 669 5.17 -18.82 -14.80
C LYS A 669 4.17 -17.76 -14.32
N HIS A 670 3.24 -17.36 -15.18
CA HIS A 670 2.24 -16.35 -14.86
C HIS A 670 0.87 -16.91 -15.25
N ASN A 671 0.24 -17.59 -14.29
CA ASN A 671 -1.16 -18.00 -14.38
C ASN A 671 -2.05 -17.10 -13.55
N GLN A 672 -1.72 -15.80 -13.53
CA GLN A 672 -2.39 -14.80 -12.70
C GLN A 672 -2.20 -15.07 -11.22
N SER A 673 -1.07 -15.67 -10.85
CA SER A 673 -0.63 -15.79 -9.47
C SER A 673 0.46 -14.75 -9.23
N GLU A 674 0.15 -13.77 -8.38
CA GLU A 674 1.00 -12.59 -8.28
C GLU A 674 2.14 -12.80 -7.28
N TYR A 675 1.80 -13.12 -6.03
CA TYR A 675 2.81 -13.21 -4.99
C TYR A 675 3.76 -14.37 -5.24
N GLU A 676 5.03 -14.14 -4.93
CA GLU A 676 6.06 -15.17 -4.93
C GLU A 676 6.40 -15.52 -3.49
N ASP A 677 6.54 -16.81 -3.22
CA ASP A 677 6.75 -17.30 -1.86
C ASP A 677 8.19 -17.14 -1.36
N SER A 678 9.06 -16.48 -2.14
CA SER A 678 10.42 -16.21 -1.64
C SER A 678 10.37 -15.32 -0.41
N ALA A 679 9.63 -14.21 -0.49
CA ALA A 679 9.42 -13.34 0.67
C ALA A 679 8.12 -12.57 0.41
N GLY A 680 7.03 -13.03 1.04
CA GLY A 680 5.74 -12.41 0.84
C GLY A 680 5.66 -11.02 1.44
N GLU A 681 4.67 -10.24 1.00
CA GLU A 681 4.44 -8.89 1.49
C GLU A 681 2.98 -8.75 1.86
N CYS A 682 2.72 -7.99 2.92
CA CYS A 682 1.34 -7.80 3.36
C CYS A 682 0.55 -7.01 2.30
N CYS A 683 -0.73 -7.28 2.25
CA CYS A 683 -1.65 -6.56 1.36
C CYS A 683 -2.64 -5.71 2.13
N SER A 684 -3.34 -6.29 3.10
CA SER A 684 -4.20 -5.54 4.02
C SER A 684 -3.44 -5.21 5.30
N CYS A 685 -2.33 -4.49 5.11
CA CYS A 685 -1.38 -4.21 6.19
C CYS A 685 -2.02 -3.33 7.26
N PRO A 686 -1.37 -3.14 8.41
CA PRO A 686 -1.86 -2.16 9.39
C PRO A 686 -1.80 -0.75 8.82
N LYS A 687 -2.28 0.20 9.63
CA LYS A 687 -2.32 1.59 9.22
C LYS A 687 -2.29 2.50 10.44
N THR A 688 -1.65 3.65 10.30
CA THR A 688 -1.62 4.70 11.31
C THR A 688 -2.10 6.01 10.66
N ASP A 689 -2.14 7.07 11.45
CA ASP A 689 -2.69 8.36 11.05
C ASP A 689 -1.57 9.30 10.60
N SER A 690 -1.98 10.46 10.11
CA SER A 690 -1.02 11.47 9.68
C SER A 690 -0.25 12.02 10.88
N GLN A 691 1.02 12.37 10.64
CA GLN A 691 1.91 12.84 11.70
C GLN A 691 2.85 13.96 11.27
N ILE A 692 2.62 14.60 10.12
CA ILE A 692 3.56 15.61 9.64
C ILE A 692 3.54 16.85 10.51
N LEU A 693 2.41 17.15 11.16
CA LEU A 693 2.26 18.40 11.89
C LEU A 693 3.23 18.53 13.06
N LYS A 694 3.84 17.44 13.52
CA LYS A 694 4.85 17.53 14.57
C LYS A 694 6.15 18.15 14.09
N GLU A 695 6.36 18.27 12.78
CA GLU A 695 7.66 18.67 12.22
C GLU A 695 7.73 20.15 11.89
N LEU A 696 6.78 20.67 11.10
CA LEU A 696 6.84 22.07 10.69
C LEU A 696 6.84 23.02 11.89
N GLU A 697 6.13 22.64 12.95
CA GLU A 697 6.06 23.46 14.15
C GLU A 697 7.43 23.69 14.79
N GLU A 698 8.40 22.82 14.51
CA GLU A 698 9.76 23.06 14.97
C GLU A 698 10.32 24.35 14.38
N SER A 699 10.11 24.55 13.07
CA SER A 699 10.68 25.72 12.40
C SER A 699 10.13 27.03 12.95
N SER A 700 8.96 26.99 13.58
CA SER A 700 8.41 28.19 14.21
C SER A 700 9.31 28.74 15.30
N PHE A 701 10.21 27.92 15.86
CA PHE A 701 11.15 28.43 16.85
C PHE A 701 12.09 29.48 16.26
N ARG A 702 12.29 29.47 14.93
CA ARG A 702 13.19 30.41 14.26
C ARG A 702 12.45 31.44 13.43
N LYS A 703 11.16 31.67 13.71
CA LYS A 703 10.37 32.65 12.98
C LYS A 703 9.41 33.42 13.89
N THR A 704 9.55 33.31 15.22
CA THR A 704 8.59 33.88 16.16
C THR A 704 9.16 34.94 17.10
N PHE A 705 10.48 35.19 17.07
CA PHE A 705 11.04 36.20 17.96
C PHE A 705 10.50 37.59 17.61
N GLU A 706 10.54 37.96 16.33
CA GLU A 706 10.02 39.25 15.92
C GLU A 706 8.52 39.32 16.13
N ASP A 707 7.81 38.20 15.97
CA ASP A 707 6.37 38.19 16.20
C ASP A 707 6.04 38.54 17.65
N TYR A 708 6.76 37.94 18.60
CA TYR A 708 6.53 38.28 20.00
C TYR A 708 6.95 39.71 20.30
N LEU A 709 8.08 40.15 19.73
CA LEU A 709 8.55 41.50 19.98
C LEU A 709 7.59 42.54 19.44
N HIS A 710 6.86 42.23 18.36
CA HIS A 710 5.91 43.17 17.78
C HIS A 710 4.52 43.03 18.37
N ASN A 711 4.18 41.87 18.96
CA ASN A 711 2.83 41.58 19.42
C ASN A 711 2.70 41.48 20.93
N VAL A 712 3.79 41.18 21.65
CA VAL A 712 3.73 40.92 23.09
C VAL A 712 4.53 41.95 23.86
N VAL A 713 5.58 42.50 23.26
CA VAL A 713 6.51 43.38 23.97
C VAL A 713 6.04 44.82 23.89
N PHE A 714 5.52 45.24 22.74
CA PHE A 714 5.12 46.62 22.50
C PHE A 714 3.69 46.91 22.97
N VAL A 715 3.14 46.08 23.84
CA VAL A 715 1.80 46.33 24.40
C VAL A 715 1.92 47.43 25.46
N PRO A 716 1.16 48.54 25.37
CA PRO A 716 1.17 49.50 26.48
C PRO A 716 0.63 48.88 27.76
N ARG A 717 1.48 48.79 28.79
CA ARG A 717 1.19 48.11 30.05
C ARG A 717 1.49 49.04 31.23
N PRO A 718 0.81 48.85 32.37
CA PRO A 718 1.06 49.74 33.51
C PRO A 718 2.41 49.51 34.19
N SER A 719 3.08 48.42 33.92
CA SER A 719 4.38 48.14 34.53
C SER A 719 5.48 48.99 33.89
N SER B 1 41.72 -2.67 -16.34
CA SER B 1 41.10 -1.65 -17.19
C SER B 1 41.81 -0.32 -17.07
N LEU B 2 42.18 0.04 -15.84
CA LEU B 2 42.81 1.33 -15.56
C LEU B 2 44.32 1.18 -15.66
N GLY B 3 44.93 1.93 -16.57
CA GLY B 3 46.37 1.96 -16.69
C GLY B 3 47.03 2.87 -15.68
N ASP B 4 46.26 3.84 -15.17
CA ASP B 4 46.74 4.76 -14.15
C ASP B 4 45.62 5.02 -13.15
N VAL B 5 46.00 5.24 -11.89
CA VAL B 5 45.01 5.49 -10.85
C VAL B 5 44.40 6.88 -10.96
N GLY B 6 44.98 7.78 -11.74
CA GLY B 6 44.45 9.12 -11.88
C GLY B 6 43.25 9.18 -12.80
N ASN B 7 43.14 10.27 -13.57
CA ASN B 7 42.03 10.51 -14.48
C ASN B 7 42.56 11.02 -15.81
N VAL B 8 43.63 10.39 -16.31
CA VAL B 8 44.26 10.78 -17.57
C VAL B 8 44.75 9.52 -18.27
N THR B 9 45.03 9.66 -19.56
CA THR B 9 45.51 8.58 -20.40
C THR B 9 47.01 8.76 -20.67
N VAL B 10 47.76 7.67 -20.53
CA VAL B 10 49.21 7.69 -20.69
C VAL B 10 49.69 6.99 -21.94
N ALA B 11 48.82 6.21 -22.62
CA ALA B 11 49.19 5.49 -23.85
C ALA B 11 50.37 4.54 -23.60
N VAL B 12 50.37 3.90 -22.44
CA VAL B 12 51.40 2.95 -22.05
C VAL B 12 50.80 1.55 -22.08
N PRO B 13 50.79 0.85 -23.22
CA PRO B 13 50.18 -0.48 -23.25
C PRO B 13 50.88 -1.51 -22.39
N THR B 14 52.15 -1.29 -22.01
CA THR B 14 52.88 -2.24 -21.19
C THR B 14 52.43 -2.23 -19.73
N VAL B 15 51.69 -1.22 -19.29
CA VAL B 15 51.19 -1.11 -17.92
C VAL B 15 49.68 -1.03 -17.99
N ALA B 16 49.00 -1.94 -17.27
CA ALA B 16 47.55 -1.97 -17.23
C ALA B 16 47.03 -2.27 -15.82
N ALA B 17 47.85 -2.01 -14.79
CA ALA B 17 47.49 -2.25 -13.40
C ALA B 17 47.15 -3.72 -13.12
N PHE B 18 47.67 -4.63 -13.94
CA PHE B 18 47.48 -6.07 -13.74
C PHE B 18 48.71 -6.78 -14.28
N PRO B 19 48.97 -8.01 -13.84
CA PRO B 19 50.09 -8.76 -14.42
C PRO B 19 49.96 -9.01 -15.91
N ASN B 20 48.73 -9.14 -16.42
CA ASN B 20 48.47 -9.35 -17.84
C ASN B 20 48.14 -8.03 -18.51
N THR B 21 48.28 -8.00 -19.84
CA THR B 21 48.02 -6.81 -20.65
C THR B 21 46.74 -7.04 -21.45
N SER B 22 45.72 -6.22 -21.19
CA SER B 22 44.44 -6.27 -21.88
C SER B 22 44.10 -5.00 -22.64
N SER B 23 44.53 -3.84 -22.15
CA SER B 23 44.28 -2.58 -22.82
C SER B 23 45.26 -2.36 -23.96
N THR B 24 44.86 -1.53 -24.91
CA THR B 24 45.69 -1.17 -26.06
C THR B 24 45.62 0.35 -26.25
N SER B 25 46.66 0.88 -26.91
CA SER B 25 46.83 2.33 -27.00
C SER B 25 45.70 2.97 -27.80
N VAL B 26 45.25 4.13 -27.33
CA VAL B 26 44.23 4.94 -28.00
C VAL B 26 44.69 6.39 -27.93
N PRO B 27 44.06 7.31 -28.66
CA PRO B 27 44.43 8.74 -28.52
C PRO B 27 44.18 9.24 -27.10
N THR B 28 44.98 10.23 -26.71
CA THR B 28 44.89 10.78 -25.36
C THR B 28 43.51 11.38 -25.12
N SER B 29 42.99 11.15 -23.92
CA SER B 29 41.65 11.60 -23.54
C SER B 29 41.71 12.08 -22.10
N PRO B 30 40.71 12.85 -21.65
CA PRO B 30 40.75 13.36 -20.27
C PRO B 30 40.34 12.36 -19.19
N GLU B 31 40.25 11.07 -19.49
CA GLU B 31 39.89 10.04 -18.53
C GLU B 31 40.95 8.95 -18.52
N GLU B 32 40.72 7.95 -17.66
CA GLU B 32 41.67 6.83 -17.53
C GLU B 32 41.78 6.07 -18.84
N HIS B 33 42.97 5.55 -19.09
CA HIS B 33 43.21 4.73 -20.28
C HIS B 33 42.48 3.41 -20.10
N ARG B 34 41.29 3.31 -20.70
CA ARG B 34 40.36 2.22 -20.44
C ARG B 34 39.70 1.76 -21.74
N PRO B 35 39.14 0.53 -21.78
CA PRO B 35 38.48 0.06 -23.02
C PRO B 35 37.12 0.73 -23.26
N PHE B 36 37.17 1.89 -23.91
CA PHE B 36 35.96 2.65 -24.18
C PHE B 36 35.06 1.90 -25.15
N GLU B 37 33.76 1.91 -24.89
CA GLU B 37 32.77 1.23 -25.71
C GLU B 37 31.58 2.16 -25.94
N LYS B 38 31.47 2.69 -27.16
CA LYS B 38 30.43 3.64 -27.50
C LYS B 38 29.11 2.92 -27.75
N VAL B 39 28.01 3.64 -27.57
CA VAL B 39 26.66 3.10 -27.70
C VAL B 39 25.88 3.97 -28.69
N VAL B 40 25.33 3.34 -29.73
CA VAL B 40 24.49 4.02 -30.71
C VAL B 40 23.37 3.08 -31.16
N ASN B 41 22.13 3.37 -30.73
CA ASN B 41 20.94 2.65 -31.18
C ASN B 41 21.04 1.15 -30.89
N LYS B 42 21.47 0.81 -29.67
CA LYS B 42 21.48 -0.58 -29.24
C LYS B 42 21.59 -0.62 -27.73
N GLU B 43 21.23 -1.78 -27.16
CA GLU B 43 21.24 -2.01 -25.72
C GLU B 43 22.05 -3.27 -25.42
N SER B 44 23.12 -3.49 -26.18
CA SER B 44 23.96 -4.67 -25.99
C SER B 44 25.25 -4.49 -26.76
N LEU B 45 26.38 -4.76 -26.10
CA LEU B 45 27.68 -4.53 -26.72
C LEU B 45 28.69 -5.48 -26.10
N VAL B 46 29.55 -6.05 -26.94
CA VAL B 46 30.48 -7.10 -26.52
C VAL B 46 31.70 -6.50 -25.85
N ILE B 47 32.48 -7.36 -25.18
CA ILE B 47 33.70 -6.96 -24.47
C ILE B 47 34.79 -7.92 -24.91
N SER B 48 35.61 -7.50 -25.86
CA SER B 48 36.72 -8.30 -26.34
C SER B 48 37.97 -8.06 -25.50
N GLY B 49 38.82 -9.09 -25.40
CA GLY B 49 40.04 -9.02 -24.63
C GLY B 49 39.95 -9.80 -23.34
N LEU B 50 39.29 -10.95 -23.38
CA LEU B 50 39.04 -11.80 -22.23
C LEU B 50 39.66 -13.17 -22.46
N ARG B 51 39.64 -14.00 -21.41
CA ARG B 51 40.13 -15.36 -21.46
C ARG B 51 38.97 -16.34 -21.49
N HIS B 52 39.19 -17.47 -22.16
CA HIS B 52 38.14 -18.43 -22.43
C HIS B 52 37.68 -19.11 -21.15
N PHE B 53 36.41 -19.51 -21.13
CA PHE B 53 35.82 -20.23 -20.02
C PHE B 53 35.97 -19.46 -18.70
N THR B 54 35.37 -18.27 -18.69
CA THR B 54 35.48 -17.36 -17.56
C THR B 54 34.23 -16.49 -17.49
N GLY B 55 34.01 -15.91 -16.32
CA GLY B 55 32.94 -14.93 -16.14
C GLY B 55 33.49 -13.69 -15.46
N TYR B 56 32.91 -12.54 -15.82
CA TYR B 56 33.46 -11.25 -15.41
C TYR B 56 32.36 -10.30 -15.00
N ARG B 57 32.76 -9.29 -14.23
CA ARG B 57 31.89 -8.17 -13.89
C ARG B 57 31.75 -7.28 -15.13
N ILE B 58 30.97 -6.20 -15.01
CA ILE B 58 30.77 -5.25 -16.09
C ILE B 58 30.49 -3.89 -15.46
N GLU B 59 31.11 -2.85 -16.02
CA GLU B 59 30.91 -1.48 -15.60
C GLU B 59 29.97 -0.77 -16.58
N LEU B 60 29.15 0.13 -16.05
CA LEU B 60 28.23 0.88 -16.89
C LEU B 60 27.88 2.21 -16.23
N GLN B 61 27.83 3.26 -17.04
CA GLN B 61 27.40 4.58 -16.59
C GLN B 61 27.25 5.48 -17.81
N ALA B 62 26.29 6.40 -17.72
CA ALA B 62 26.07 7.44 -18.72
C ALA B 62 26.32 8.80 -18.09
N CYS B 63 27.13 9.62 -18.77
CA CYS B 63 27.48 10.95 -18.30
C CYS B 63 27.38 11.93 -19.46
N ASN B 64 27.18 13.20 -19.12
CA ASN B 64 26.82 14.20 -20.12
C ASN B 64 27.92 14.40 -21.15
N GLN B 65 29.18 14.46 -20.71
CA GLN B 65 30.30 14.83 -21.58
C GLN B 65 30.44 13.88 -22.76
N ASP B 66 30.32 14.43 -23.97
CA ASP B 66 30.46 13.67 -25.20
C ASP B 66 31.52 14.23 -26.15
N THR B 67 31.93 15.49 -25.99
CA THR B 67 33.06 15.99 -26.77
C THR B 67 34.32 15.21 -26.47
N PRO B 68 34.69 14.95 -25.22
CA PRO B 68 35.65 13.88 -24.92
C PRO B 68 34.92 12.54 -24.85
N GLU B 69 35.69 11.50 -24.52
CA GLU B 69 35.10 10.17 -24.38
C GLU B 69 34.06 10.16 -23.26
N GLU B 70 34.49 10.38 -22.03
CA GLU B 70 33.59 10.54 -20.88
C GLU B 70 34.41 11.02 -19.69
N ARG B 71 33.88 12.02 -18.98
CA ARG B 71 34.60 12.57 -17.84
C ARG B 71 34.56 11.64 -16.63
N CYS B 72 33.48 10.88 -16.47
CA CYS B 72 33.27 10.09 -15.26
C CYS B 72 34.30 8.99 -15.13
N SER B 73 34.81 8.81 -13.91
CA SER B 73 35.82 7.80 -13.59
C SER B 73 35.31 6.78 -12.57
N VAL B 74 33.99 6.59 -12.50
CA VAL B 74 33.36 5.56 -11.67
C VAL B 74 32.23 4.94 -12.49
N ALA B 75 31.66 3.85 -11.98
CA ALA B 75 30.61 3.16 -12.74
C ALA B 75 29.82 2.23 -11.84
N ALA B 76 28.65 1.84 -12.33
CA ALA B 76 27.77 0.87 -11.70
C ALA B 76 28.13 -0.53 -12.18
N TYR B 77 27.96 -1.52 -11.31
CA TYR B 77 28.52 -2.85 -11.51
C TYR B 77 27.42 -3.88 -11.73
N VAL B 78 27.61 -4.72 -12.75
CA VAL B 78 26.78 -5.89 -13.02
C VAL B 78 27.72 -7.08 -13.20
N SER B 79 27.13 -8.25 -13.43
CA SER B 79 27.89 -9.50 -13.56
C SER B 79 27.42 -10.26 -14.79
N ALA B 80 28.29 -11.08 -15.36
CA ALA B 80 27.93 -11.88 -16.51
C ALA B 80 28.95 -12.99 -16.70
N ARG B 81 28.47 -14.23 -16.87
CA ARG B 81 29.32 -15.38 -17.15
C ARG B 81 29.32 -15.67 -18.64
N THR B 82 30.50 -15.84 -19.21
CA THR B 82 30.61 -16.10 -20.64
C THR B 82 30.02 -17.48 -20.98
N MET B 83 29.53 -17.59 -22.21
CA MET B 83 28.93 -18.83 -22.67
C MET B 83 30.05 -19.75 -23.15
N PRO B 84 30.29 -20.90 -22.51
CA PRO B 84 31.36 -21.78 -23.00
C PRO B 84 31.00 -22.38 -24.35
N GLU B 85 32.04 -22.69 -25.12
CA GLU B 85 31.91 -23.31 -26.43
C GLU B 85 32.93 -24.44 -26.52
N ALA B 86 33.07 -25.01 -27.72
CA ALA B 86 33.99 -26.12 -27.92
C ALA B 86 35.40 -25.62 -28.19
N LYS B 87 35.92 -24.78 -27.29
CA LYS B 87 37.28 -24.25 -27.39
C LYS B 87 38.05 -24.27 -26.07
N ALA B 88 37.37 -24.28 -24.92
CA ALA B 88 38.04 -24.33 -23.64
C ALA B 88 37.41 -25.32 -22.66
N ASP B 89 36.24 -25.88 -22.96
CA ASP B 89 35.72 -26.97 -22.14
C ASP B 89 36.62 -28.19 -22.22
N ASP B 90 37.28 -28.41 -23.36
CA ASP B 90 38.38 -29.34 -23.46
C ASP B 90 39.62 -28.74 -22.83
N ILE B 91 40.70 -29.53 -22.78
CA ILE B 91 41.97 -28.99 -22.32
C ILE B 91 42.47 -27.98 -23.34
N VAL B 92 42.69 -26.75 -22.89
CA VAL B 92 43.19 -25.72 -23.80
C VAL B 92 44.58 -26.09 -24.30
N GLY B 93 45.41 -26.61 -23.42
CA GLY B 93 46.66 -27.22 -23.82
C GLY B 93 46.43 -28.64 -24.26
N PRO B 94 47.50 -29.41 -24.45
CA PRO B 94 47.34 -30.82 -24.81
C PRO B 94 46.92 -31.66 -23.61
N VAL B 95 46.46 -32.87 -23.91
CA VAL B 95 46.06 -33.85 -22.90
C VAL B 95 47.13 -34.93 -22.82
N THR B 96 48.38 -34.58 -23.17
CA THR B 96 49.50 -35.50 -23.08
C THR B 96 50.15 -35.39 -21.71
N HIS B 97 50.88 -36.45 -21.35
CA HIS B 97 51.57 -36.53 -20.07
C HIS B 97 52.95 -37.15 -20.29
N GLU B 98 53.78 -37.10 -19.25
CA GLU B 98 55.15 -37.60 -19.33
C GLU B 98 55.15 -39.09 -19.04
N ILE B 99 55.49 -39.88 -20.06
CA ILE B 99 55.44 -41.34 -19.94
C ILE B 99 56.70 -41.82 -19.25
N PHE B 100 56.53 -42.69 -18.25
CA PHE B 100 57.65 -43.31 -17.56
C PHE B 100 57.24 -44.71 -17.14
N GLU B 101 57.95 -45.72 -17.66
CA GLU B 101 57.78 -47.11 -17.27
C GLU B 101 58.99 -47.62 -16.49
N ASN B 102 59.54 -46.77 -15.62
CA ASN B 102 60.83 -47.00 -14.96
C ASN B 102 60.73 -46.74 -13.45
N ASN B 103 59.71 -47.34 -12.83
CA ASN B 103 59.52 -47.36 -11.38
C ASN B 103 59.07 -46.03 -10.80
N VAL B 104 58.82 -45.00 -11.62
CA VAL B 104 58.39 -43.71 -11.12
C VAL B 104 57.84 -42.90 -12.28
N VAL B 105 56.90 -41.99 -12.00
CA VAL B 105 56.29 -41.16 -13.02
C VAL B 105 55.98 -39.79 -12.42
N HIS B 106 56.03 -38.76 -13.26
CA HIS B 106 55.53 -37.44 -12.94
C HIS B 106 54.26 -37.19 -13.73
N LEU B 107 53.18 -36.90 -13.02
CA LEU B 107 51.86 -36.71 -13.62
C LEU B 107 51.53 -35.23 -13.57
N MET B 108 51.22 -34.66 -14.74
CA MET B 108 50.95 -33.23 -14.83
C MET B 108 50.10 -32.98 -16.08
N TRP B 109 48.80 -32.78 -15.87
CA TRP B 109 47.94 -32.32 -16.95
C TRP B 109 48.29 -30.87 -17.25
N GLN B 110 48.52 -30.56 -18.52
CA GLN B 110 49.12 -29.28 -18.87
C GLN B 110 48.15 -28.14 -18.60
N GLU B 111 48.71 -26.99 -18.25
CA GLU B 111 47.95 -25.81 -17.88
C GLU B 111 47.31 -25.18 -19.11
N PRO B 112 46.26 -24.38 -18.95
CA PRO B 112 45.64 -23.75 -20.12
C PRO B 112 46.53 -22.69 -20.74
N LYS B 113 46.38 -22.51 -22.06
CA LYS B 113 47.03 -21.40 -22.74
C LYS B 113 46.47 -20.08 -22.21
N GLU B 114 45.15 -19.93 -22.22
CA GLU B 114 44.46 -18.81 -21.59
C GLU B 114 43.93 -19.30 -20.25
N PRO B 115 44.38 -18.76 -19.08
CA PRO B 115 43.91 -19.31 -17.80
C PRO B 115 42.40 -19.22 -17.62
N ASN B 116 41.76 -20.38 -17.53
CA ASN B 116 40.33 -20.48 -17.31
C ASN B 116 40.04 -20.34 -15.82
N GLY B 117 38.79 -20.60 -15.44
CA GLY B 117 38.37 -20.54 -14.04
C GLY B 117 38.08 -21.90 -13.44
N LEU B 118 37.73 -22.87 -14.27
CA LEU B 118 37.35 -24.20 -13.80
C LEU B 118 37.73 -25.23 -14.84
N ILE B 119 38.62 -26.15 -14.48
CA ILE B 119 39.03 -27.22 -15.37
C ILE B 119 38.06 -28.38 -15.22
N VAL B 120 38.06 -29.29 -16.20
CA VAL B 120 37.30 -30.52 -16.08
C VAL B 120 38.09 -31.48 -15.21
N LEU B 121 37.56 -31.81 -14.04
CA LEU B 121 38.28 -32.51 -13.00
C LEU B 121 38.15 -34.01 -13.16
N TYR B 122 39.22 -34.73 -12.80
CA TYR B 122 39.24 -36.19 -12.80
C TYR B 122 39.80 -36.65 -11.47
N GLU B 123 39.08 -37.54 -10.79
CA GLU B 123 39.46 -37.96 -9.45
C GLU B 123 40.71 -38.84 -9.50
N VAL B 124 41.41 -38.89 -8.36
CA VAL B 124 42.65 -39.64 -8.23
C VAL B 124 42.55 -40.54 -7.00
N SER B 125 42.33 -41.84 -7.23
CA SER B 125 42.28 -42.84 -6.16
C SER B 125 42.93 -44.11 -6.71
N TYR B 126 44.24 -44.23 -6.47
CA TYR B 126 45.04 -45.36 -6.92
C TYR B 126 45.54 -46.10 -5.68
N ARG B 127 44.70 -47.00 -5.18
CA ARG B 127 44.96 -47.72 -3.94
C ARG B 127 45.35 -49.17 -4.23
N ARG B 128 46.01 -49.78 -3.25
CA ARG B 128 46.49 -51.15 -3.35
C ARG B 128 46.48 -51.75 -1.95
N TYR B 129 47.14 -52.90 -1.79
CA TYR B 129 47.10 -53.67 -0.55
C TYR B 129 48.00 -53.02 0.50
N GLY B 130 47.59 -51.85 0.97
CA GLY B 130 48.25 -51.17 2.07
C GLY B 130 49.71 -50.82 1.82
N ASP B 131 49.95 -49.89 0.89
CA ASP B 131 51.30 -49.44 0.57
C ASP B 131 51.23 -47.93 0.33
N GLU B 132 52.32 -47.36 -0.18
CA GLU B 132 52.39 -45.92 -0.47
C GLU B 132 51.30 -45.53 -1.47
N GLU B 133 50.38 -44.67 -1.04
CA GLU B 133 49.21 -44.32 -1.82
C GLU B 133 49.17 -42.81 -2.06
N LEU B 134 48.74 -42.43 -3.26
CA LEU B 134 48.64 -41.03 -3.68
C LEU B 134 47.19 -40.68 -3.95
N HIS B 135 46.81 -39.47 -3.56
CA HIS B 135 45.51 -38.87 -3.86
C HIS B 135 45.73 -37.45 -4.38
N LEU B 136 44.67 -36.86 -4.92
CA LEU B 136 44.79 -35.52 -5.49
C LEU B 136 43.40 -34.94 -5.72
N CYS B 137 43.21 -33.69 -5.30
CA CYS B 137 42.04 -32.89 -5.59
C CYS B 137 42.44 -31.77 -6.55
N VAL B 138 41.72 -31.67 -7.66
CA VAL B 138 42.10 -30.80 -8.77
C VAL B 138 41.30 -29.50 -8.63
N SER B 139 41.93 -28.50 -8.02
CA SER B 139 41.50 -27.11 -8.07
C SER B 139 42.71 -26.27 -8.42
N ARG B 140 42.48 -24.97 -8.65
CA ARG B 140 43.58 -24.08 -9.02
C ARG B 140 44.63 -24.04 -7.91
N LYS B 141 44.18 -23.80 -6.67
CA LYS B 141 45.08 -23.81 -5.53
C LYS B 141 45.74 -25.19 -5.35
N HIS B 142 44.92 -26.24 -5.37
CA HIS B 142 45.44 -27.58 -5.11
C HIS B 142 46.34 -28.06 -6.24
N PHE B 143 45.97 -27.78 -7.49
CA PHE B 143 46.81 -28.17 -8.61
C PHE B 143 48.12 -27.39 -8.60
N ALA B 144 48.07 -26.12 -8.25
CA ALA B 144 49.29 -25.33 -8.16
C ALA B 144 50.21 -25.85 -7.07
N LEU B 145 49.65 -26.23 -5.92
CA LEU B 145 50.47 -26.67 -4.80
C LEU B 145 51.01 -28.08 -5.02
N GLU B 146 50.11 -29.05 -5.14
CA GLU B 146 50.51 -30.45 -5.20
C GLU B 146 51.28 -30.81 -6.47
N ARG B 147 51.15 -30.03 -7.54
CA ARG B 147 51.82 -30.30 -8.81
C ARG B 147 51.45 -31.69 -9.33
N GLY B 148 50.16 -31.88 -9.57
CA GLY B 148 49.69 -33.15 -10.10
C GLY B 148 49.91 -34.27 -9.11
N CYS B 149 50.58 -35.33 -9.55
CA CYS B 149 50.82 -36.49 -8.71
C CYS B 149 52.06 -37.22 -9.21
N ARG B 150 52.59 -38.11 -8.38
CA ARG B 150 53.77 -38.90 -8.72
C ARG B 150 53.62 -40.28 -8.11
N LEU B 151 53.57 -41.30 -8.95
CA LEU B 151 53.35 -42.68 -8.54
C LEU B 151 54.64 -43.48 -8.63
N ARG B 152 54.58 -44.70 -8.11
CA ARG B 152 55.69 -45.64 -8.11
C ARG B 152 55.22 -46.98 -8.65
N GLY B 153 56.19 -47.84 -8.98
CA GLY B 153 55.88 -49.14 -9.55
C GLY B 153 55.23 -49.02 -10.91
N LEU B 154 56.00 -48.54 -11.90
CA LEU B 154 55.48 -48.18 -13.21
C LEU B 154 55.79 -49.29 -14.20
N SER B 155 54.75 -49.80 -14.85
CA SER B 155 54.89 -50.76 -15.93
C SER B 155 53.58 -50.79 -16.70
N PRO B 156 53.57 -51.35 -17.91
CA PRO B 156 52.29 -51.51 -18.61
C PRO B 156 51.37 -52.45 -17.87
N GLY B 157 50.28 -51.91 -17.33
CA GLY B 157 49.34 -52.71 -16.60
C GLY B 157 48.16 -51.90 -16.14
N ASN B 158 47.33 -52.51 -15.29
CA ASN B 158 46.15 -51.83 -14.77
C ASN B 158 46.54 -50.83 -13.68
N TYR B 159 45.77 -49.74 -13.60
CA TYR B 159 45.98 -48.70 -12.60
C TYR B 159 44.64 -48.17 -12.14
N SER B 160 44.38 -48.27 -10.84
CA SER B 160 43.09 -47.90 -10.28
C SER B 160 42.94 -46.38 -10.29
N VAL B 161 41.81 -45.91 -10.83
CA VAL B 161 41.46 -44.50 -10.83
C VAL B 161 39.95 -44.40 -10.60
N ARG B 162 39.54 -43.49 -9.72
CA ARG B 162 38.13 -43.33 -9.43
C ARG B 162 37.40 -42.76 -10.66
N ILE B 163 36.13 -43.12 -10.79
CA ILE B 163 35.33 -42.83 -11.97
C ILE B 163 34.10 -42.02 -11.56
N ARG B 164 33.82 -40.97 -12.32
CA ARG B 164 32.58 -40.21 -12.15
C ARG B 164 32.40 -39.34 -13.40
N ALA B 165 31.14 -39.15 -13.78
CA ALA B 165 30.80 -38.39 -14.97
C ALA B 165 30.97 -36.89 -14.72
N THR B 166 31.29 -36.17 -15.80
CA THR B 166 31.51 -34.73 -15.76
C THR B 166 30.53 -34.04 -16.70
N SER B 167 29.85 -33.02 -16.19
CA SER B 167 28.88 -32.28 -17.00
C SER B 167 28.75 -30.88 -16.43
N LEU B 168 29.47 -29.93 -17.02
CA LEU B 168 29.28 -28.50 -16.74
C LEU B 168 28.36 -27.87 -17.78
N ALA B 169 28.82 -27.81 -19.04
CA ALA B 169 27.97 -27.46 -20.17
C ALA B 169 28.29 -28.33 -21.38
N GLY B 170 28.88 -29.51 -21.16
CA GLY B 170 29.44 -30.34 -22.22
C GLY B 170 30.95 -30.23 -22.24
N ASN B 171 31.64 -31.20 -21.66
CA ASN B 171 33.09 -31.17 -21.56
C ASN B 171 33.71 -31.83 -22.80
N GLY B 172 35.03 -31.69 -22.91
CA GLY B 172 35.78 -32.25 -24.02
C GLY B 172 36.78 -33.33 -23.62
N SER B 173 36.98 -33.49 -22.31
CA SER B 173 37.86 -34.54 -21.79
C SER B 173 37.33 -35.00 -20.44
N TRP B 174 37.17 -36.31 -20.27
CA TRP B 174 36.34 -36.88 -19.21
C TRP B 174 37.04 -38.02 -18.48
N THR B 175 36.35 -38.62 -17.53
CA THR B 175 36.77 -39.84 -16.84
C THR B 175 35.89 -40.99 -17.33
N GLU B 176 36.53 -42.10 -17.66
CA GLU B 176 35.88 -43.24 -18.28
C GLU B 176 35.51 -44.30 -17.25
N PRO B 177 34.54 -45.16 -17.54
CA PRO B 177 34.15 -46.22 -16.58
C PRO B 177 34.87 -47.55 -16.75
N THR B 178 35.77 -47.67 -17.72
CA THR B 178 36.35 -48.95 -18.08
C THR B 178 37.44 -49.35 -17.08
N TYR B 179 37.69 -50.65 -17.02
CA TYR B 179 38.86 -51.20 -16.31
C TYR B 179 40.09 -50.82 -17.12
N PHE B 180 40.78 -49.77 -16.69
CA PHE B 180 41.83 -49.13 -17.49
C PHE B 180 43.01 -50.07 -17.65
N TYR B 181 43.45 -50.25 -18.89
CA TYR B 181 44.72 -50.91 -19.20
C TYR B 181 45.79 -49.86 -19.47
N VAL B 182 46.93 -50.32 -19.95
CA VAL B 182 47.99 -49.46 -20.49
C VAL B 182 48.39 -50.08 -21.82
N THR B 183 47.78 -49.60 -22.91
CA THR B 183 48.08 -50.04 -24.26
C THR B 183 48.78 -48.92 -25.04
N ASP B 184 49.70 -48.22 -24.36
CA ASP B 184 50.54 -47.19 -24.96
C ASP B 184 49.75 -45.93 -25.33
N TYR B 185 48.73 -45.59 -24.53
CA TYR B 185 48.11 -44.27 -24.54
C TYR B 185 47.56 -43.91 -25.93
N LEU B 186 46.49 -44.61 -26.31
CA LEU B 186 45.73 -44.11 -27.44
C LEU B 186 45.13 -42.76 -27.06
N ASP B 187 44.12 -42.77 -26.19
CA ASP B 187 43.72 -41.59 -25.43
C ASP B 187 43.63 -41.92 -23.94
N VAL B 188 42.95 -43.03 -23.65
CA VAL B 188 42.51 -43.40 -22.29
C VAL B 188 43.53 -44.16 -21.45
N PRO B 189 44.20 -45.20 -21.95
CA PRO B 189 44.83 -46.18 -21.03
C PRO B 189 45.81 -45.61 -20.02
N SER B 190 46.85 -44.92 -20.46
CA SER B 190 47.81 -44.33 -19.53
C SER B 190 47.31 -43.04 -18.91
N ASN B 191 46.83 -42.11 -19.74
CA ASN B 191 46.27 -40.85 -19.27
C ASN B 191 44.74 -40.99 -19.26
N ILE B 192 44.14 -40.88 -18.07
CA ILE B 192 42.72 -41.19 -17.92
C ILE B 192 41.86 -40.20 -18.68
N ALA B 193 42.32 -38.96 -18.83
CA ALA B 193 41.54 -37.94 -19.50
C ALA B 193 41.40 -38.27 -20.99
N LYS B 194 40.38 -37.68 -21.62
CA LYS B 194 40.10 -37.90 -23.03
C LYS B 194 39.75 -39.35 -23.30
N HIS C 1 7.30 33.90 62.55
CA HIS C 1 6.92 35.29 62.69
C HIS C 1 8.08 36.10 63.30
N LEU C 2 7.81 37.36 63.63
CA LEU C 2 8.80 38.24 64.26
C LEU C 2 9.97 38.53 63.31
N TYR C 3 9.65 38.73 62.02
CA TYR C 3 10.63 39.04 60.99
C TYR C 3 10.44 40.47 60.49
N PRO C 4 11.48 41.13 59.98
CA PRO C 4 11.30 42.45 59.38
C PRO C 4 10.95 42.32 57.89
N GLY C 5 10.58 43.45 57.30
CA GLY C 5 10.33 43.48 55.88
C GLY C 5 9.11 42.67 55.47
N GLU C 6 8.95 42.54 54.16
CA GLU C 6 7.82 41.82 53.57
C GLU C 6 8.22 40.36 53.36
N VAL C 7 7.53 39.46 54.06
CA VAL C 7 7.73 38.02 53.87
C VAL C 7 6.95 37.62 52.63
N CYS C 8 7.62 37.61 51.48
CA CYS C 8 6.98 37.48 50.18
C CYS C 8 7.04 36.05 49.66
N PRO C 9 5.91 35.40 49.37
CA PRO C 9 5.99 34.13 48.62
C PRO C 9 6.44 34.33 47.18
N GLY C 10 6.51 33.25 46.40
CA GLY C 10 7.05 33.30 45.06
C GLY C 10 5.99 33.44 43.98
N MET C 11 6.46 33.88 42.80
CA MET C 11 5.63 34.01 41.62
C MET C 11 6.52 33.90 40.40
N ASP C 12 5.91 33.54 39.27
CA ASP C 12 6.65 33.28 38.05
C ASP C 12 6.92 34.57 37.27
N ILE C 13 7.86 34.48 36.32
CA ILE C 13 8.23 35.58 35.43
C ILE C 13 8.18 35.05 34.01
N ARG C 14 7.67 35.87 33.08
CA ARG C 14 7.33 35.36 31.76
C ARG C 14 7.23 36.43 30.68
N ASN C 15 7.86 36.17 29.54
CA ASN C 15 7.61 36.88 28.28
C ASN C 15 7.83 38.39 28.39
N ASN C 16 8.82 38.82 29.17
CA ASN C 16 9.14 40.25 29.27
C ASN C 16 10.64 40.37 29.55
N LEU C 17 11.14 41.60 29.45
CA LEU C 17 12.56 41.87 29.67
C LEU C 17 12.93 41.77 31.15
N THR C 18 12.30 42.61 31.99
CA THR C 18 12.54 42.60 33.42
C THR C 18 11.27 43.02 34.14
N ARG C 19 10.91 42.28 35.19
CA ARG C 19 9.81 42.63 36.08
C ARG C 19 10.23 42.48 37.53
N LEU C 20 11.49 42.79 37.82
CA LEU C 20 12.03 42.81 39.18
C LEU C 20 12.13 44.21 39.77
N HIS C 21 11.95 45.26 38.95
CA HIS C 21 11.99 46.62 39.47
C HIS C 21 10.85 46.88 40.45
N GLU C 22 9.75 46.15 40.32
CA GLU C 22 8.66 46.27 41.29
C GLU C 22 9.13 45.91 42.70
N LEU C 23 10.01 44.92 42.81
CA LEU C 23 10.53 44.52 44.12
C LEU C 23 11.43 45.60 44.67
N GLU C 24 11.00 46.21 45.79
CA GLU C 24 11.83 47.17 46.51
C GLU C 24 11.77 46.97 48.03
N ASN C 25 10.94 46.02 48.51
CA ASN C 25 10.77 45.80 49.95
C ASN C 25 10.85 44.35 50.38
N CYS C 26 10.70 43.38 49.47
CA CYS C 26 10.76 41.97 49.86
C CYS C 26 12.16 41.62 50.34
N SER C 27 12.29 41.38 51.65
CA SER C 27 13.54 40.96 52.26
C SER C 27 13.57 39.47 52.60
N VAL C 28 12.47 38.74 52.38
CA VAL C 28 12.41 37.30 52.60
C VAL C 28 11.57 36.69 51.49
N ILE C 29 12.13 35.68 50.82
CA ILE C 29 11.44 34.95 49.76
C ILE C 29 11.18 33.54 50.27
N GLU C 30 9.91 33.20 50.47
CA GLU C 30 9.53 31.85 50.87
C GLU C 30 9.30 30.94 49.68
N GLY C 31 8.97 31.49 48.52
CA GLY C 31 8.74 30.72 47.32
C GLY C 31 10.02 30.46 46.55
N HIS C 32 9.87 30.22 45.26
CA HIS C 32 10.99 29.99 44.36
C HIS C 32 10.71 30.73 43.06
N LEU C 33 11.56 31.70 42.74
CA LEU C 33 11.38 32.52 41.53
C LEU C 33 11.69 31.69 40.30
N GLN C 34 10.65 31.35 39.55
CA GLN C 34 10.78 30.56 38.34
C GLN C 34 10.91 31.46 37.11
N ILE C 35 11.54 30.93 36.07
CA ILE C 35 11.69 31.59 34.79
C ILE C 35 11.13 30.68 33.72
N LEU C 36 10.17 31.18 32.95
CA LEU C 36 9.44 30.36 31.97
C LEU C 36 9.22 31.14 30.68
N LEU C 37 9.30 30.43 29.56
CA LEU C 37 8.94 30.96 28.26
C LEU C 37 9.77 32.18 27.88
N MET C 38 11.03 32.20 28.32
CA MET C 38 11.95 33.28 28.00
C MET C 38 12.80 32.89 26.78
N PHE C 39 12.13 32.83 25.64
CA PHE C 39 12.77 32.41 24.40
C PHE C 39 13.58 33.52 23.74
N LYS C 40 13.44 34.78 24.17
CA LYS C 40 14.09 35.90 23.51
C LYS C 40 14.68 36.91 24.48
N THR C 41 14.99 36.51 25.72
CA THR C 41 15.56 37.43 26.69
C THR C 41 17.03 37.70 26.35
N ARG C 42 17.37 39.01 26.22
CA ARG C 42 18.72 39.43 25.91
C ARG C 42 19.50 39.73 27.19
N PRO C 43 20.84 39.64 27.18
CA PRO C 43 21.56 39.77 28.46
C PRO C 43 21.66 41.21 28.95
N GLU C 44 21.71 42.18 28.04
CA GLU C 44 22.06 43.56 28.41
C GLU C 44 21.11 44.16 29.43
N ASP C 45 19.85 43.74 29.46
CA ASP C 45 18.87 44.33 30.36
C ASP C 45 18.95 43.77 31.78
N PHE C 46 19.65 42.66 31.99
CA PHE C 46 19.74 42.02 33.30
C PHE C 46 20.97 42.42 34.09
N ARG C 47 21.76 43.39 33.60
CA ARG C 47 22.99 43.77 34.31
C ARG C 47 22.70 44.41 35.65
N ASP C 48 21.52 45.01 35.83
CA ASP C 48 21.13 45.63 37.09
C ASP C 48 19.71 45.19 37.44
N LEU C 49 19.53 44.75 38.69
CA LEU C 49 18.24 44.31 39.20
C LEU C 49 18.06 44.92 40.59
N SER C 50 16.89 44.67 41.20
CA SER C 50 16.51 45.30 42.45
C SER C 50 16.10 44.24 43.47
N PHE C 51 16.70 44.31 44.66
CA PHE C 51 16.27 43.52 45.80
C PHE C 51 16.92 44.12 47.06
N PRO C 52 16.17 44.41 48.14
CA PRO C 52 16.79 45.11 49.28
C PRO C 52 17.87 44.29 49.99
N LYS C 53 17.51 43.10 50.44
CA LYS C 53 18.43 42.20 51.14
C LYS C 53 17.72 40.86 51.25
N LEU C 54 18.35 39.91 51.95
CA LEU C 54 17.77 38.58 52.10
C LEU C 54 18.08 38.03 53.48
N ILE C 55 17.08 37.43 54.11
CA ILE C 55 17.28 36.72 55.36
C ILE C 55 17.59 35.25 55.10
N MET C 56 16.85 34.63 54.19
CA MET C 56 17.08 33.23 53.85
C MET C 56 16.27 32.89 52.60
N ILE C 57 16.62 31.75 52.00
CA ILE C 57 15.89 31.18 50.88
C ILE C 57 15.34 29.83 51.30
N THR C 58 14.05 29.62 51.01
CA THR C 58 13.33 28.46 51.49
C THR C 58 13.22 27.35 50.45
N ASP C 59 12.74 27.66 49.25
CA ASP C 59 12.43 26.65 48.25
C ASP C 59 13.59 26.47 47.26
N TYR C 60 13.42 25.50 46.37
CA TYR C 60 14.44 25.15 45.38
C TYR C 60 14.55 26.26 44.33
N LEU C 61 15.40 26.01 43.33
CA LEU C 61 15.59 26.92 42.20
C LEU C 61 15.61 26.11 40.92
N LEU C 62 14.88 26.61 39.92
CA LEU C 62 14.77 25.95 38.62
C LEU C 62 14.87 27.02 37.54
N LEU C 63 15.84 26.87 36.65
CA LEU C 63 16.11 27.82 35.57
C LEU C 63 15.96 27.09 34.24
N PHE C 64 15.27 27.72 33.29
CA PHE C 64 14.74 26.98 32.14
C PHE C 64 14.42 27.90 30.97
N ARG C 65 15.11 27.67 29.84
CA ARG C 65 14.83 28.32 28.56
C ARG C 65 14.92 29.85 28.69
N VAL C 66 16.14 30.31 28.94
CA VAL C 66 16.46 31.73 28.98
C VAL C 66 17.66 31.97 28.08
N TYR C 67 17.60 33.03 27.27
CA TYR C 67 18.62 33.37 26.29
C TYR C 67 19.62 34.40 26.79
N GLY C 68 19.19 35.32 27.66
CA GLY C 68 20.06 36.35 28.19
C GLY C 68 20.75 35.93 29.48
N LEU C 69 20.55 36.71 30.54
CA LEU C 69 21.11 36.43 31.86
C LEU C 69 22.63 36.39 31.83
N GLU C 70 23.24 37.54 31.51
CA GLU C 70 24.66 37.71 31.76
C GLU C 70 24.96 38.02 33.22
N SER C 71 23.94 38.34 34.01
CA SER C 71 24.16 38.68 35.41
C SER C 71 22.86 38.52 36.21
N LEU C 72 22.90 37.61 37.19
CA LEU C 72 21.84 37.44 38.18
C LEU C 72 22.45 37.51 39.58
N LYS C 73 23.31 38.51 39.78
CA LYS C 73 24.13 38.65 40.97
C LYS C 73 23.69 39.80 41.87
N ASP C 74 22.52 40.39 41.60
CA ASP C 74 21.98 41.49 42.40
C ASP C 74 20.70 41.12 43.15
N LEU C 75 20.30 39.85 43.12
CA LEU C 75 18.98 39.48 43.61
C LEU C 75 19.00 39.02 45.07
N PHE C 76 20.01 38.23 45.46
CA PHE C 76 20.07 37.62 46.78
C PHE C 76 21.43 37.89 47.42
N PRO C 77 21.64 39.11 47.90
CA PRO C 77 22.80 39.39 48.75
C PRO C 77 22.49 39.05 50.21
N ASN C 78 23.56 38.95 50.99
CA ASN C 78 23.45 38.66 52.42
C ASN C 78 22.73 37.34 52.66
N LEU C 79 23.27 36.28 52.08
CA LEU C 79 22.64 34.97 52.12
C LEU C 79 22.99 34.24 53.41
N THR C 80 22.02 33.47 53.92
CA THR C 80 22.14 32.74 55.18
C THR C 80 21.92 31.23 55.02
N VAL C 81 20.96 30.82 54.21
CA VAL C 81 20.69 29.38 54.02
C VAL C 81 19.82 29.18 52.79
N ILE C 82 20.09 28.11 52.05
CA ILE C 82 19.32 27.74 50.88
C ILE C 82 19.11 26.24 50.89
N ARG C 83 17.90 25.81 50.58
CA ARG C 83 17.57 24.40 50.49
C ARG C 83 16.39 24.24 49.54
N GLY C 84 16.34 23.07 48.90
CA GLY C 84 15.18 22.73 48.09
C GLY C 84 14.12 22.07 48.94
N SER C 85 13.15 22.87 49.40
CA SER C 85 12.04 22.30 50.16
C SER C 85 11.19 21.40 49.29
N ARG C 86 10.59 21.95 48.25
CA ARG C 86 10.10 21.15 47.15
C ARG C 86 11.28 20.81 46.24
N LEU C 87 11.15 19.70 45.51
CA LEU C 87 12.27 19.17 44.73
C LEU C 87 11.74 18.81 43.33
N PHE C 88 12.13 19.62 42.35
CA PHE C 88 11.87 19.32 40.94
C PHE C 88 13.00 18.42 40.46
N PHE C 89 12.68 17.17 40.18
CA PHE C 89 13.67 16.15 39.83
C PHE C 89 14.69 15.95 40.94
N ASN C 90 14.25 16.04 42.20
CA ASN C 90 14.99 15.63 43.39
C ASN C 90 16.22 16.49 43.68
N TYR C 91 16.44 17.58 42.96
CA TYR C 91 17.65 18.39 43.09
C TYR C 91 17.32 19.76 43.68
N ALA C 92 18.22 20.25 44.52
CA ALA C 92 18.03 21.58 45.11
C ALA C 92 18.08 22.67 44.04
N LEU C 93 18.98 22.54 43.08
CA LEU C 93 19.12 23.46 41.96
C LEU C 93 19.01 22.70 40.66
N VAL C 94 18.27 23.25 39.70
CA VAL C 94 18.11 22.63 38.39
C VAL C 94 18.28 23.66 37.29
N ILE C 95 19.46 23.70 36.68
CA ILE C 95 19.70 24.50 35.48
C ILE C 95 19.66 23.55 34.30
N PHE C 96 18.64 23.69 33.45
CA PHE C 96 18.42 22.74 32.37
C PHE C 96 17.69 23.43 31.22
N GLU C 97 18.14 23.16 30.00
CA GLU C 97 17.48 23.65 28.78
C GLU C 97 17.44 25.18 28.75
N MET C 98 18.59 25.79 29.05
CA MET C 98 18.79 27.22 28.93
C MET C 98 20.17 27.45 28.31
N VAL C 99 20.61 28.70 28.25
CA VAL C 99 21.90 29.05 27.66
C VAL C 99 22.44 30.33 28.29
N HIS C 100 23.77 30.37 28.43
CA HIS C 100 24.53 31.59 28.68
C HIS C 100 24.10 32.28 29.99
N LEU C 101 24.34 31.58 31.10
CA LEU C 101 24.19 32.15 32.44
C LEU C 101 25.58 32.57 32.91
N LYS C 102 26.03 33.75 32.46
CA LYS C 102 27.41 34.15 32.69
C LYS C 102 27.71 34.33 34.18
N GLU C 103 26.79 34.96 34.91
CA GLU C 103 26.97 35.27 36.32
C GLU C 103 25.66 35.12 37.05
N LEU C 104 25.75 34.71 38.32
CA LEU C 104 24.59 34.58 39.20
C LEU C 104 24.98 34.98 40.61
N GLY C 105 23.97 35.05 41.48
CA GLY C 105 24.19 35.41 42.88
C GLY C 105 24.58 34.22 43.73
N LEU C 106 23.89 34.04 44.86
CA LEU C 106 24.10 32.91 45.75
C LEU C 106 25.53 32.88 46.30
N TYR C 107 26.10 34.05 46.59
CA TYR C 107 27.53 34.16 46.87
C TYR C 107 27.85 34.12 48.36
N ASN C 108 26.89 33.80 49.22
CA ASN C 108 27.17 33.54 50.64
C ASN C 108 26.34 32.37 51.13
N LEU C 109 26.26 31.31 50.33
CA LEU C 109 25.50 30.13 50.72
C LEU C 109 26.20 29.40 51.84
N MET C 110 25.44 29.00 52.87
CA MET C 110 25.99 28.34 54.04
C MET C 110 25.77 26.84 54.07
N ASN C 111 24.62 26.36 53.61
CA ASN C 111 24.34 24.92 53.69
C ASN C 111 23.13 24.59 52.84
N ILE C 112 23.16 23.40 52.25
CA ILE C 112 22.00 22.80 51.59
C ILE C 112 21.87 21.39 52.17
N THR C 113 21.07 21.26 53.23
CA THR C 113 20.98 20.00 53.95
C THR C 113 20.24 18.92 53.19
N ARG C 114 19.48 19.27 52.15
CA ARG C 114 18.76 18.28 51.34
C ARG C 114 18.67 18.78 49.90
N GLY C 115 19.14 17.94 48.98
CA GLY C 115 19.09 18.25 47.56
C GLY C 115 20.41 18.75 47.01
N SER C 116 20.89 18.11 45.94
CA SER C 116 22.11 18.51 45.26
C SER C 116 21.77 19.47 44.12
N VAL C 117 22.80 19.94 43.43
CA VAL C 117 22.66 20.91 42.35
C VAL C 117 23.01 20.24 41.02
N ARG C 118 22.16 20.46 40.01
CA ARG C 118 22.40 19.99 38.65
C ARG C 118 22.47 21.20 37.73
N ILE C 119 23.51 21.22 36.88
CA ILE C 119 23.75 22.30 35.94
C ILE C 119 23.92 21.69 34.56
N GLU C 120 23.26 22.28 33.57
CA GLU C 120 23.29 21.76 32.20
C GLU C 120 23.05 22.89 31.21
N LYS C 121 23.77 22.83 30.09
CA LYS C 121 23.62 23.78 28.99
C LYS C 121 23.84 25.23 29.45
N ASN C 122 25.07 25.49 29.86
CA ASN C 122 25.54 26.84 30.17
C ASN C 122 26.83 27.07 29.40
N ASN C 123 26.69 27.58 28.18
CA ASN C 123 27.87 27.87 27.35
C ASN C 123 28.75 28.93 28.00
N GLU C 124 28.14 29.89 28.70
CA GLU C 124 28.86 30.89 29.48
C GLU C 124 28.46 30.73 30.93
N LEU C 125 29.42 30.39 31.79
CA LEU C 125 29.24 30.41 33.24
C LEU C 125 30.61 30.19 33.88
N CYS C 126 30.98 31.07 34.80
CA CYS C 126 32.32 31.15 35.35
C CYS C 126 32.31 30.97 36.85
N TYR C 127 33.51 30.76 37.40
CA TYR C 127 33.79 30.82 38.83
C TYR C 127 33.12 29.69 39.61
N LEU C 128 32.71 28.62 38.95
CA LEU C 128 32.25 27.41 39.61
C LEU C 128 33.39 26.43 39.90
N ALA C 129 34.65 26.85 39.68
CA ALA C 129 35.82 26.02 39.95
C ALA C 129 36.58 26.42 41.20
N THR C 130 36.18 27.50 41.88
CA THR C 130 36.86 28.00 43.07
C THR C 130 35.88 28.20 44.21
N ILE C 131 35.02 27.21 44.46
CA ILE C 131 33.99 27.27 45.48
C ILE C 131 34.06 26.01 46.33
N ASP C 132 33.56 26.11 47.56
CA ASP C 132 33.49 24.97 48.46
C ASP C 132 32.64 23.86 47.84
N TRP C 133 33.14 22.63 47.93
CA TRP C 133 32.53 21.49 47.24
C TRP C 133 31.64 20.68 48.17
N SER C 134 32.20 20.16 49.27
CA SER C 134 31.48 19.28 50.19
C SER C 134 30.85 20.01 51.36
N ARG C 135 31.25 21.27 51.62
CA ARG C 135 30.71 22.00 52.76
C ARG C 135 29.29 22.51 52.53
N ILE C 136 28.77 22.44 51.30
CA ILE C 136 27.50 23.06 50.94
C ILE C 136 26.48 22.01 50.52
N LEU C 137 26.94 20.90 49.97
CA LEU C 137 26.09 19.85 49.44
C LEU C 137 25.97 18.72 50.45
N ASP C 138 24.74 18.36 50.82
CA ASP C 138 24.51 17.23 51.71
C ASP C 138 24.77 15.90 51.00
N SER C 139 24.54 15.84 49.69
CA SER C 139 24.74 14.65 48.88
C SER C 139 25.74 15.00 47.78
N VAL C 140 27.02 14.70 48.03
CA VAL C 140 28.06 15.02 47.06
C VAL C 140 27.97 14.16 45.81
N GLU C 141 27.52 12.91 45.94
CA GLU C 141 27.44 12.02 44.79
C GLU C 141 26.47 12.54 43.73
N ASP C 142 25.34 13.12 44.14
CA ASP C 142 24.35 13.64 43.22
C ASP C 142 24.73 15.02 42.66
N ASN C 143 25.92 15.52 42.95
CA ASN C 143 26.35 16.81 42.41
C ASN C 143 26.68 16.66 40.93
N TYR C 144 26.02 17.47 40.10
CA TYR C 144 26.24 17.52 38.65
C TYR C 144 26.55 18.97 38.28
N ILE C 145 27.83 19.34 38.38
CA ILE C 145 28.33 20.64 37.96
C ILE C 145 29.13 20.38 36.69
N VAL C 146 28.57 20.74 35.54
CA VAL C 146 29.18 20.40 34.25
C VAL C 146 28.68 21.41 33.22
N LEU C 147 29.44 21.53 32.12
CA LEU C 147 29.12 22.43 31.02
C LEU C 147 29.07 23.88 31.49
N ASN C 148 30.21 24.35 31.99
CA ASN C 148 30.43 25.74 32.38
C ASN C 148 31.69 26.26 31.69
N LYS C 149 31.73 27.57 31.46
CA LYS C 149 32.87 28.21 30.82
C LYS C 149 34.16 28.06 31.61
N ASP C 150 34.11 28.28 32.92
CA ASP C 150 35.29 28.02 33.75
C ASP C 150 35.64 26.55 33.76
N ASP C 151 34.62 25.68 33.76
CA ASP C 151 34.86 24.24 33.74
C ASP C 151 35.50 23.77 32.45
N ASN C 152 35.46 24.57 31.38
CA ASN C 152 36.18 24.27 30.15
C ASN C 152 37.62 24.76 30.17
N GLU C 153 38.12 25.23 31.32
CA GLU C 153 39.48 25.78 31.44
C GLU C 153 39.70 26.93 30.45
N GLU C 154 38.72 27.84 30.42
CA GLU C 154 38.77 29.04 29.60
C GLU C 154 38.54 30.33 30.36
N CYS C 155 37.90 30.29 31.54
CA CYS C 155 37.56 31.46 32.32
C CYS C 155 38.54 31.56 33.48
N GLY C 156 39.34 32.63 33.49
CA GLY C 156 40.22 32.90 34.61
C GLY C 156 39.44 33.10 35.88
N ASP C 157 39.77 32.34 36.93
CA ASP C 157 39.02 32.39 38.18
C ASP C 157 39.43 33.61 39.01
N ILE C 158 39.16 34.81 38.50
CA ILE C 158 39.40 36.02 39.28
C ILE C 158 38.45 36.04 40.47
N CYS C 159 38.97 36.39 41.63
CA CYS C 159 38.19 36.32 42.86
C CYS C 159 38.83 37.25 43.89
N PRO C 160 38.14 37.50 45.02
CA PRO C 160 38.75 38.31 46.08
C PRO C 160 39.99 37.66 46.68
N GLY C 161 40.65 38.37 47.58
CA GLY C 161 41.94 37.96 48.10
C GLY C 161 43.12 38.43 47.27
N THR C 162 42.88 38.89 46.04
CA THR C 162 43.92 39.41 45.17
C THR C 162 43.73 40.88 44.87
N ALA C 163 42.58 41.28 44.30
CA ALA C 163 42.34 42.67 43.93
C ALA C 163 40.92 43.16 44.19
N LYS C 164 40.03 42.35 44.77
CA LYS C 164 38.64 42.72 44.98
C LYS C 164 38.45 43.22 46.42
N GLY C 165 37.20 43.50 46.78
CA GLY C 165 36.89 44.03 48.09
C GLY C 165 36.76 42.95 49.15
N LYS C 166 36.33 43.39 50.34
CA LYS C 166 36.17 42.53 51.50
C LYS C 166 34.69 42.47 51.87
N THR C 167 34.17 41.26 52.00
CA THR C 167 32.75 41.02 52.29
C THR C 167 32.61 39.95 53.37
N ASN C 168 33.38 40.11 54.46
CA ASN C 168 33.38 39.15 55.56
C ASN C 168 33.77 37.76 55.05
N CYS C 169 35.03 37.67 54.62
CA CYS C 169 35.57 36.51 53.92
C CYS C 169 36.52 35.70 54.80
N PRO C 170 36.02 34.82 55.67
CA PRO C 170 36.92 33.94 56.41
C PRO C 170 37.50 32.86 55.50
N ALA C 171 38.66 32.35 55.92
CA ALA C 171 39.38 31.31 55.18
C ALA C 171 38.99 29.95 55.76
N THR C 172 38.17 29.20 55.03
CA THR C 172 37.72 27.88 55.43
C THR C 172 38.63 26.81 54.84
N VAL C 173 38.51 25.60 55.39
CA VAL C 173 39.37 24.48 55.05
C VAL C 173 38.54 23.38 54.42
N ILE C 174 38.93 22.95 53.23
CA ILE C 174 38.37 21.76 52.58
C ILE C 174 39.48 20.78 52.21
N ASN C 175 40.70 21.29 51.98
CA ASN C 175 41.85 20.49 51.62
C ASN C 175 43.01 20.71 52.59
N GLY C 176 42.70 20.88 53.87
CA GLY C 176 43.69 21.10 54.90
C GLY C 176 44.07 22.57 55.08
N GLN C 177 44.33 23.26 53.99
CA GLN C 177 44.70 24.67 54.03
C GLN C 177 43.46 25.53 54.12
N PHE C 178 43.57 26.64 54.84
CA PHE C 178 42.47 27.59 54.97
C PHE C 178 42.42 28.42 53.69
N VAL C 179 41.58 27.97 52.75
CA VAL C 179 41.51 28.59 51.43
C VAL C 179 40.56 29.78 51.47
N GLU C 180 40.90 30.82 50.73
CA GLU C 180 40.04 31.98 50.55
C GLU C 180 39.05 31.73 49.42
N ARG C 181 38.15 30.78 49.67
CA ARG C 181 37.21 30.36 48.65
C ARG C 181 36.23 31.47 48.31
N CYS C 182 35.73 31.42 47.07
CA CYS C 182 34.88 32.47 46.51
C CYS C 182 33.74 31.82 45.74
N TRP C 183 32.88 32.66 45.18
CA TRP C 183 31.74 32.24 44.36
C TRP C 183 31.71 32.89 42.99
N THR C 184 32.04 34.17 42.88
CA THR C 184 31.97 34.91 41.63
C THR C 184 33.20 35.82 41.54
N HIS C 185 33.17 36.75 40.58
CA HIS C 185 34.35 37.57 40.31
C HIS C 185 34.71 38.47 41.47
N SER C 186 33.72 39.01 42.19
CA SER C 186 33.92 40.02 43.22
C SER C 186 33.10 39.71 44.45
N HIS C 187 33.08 38.44 44.87
CA HIS C 187 32.33 38.03 46.06
C HIS C 187 33.03 36.85 46.72
N CYS C 188 32.72 36.65 47.99
CA CYS C 188 33.25 35.55 48.79
C CYS C 188 32.11 34.89 49.56
N GLN C 189 32.30 33.61 49.86
CA GLN C 189 31.26 32.76 50.42
C GLN C 189 31.50 32.52 51.90
N LYS C 190 30.45 32.69 52.71
CA LYS C 190 30.45 32.29 54.11
C LYS C 190 29.78 30.92 54.21
N VAL C 191 30.53 29.94 54.73
CA VAL C 191 30.08 28.55 54.77
C VAL C 191 30.30 28.00 56.17
N CYS C 192 29.26 27.34 56.71
CA CYS C 192 29.34 26.69 58.00
C CYS C 192 30.06 25.34 57.87
N PRO C 193 30.55 24.78 58.97
CA PRO C 193 31.22 23.48 58.89
C PRO C 193 30.25 22.35 58.59
N THR C 194 30.81 21.22 58.17
CA THR C 194 30.05 20.01 57.93
C THR C 194 29.65 19.29 59.22
N ILE C 195 30.33 19.59 60.33
CA ILE C 195 30.09 18.85 61.57
C ILE C 195 28.68 19.12 62.11
N CYS C 196 28.29 20.40 62.16
CA CYS C 196 27.01 20.82 62.74
C CYS C 196 26.13 21.45 61.67
N LYS C 197 26.15 20.89 60.46
CA LYS C 197 25.35 21.41 59.36
C LYS C 197 23.85 21.28 59.60
N SER C 198 23.42 20.37 60.48
CA SER C 198 22.01 20.17 60.79
C SER C 198 21.53 21.09 61.91
N HIS C 199 22.38 21.98 62.42
CA HIS C 199 22.04 22.88 63.52
C HIS C 199 22.29 24.35 63.24
N GLY C 200 23.16 24.68 62.28
CA GLY C 200 23.43 26.06 61.92
C GLY C 200 24.59 26.64 62.71
N CYS C 201 25.26 27.60 62.09
CA CYS C 201 26.39 28.30 62.68
C CYS C 201 26.21 29.80 62.47
N THR C 202 26.73 30.58 63.42
CA THR C 202 26.60 32.03 63.39
C THR C 202 27.92 32.67 63.80
N ALA C 203 28.14 33.89 63.31
CA ALA C 203 29.32 34.65 63.72
C ALA C 203 29.24 35.07 65.18
N GLU C 204 28.03 35.11 65.75
CA GLU C 204 27.85 35.51 67.13
C GLU C 204 28.38 34.47 68.13
N GLY C 205 28.67 33.25 67.69
CA GLY C 205 29.20 32.25 68.58
C GLY C 205 29.46 30.91 67.91
N LEU C 206 29.23 29.83 68.65
CA LEU C 206 29.43 28.46 68.19
C LEU C 206 28.24 28.06 67.32
N CYS C 207 28.16 26.77 66.99
CA CYS C 207 27.00 26.23 66.30
C CYS C 207 25.71 26.55 67.06
N CYS C 208 24.69 26.96 66.32
CA CYS C 208 23.45 27.41 66.92
C CYS C 208 22.74 26.24 67.61
N HIS C 209 21.60 26.55 68.24
CA HIS C 209 20.78 25.53 68.88
C HIS C 209 20.38 24.47 67.86
N SER C 210 20.10 23.27 68.36
CA SER C 210 19.79 22.14 67.48
C SER C 210 18.56 22.43 66.61
N GLU C 211 17.60 23.19 67.13
CA GLU C 211 16.44 23.54 66.34
C GLU C 211 16.75 24.62 65.31
N CYS C 212 17.73 25.47 65.58
CA CYS C 212 18.15 26.46 64.59
C CYS C 212 18.74 25.78 63.36
N LEU C 213 18.98 26.59 62.33
CA LEU C 213 19.70 26.14 61.16
C LEU C 213 20.19 27.37 60.41
N GLY C 214 21.34 27.23 59.75
CA GLY C 214 21.88 28.30 58.94
C GLY C 214 22.47 29.44 59.74
N ASN C 215 21.62 30.19 60.43
CA ASN C 215 22.07 31.32 61.24
C ASN C 215 21.07 31.55 62.37
N CYS C 216 21.54 32.18 63.44
CA CYS C 216 20.70 32.46 64.59
C CYS C 216 21.24 33.70 65.30
N SER C 217 20.37 34.33 66.08
CA SER C 217 20.80 35.46 66.90
C SER C 217 21.76 35.01 67.99
N GLN C 218 21.38 33.96 68.72
CA GLN C 218 22.20 33.39 69.78
C GLN C 218 21.93 31.90 69.85
N PRO C 219 22.87 31.11 70.41
CA PRO C 219 22.64 29.67 70.50
C PRO C 219 21.84 29.28 71.73
N ASP C 220 21.54 27.99 71.86
CA ASP C 220 20.90 27.39 73.03
C ASP C 220 19.49 27.92 73.27
N ASP C 221 18.81 28.44 72.25
CA ASP C 221 17.45 28.95 72.37
C ASP C 221 16.71 28.72 71.06
N PRO C 222 15.57 28.01 71.06
CA PRO C 222 14.81 27.91 69.79
C PRO C 222 14.25 29.24 69.35
N THR C 223 13.93 30.14 70.28
CA THR C 223 13.36 31.43 69.91
C THR C 223 14.36 32.29 69.14
N LYS C 224 15.64 32.24 69.53
CA LYS C 224 16.64 33.08 68.90
C LYS C 224 16.93 32.70 67.46
N CYS C 225 16.51 31.51 67.03
CA CYS C 225 16.75 31.08 65.65
C CYS C 225 16.00 32.01 64.70
N VAL C 226 16.69 32.44 63.64
CA VAL C 226 16.02 33.12 62.54
C VAL C 226 15.53 32.10 61.52
N ALA C 227 16.18 30.95 61.43
CA ALA C 227 15.77 29.86 60.54
C ALA C 227 15.92 28.55 61.29
N CYS C 228 14.82 27.81 61.42
CA CYS C 228 14.78 26.55 62.15
C CYS C 228 14.55 25.40 61.20
N ARG C 229 15.37 24.34 61.32
CA ARG C 229 15.09 23.11 60.59
C ARG C 229 13.87 22.38 61.14
N ASN C 230 13.56 22.56 62.42
CA ASN C 230 12.31 22.10 62.99
C ASN C 230 11.22 23.13 62.72
N PHE C 231 9.99 22.79 63.11
CA PHE C 231 8.84 23.64 62.83
C PHE C 231 8.94 25.00 63.51
N TYR C 232 8.99 26.07 62.73
CA TYR C 232 8.94 27.42 63.27
C TYR C 232 7.49 27.87 63.41
N LEU C 233 7.21 28.61 64.48
CA LEU C 233 5.85 29.10 64.71
C LEU C 233 5.90 30.26 65.69
N ASP C 234 5.33 31.40 65.28
CA ASP C 234 5.08 32.56 66.12
C ASP C 234 6.32 33.06 66.85
N GLY C 235 7.51 32.79 66.32
CA GLY C 235 8.76 33.23 66.92
C GLY C 235 9.62 32.09 67.44
N ARG C 236 8.98 31.04 67.94
CA ARG C 236 9.67 29.91 68.57
C ARG C 236 9.77 28.75 67.59
N CYS C 237 10.37 27.65 68.06
CA CYS C 237 10.55 26.45 67.27
C CYS C 237 10.14 25.23 68.10
N VAL C 238 9.68 24.20 67.41
CA VAL C 238 9.17 22.99 68.06
C VAL C 238 9.30 21.84 67.07
N GLU C 239 9.35 20.62 67.59
CA GLU C 239 9.57 19.44 66.75
C GLU C 239 8.31 19.01 65.99
N THR C 240 7.12 19.27 66.53
CA THR C 240 5.87 18.90 65.88
C THR C 240 4.84 19.99 66.09
N CYS C 241 3.93 20.12 65.13
CA CYS C 241 2.89 21.14 65.20
C CYS C 241 1.75 20.68 66.11
N PRO C 242 0.99 21.61 66.69
CA PRO C 242 -0.20 21.21 67.44
C PRO C 242 -1.30 20.78 66.47
N PRO C 243 -2.25 19.97 66.91
CA PRO C 243 -3.32 19.50 65.99
C PRO C 243 -4.13 20.64 65.40
N PRO C 244 -4.34 21.74 66.13
CA PRO C 244 -4.94 22.93 65.48
C PRO C 244 -4.18 23.45 64.26
N TYR C 245 -2.87 23.22 64.17
CA TYR C 245 -2.06 23.72 63.06
C TYR C 245 -1.53 22.55 62.25
N TYR C 246 -1.82 22.55 60.95
CA TYR C 246 -1.25 21.54 60.08
C TYR C 246 0.21 21.88 59.77
N HIS C 247 0.96 20.85 59.38
CA HIS C 247 2.40 20.93 59.19
C HIS C 247 2.73 21.54 57.84
N PHE C 248 3.99 21.97 57.69
CA PHE C 248 4.52 22.46 56.43
C PHE C 248 6.02 22.13 56.38
N GLN C 249 6.33 20.98 55.78
CA GLN C 249 7.67 20.56 55.39
C GLN C 249 8.70 20.76 56.49
N ASP C 250 8.34 20.31 57.69
CA ASP C 250 9.25 20.29 58.83
C ASP C 250 9.67 21.68 59.29
N TRP C 251 9.05 22.74 58.74
CA TRP C 251 9.54 24.10 58.88
C TRP C 251 8.49 25.09 59.38
N ARG C 252 7.20 24.83 59.15
CA ARG C 252 6.16 25.75 59.60
C ARG C 252 4.92 25.00 60.07
N CYS C 253 4.11 25.70 60.85
CA CYS C 253 2.78 25.25 61.27
C CYS C 253 1.78 26.34 60.94
N VAL C 254 0.66 25.95 60.33
CA VAL C 254 -0.31 26.92 59.81
C VAL C 254 -1.71 26.49 60.22
N ASN C 255 -2.56 27.45 60.58
CA ASN C 255 -3.92 27.14 60.99
C ASN C 255 -4.69 26.48 59.85
N PHE C 256 -5.62 25.60 60.22
CA PHE C 256 -6.38 24.85 59.23
C PHE C 256 -7.21 25.74 58.31
N SER C 257 -7.50 26.98 58.72
CA SER C 257 -8.31 27.87 57.88
C SER C 257 -7.62 28.15 56.55
N PHE C 258 -6.29 28.14 56.52
CA PHE C 258 -5.55 28.45 55.30
C PHE C 258 -5.45 27.26 54.34
N CYS C 259 -5.95 26.09 54.73
CA CYS C 259 -6.01 24.91 53.87
C CYS C 259 -7.43 24.44 53.62
N GLN C 260 -8.26 24.34 54.65
CA GLN C 260 -9.60 23.77 54.49
C GLN C 260 -10.58 24.81 53.94
N ASP C 261 -10.81 25.88 54.69
CA ASP C 261 -11.80 26.88 54.32
C ASP C 261 -11.28 27.95 53.36
N LEU C 262 -9.97 27.96 53.08
CA LEU C 262 -9.43 28.96 52.18
C LEU C 262 -9.98 28.82 50.76
N HIS C 263 -10.11 27.58 50.29
CA HIS C 263 -10.47 27.31 48.91
C HIS C 263 -11.90 26.82 48.71
N HIS C 264 -12.58 26.39 49.78
CA HIS C 264 -13.96 25.95 49.65
C HIS C 264 -14.90 27.12 49.35
N LYS C 265 -14.51 28.34 49.74
CA LYS C 265 -15.37 29.50 49.55
C LYS C 265 -15.60 29.78 48.07
N CYS C 266 -14.59 29.56 47.23
CA CYS C 266 -14.59 29.99 45.84
C CYS C 266 -14.85 28.80 44.93
N LYS C 267 -15.78 28.98 43.99
CA LYS C 267 -16.01 28.06 42.89
C LYS C 267 -15.53 28.63 41.56
N ASN C 268 -15.88 29.88 41.27
CA ASN C 268 -15.38 30.56 40.07
C ASN C 268 -15.08 32.04 40.33
N SER C 269 -14.81 32.44 41.57
CA SER C 269 -14.64 33.84 41.93
C SER C 269 -13.43 34.06 42.84
N ARG C 270 -12.29 33.47 42.49
CA ARG C 270 -11.05 33.73 43.21
C ARG C 270 -9.89 33.21 42.37
N ARG C 271 -8.90 34.08 42.15
CA ARG C 271 -7.75 33.76 41.31
C ARG C 271 -6.59 33.28 42.18
N GLN C 272 -6.82 32.14 42.83
CA GLN C 272 -5.77 31.45 43.58
C GLN C 272 -5.74 29.94 43.36
N GLY C 273 -6.77 29.34 42.78
CA GLY C 273 -6.84 27.91 42.60
C GLY C 273 -7.72 27.28 43.66
N CYS C 274 -8.97 27.00 43.31
CA CYS C 274 -9.97 26.51 44.25
C CYS C 274 -10.16 25.01 43.99
N HIS C 275 -9.27 24.21 44.57
CA HIS C 275 -9.28 22.75 44.42
C HIS C 275 -9.65 22.02 45.70
N GLN C 276 -10.19 22.72 46.70
CA GLN C 276 -10.55 22.13 48.00
C GLN C 276 -9.31 21.49 48.64
N TYR C 277 -8.37 22.36 49.00
CA TYR C 277 -7.15 21.92 49.66
C TYR C 277 -7.47 21.13 50.92
N VAL C 278 -6.96 19.91 50.99
CA VAL C 278 -7.21 18.99 52.10
C VAL C 278 -5.87 18.68 52.78
N ILE C 279 -5.92 17.84 53.81
CA ILE C 279 -4.74 17.44 54.57
C ILE C 279 -4.62 15.93 54.51
N HIS C 280 -3.47 15.45 54.02
CA HIS C 280 -3.16 14.02 54.01
C HIS C 280 -1.64 13.90 53.94
N ASN C 281 -1.15 12.71 54.30
CA ASN C 281 0.29 12.47 54.39
C ASN C 281 0.96 13.43 55.37
N ASN C 282 0.20 13.86 56.39
CA ASN C 282 0.61 14.85 57.38
C ASN C 282 0.88 16.22 56.79
N LYS C 283 0.41 16.52 55.58
CA LYS C 283 0.67 17.79 54.92
C LYS C 283 -0.57 18.26 54.18
N CYS C 284 -0.67 19.57 53.99
CA CYS C 284 -1.76 20.15 53.20
C CYS C 284 -1.41 20.08 51.72
N ILE C 285 -2.34 19.55 50.93
CA ILE C 285 -2.16 19.34 49.50
C ILE C 285 -3.45 19.79 48.81
N PRO C 286 -3.41 20.26 47.54
CA PRO C 286 -4.67 20.58 46.85
C PRO C 286 -5.62 19.39 46.78
N GLU C 287 -5.15 18.26 46.26
CA GLU C 287 -5.96 17.06 46.17
C GLU C 287 -5.07 15.84 46.34
N CYS C 288 -5.66 14.74 46.82
CA CYS C 288 -4.96 13.49 47.08
C CYS C 288 -5.10 12.55 45.89
N PRO C 289 -4.20 11.57 45.74
CA PRO C 289 -4.31 10.64 44.61
C PRO C 289 -5.54 9.74 44.74
N SER C 290 -5.70 8.87 43.75
CA SER C 290 -6.79 7.91 43.78
C SER C 290 -6.57 6.89 44.89
N GLY C 291 -7.64 6.22 45.27
CA GLY C 291 -7.60 5.32 46.40
C GLY C 291 -7.70 6.00 47.75
N TYR C 292 -7.89 7.33 47.78
CA TYR C 292 -8.02 8.09 49.02
C TYR C 292 -9.13 9.11 48.81
N THR C 293 -10.27 8.89 49.48
CA THR C 293 -11.48 9.64 49.24
C THR C 293 -11.64 10.72 50.31
N MET C 294 -12.80 11.39 50.31
CA MET C 294 -13.18 12.36 51.32
C MET C 294 -14.39 11.84 52.08
N ASN C 295 -14.30 11.82 53.42
CA ASN C 295 -15.33 11.25 54.28
C ASN C 295 -15.80 12.20 55.38
N SER C 296 -14.89 13.00 55.93
CA SER C 296 -15.22 13.84 57.07
C SER C 296 -15.93 15.12 56.63
N SER C 297 -16.61 15.76 57.60
CA SER C 297 -17.27 17.03 57.32
C SER C 297 -16.25 18.13 57.01
N ASN C 298 -15.07 18.06 57.62
CA ASN C 298 -14.02 19.03 57.36
C ASN C 298 -13.37 18.85 55.99
N LEU C 299 -13.71 17.79 55.25
CA LEU C 299 -13.13 17.48 53.94
C LEU C 299 -11.61 17.29 54.06
N LEU C 300 -11.25 16.30 54.87
CA LEU C 300 -9.89 15.80 54.98
C LEU C 300 -9.81 14.46 54.26
N CYS C 301 -8.86 14.35 53.35
CA CYS C 301 -8.73 13.13 52.57
C CYS C 301 -8.28 11.98 53.45
N THR C 302 -9.00 10.88 53.38
CA THR C 302 -8.77 9.69 54.19
C THR C 302 -8.82 8.46 53.29
N PRO C 303 -8.11 7.39 53.65
CA PRO C 303 -8.06 6.23 52.74
C PRO C 303 -9.39 5.52 52.65
N CYS C 304 -9.63 4.92 51.48
CA CYS C 304 -10.78 4.07 51.22
C CYS C 304 -10.30 2.71 50.71
N LEU C 305 -11.17 1.72 50.83
CA LEU C 305 -10.79 0.33 50.58
C LEU C 305 -10.41 0.15 49.12
N GLY C 306 -9.12 -0.06 48.86
CA GLY C 306 -8.62 -0.26 47.52
C GLY C 306 -8.62 1.03 46.73
N PRO C 307 -8.37 0.95 45.43
CA PRO C 307 -8.55 2.13 44.56
C PRO C 307 -10.01 2.57 44.57
N CYS C 308 -10.20 3.89 44.55
CA CYS C 308 -11.52 4.50 44.58
C CYS C 308 -11.56 5.60 43.53
N PRO C 309 -12.75 5.98 43.05
CA PRO C 309 -12.82 7.00 42.00
C PRO C 309 -12.60 8.41 42.55
N LYS C 310 -12.40 9.38 41.65
CA LYS C 310 -12.22 10.77 42.01
C LYS C 310 -13.19 11.62 41.20
N VAL C 311 -13.93 12.48 41.89
CA VAL C 311 -14.81 13.46 41.25
C VAL C 311 -14.07 14.79 41.27
N CYS C 312 -13.57 15.21 40.12
CA CYS C 312 -12.65 16.33 40.01
C CYS C 312 -13.37 17.56 39.48
N HIS C 313 -13.24 18.67 40.21
CA HIS C 313 -13.74 19.98 39.76
C HIS C 313 -12.53 20.80 39.30
N LEU C 314 -12.43 21.03 37.99
CA LEU C 314 -11.30 21.73 37.42
C LEU C 314 -11.54 23.23 37.40
N LEU C 315 -10.45 23.98 37.22
CA LEU C 315 -10.55 25.42 37.11
C LEU C 315 -11.22 25.81 35.79
N GLU C 316 -12.21 26.69 35.87
CA GLU C 316 -12.99 27.24 34.77
C GLU C 316 -14.00 26.24 34.20
N GLY C 317 -14.00 24.98 34.66
CA GLY C 317 -14.92 24.00 34.10
C GLY C 317 -14.67 23.68 32.64
N GLU C 318 -13.48 23.95 32.13
CA GLU C 318 -13.14 23.70 30.73
C GLU C 318 -11.69 23.23 30.66
N LYS C 319 -11.44 22.18 29.88
CA LYS C 319 -10.10 21.66 29.67
C LYS C 319 -10.04 21.03 28.28
N THR C 320 -9.30 21.66 27.37
CA THR C 320 -9.13 21.14 26.02
C THR C 320 -7.96 20.17 26.01
N ILE C 321 -8.27 18.87 25.93
CA ILE C 321 -7.24 17.84 25.87
C ILE C 321 -6.74 17.72 24.44
N ASP C 322 -5.44 17.92 24.25
CA ASP C 322 -4.82 17.96 22.92
C ASP C 322 -3.82 16.85 22.70
N SER C 323 -3.85 15.79 23.51
CA SER C 323 -2.90 14.69 23.39
C SER C 323 -3.33 13.59 24.35
N VAL C 324 -2.76 12.41 24.15
CA VAL C 324 -3.06 11.29 25.05
C VAL C 324 -2.58 11.61 26.46
N THR C 325 -1.42 12.24 26.58
CA THR C 325 -0.95 12.68 27.89
C THR C 325 -1.78 13.82 28.44
N SER C 326 -2.36 14.66 27.59
CA SER C 326 -3.27 15.69 28.06
C SER C 326 -4.53 15.09 28.68
N ALA C 327 -4.90 13.87 28.29
CA ALA C 327 -5.96 13.14 28.97
C ALA C 327 -5.46 12.38 30.19
N GLN C 328 -4.23 11.86 30.15
CA GLN C 328 -3.64 11.25 31.33
C GLN C 328 -3.45 12.25 32.46
N GLU C 329 -3.39 13.55 32.13
CA GLU C 329 -3.37 14.59 33.16
C GLU C 329 -4.54 14.44 34.12
N LEU C 330 -5.73 14.18 33.59
CA LEU C 330 -6.94 13.97 34.38
C LEU C 330 -7.19 12.49 34.64
N ARG C 331 -6.13 11.69 34.65
CA ARG C 331 -6.27 10.27 34.95
C ARG C 331 -6.68 10.07 36.40
N GLY C 332 -7.57 9.10 36.62
CA GLY C 332 -8.15 8.87 37.92
C GLY C 332 -9.44 9.62 38.14
N CYS C 333 -9.60 10.79 37.52
CA CYS C 333 -10.84 11.55 37.59
C CYS C 333 -11.91 10.81 36.80
N THR C 334 -12.75 10.06 37.50
CA THR C 334 -13.75 9.23 36.85
C THR C 334 -14.93 10.03 36.34
N VAL C 335 -15.26 11.16 36.96
CA VAL C 335 -16.35 12.03 36.53
C VAL C 335 -15.82 13.46 36.50
N ILE C 336 -16.02 14.15 35.38
CA ILE C 336 -15.56 15.51 35.17
C ILE C 336 -16.77 16.40 34.93
N ASN C 337 -16.93 17.42 35.78
CA ASN C 337 -18.08 18.32 35.72
C ASN C 337 -17.72 19.58 34.93
N GLY C 338 -17.56 19.39 33.62
CA GLY C 338 -17.23 20.49 32.75
C GLY C 338 -17.04 20.00 31.33
N SER C 339 -16.58 20.91 30.47
CA SER C 339 -16.33 20.59 29.08
C SER C 339 -14.94 19.97 28.94
N LEU C 340 -14.85 18.90 28.15
CA LEU C 340 -13.59 18.24 27.83
C LEU C 340 -13.43 18.27 26.31
N ILE C 341 -12.88 19.37 25.81
CA ILE C 341 -12.73 19.57 24.37
C ILE C 341 -11.58 18.71 23.86
N ILE C 342 -11.76 18.13 22.68
CA ILE C 342 -10.75 17.30 22.03
C ILE C 342 -10.31 18.01 20.77
N ASN C 343 -9.07 18.47 20.77
CA ASN C 343 -8.41 19.08 19.61
C ASN C 343 -7.04 18.42 19.41
N ILE C 344 -6.98 17.10 19.60
CA ILE C 344 -5.72 16.39 19.66
C ILE C 344 -5.11 16.30 18.26
N ARG C 345 -3.87 16.75 18.14
CA ARG C 345 -3.13 16.75 16.88
C ARG C 345 -1.93 15.81 17.00
N GLY C 346 -1.75 14.96 16.00
CA GLY C 346 -0.67 13.99 16.01
C GLY C 346 -1.01 12.73 16.78
N GLY C 347 0.01 11.90 16.96
CA GLY C 347 -0.13 10.61 17.62
C GLY C 347 -0.32 9.50 16.62
N ASN C 348 -0.17 8.27 17.11
CA ASN C 348 -0.33 7.08 16.28
C ASN C 348 -0.87 5.95 17.15
N ASN C 349 -2.20 5.81 17.19
CA ASN C 349 -2.88 4.66 17.79
C ASN C 349 -2.54 4.48 19.27
N LEU C 350 -2.11 5.53 19.96
CA LEU C 350 -1.93 5.47 21.41
C LEU C 350 -3.24 5.65 22.17
N ALA C 351 -4.35 5.91 21.47
CA ALA C 351 -5.62 6.15 22.12
C ALA C 351 -6.18 4.93 22.83
N ALA C 352 -5.55 3.76 22.71
CA ALA C 352 -5.88 2.66 23.60
C ALA C 352 -5.76 3.09 25.06
N GLU C 353 -4.75 3.92 25.37
CA GLU C 353 -4.64 4.49 26.71
C GLU C 353 -5.88 5.29 27.07
N LEU C 354 -6.46 6.02 26.10
CA LEU C 354 -7.69 6.74 26.38
C LEU C 354 -8.81 5.78 26.73
N GLU C 355 -8.85 4.60 26.11
CA GLU C 355 -9.85 3.62 26.46
C GLU C 355 -9.69 3.16 27.91
N ALA C 356 -8.46 3.23 28.43
CA ALA C 356 -8.27 3.00 29.86
C ALA C 356 -8.70 4.23 30.68
N ASN C 357 -8.49 5.43 30.13
CA ASN C 357 -8.75 6.68 30.85
C ASN C 357 -10.09 7.30 30.46
N LEU C 358 -10.27 7.63 29.17
CA LEU C 358 -11.56 8.15 28.73
C LEU C 358 -12.64 7.08 28.80
N GLY C 359 -12.26 5.80 28.85
CA GLY C 359 -13.22 4.75 29.13
C GLY C 359 -13.71 4.72 30.56
N LEU C 360 -13.17 5.59 31.43
CA LEU C 360 -13.71 5.84 32.76
C LEU C 360 -14.35 7.21 32.89
N ILE C 361 -14.07 8.14 31.96
CA ILE C 361 -14.57 9.50 32.03
C ILE C 361 -16.03 9.49 31.57
N GLU C 362 -16.96 9.44 32.51
CA GLU C 362 -18.36 9.25 32.17
C GLU C 362 -19.01 10.55 31.70
N GLU C 363 -19.04 11.57 32.56
CA GLU C 363 -19.79 12.79 32.30
C GLU C 363 -18.87 13.90 31.81
N ILE C 364 -19.42 14.72 30.91
CA ILE C 364 -18.80 15.96 30.47
C ILE C 364 -19.89 17.02 30.55
N SER C 365 -19.95 17.73 31.67
CA SER C 365 -21.09 18.58 31.97
C SER C 365 -21.15 19.85 31.12
N GLY C 366 -20.09 20.17 30.37
CA GLY C 366 -20.04 21.37 29.57
C GLY C 366 -20.32 21.11 28.11
N TYR C 367 -20.19 22.18 27.31
CA TYR C 367 -20.35 22.05 25.87
C TYR C 367 -19.27 21.11 25.32
N LEU C 368 -19.69 20.23 24.40
CA LEU C 368 -18.84 19.15 23.89
C LEU C 368 -18.36 19.51 22.50
N LYS C 369 -17.22 20.20 22.44
CA LYS C 369 -16.55 20.53 21.18
C LYS C 369 -15.40 19.53 20.99
N ILE C 370 -15.61 18.55 20.11
CA ILE C 370 -14.68 17.47 19.89
C ILE C 370 -14.37 17.36 18.40
N ARG C 371 -13.09 17.35 18.06
CA ARG C 371 -12.63 17.15 16.70
C ARG C 371 -11.18 16.65 16.74
N ARG C 372 -10.64 16.35 15.57
CA ARG C 372 -9.24 15.93 15.42
C ARG C 372 -8.96 14.60 16.12
N SER C 373 -9.97 13.73 16.23
CA SER C 373 -9.79 12.41 16.86
C SER C 373 -9.19 11.47 15.83
N TYR C 374 -7.92 11.69 15.51
CA TYR C 374 -7.24 10.87 14.50
C TYR C 374 -7.08 9.44 14.97
N ALA C 375 -6.75 9.23 16.25
CA ALA C 375 -6.33 7.92 16.72
C ALA C 375 -7.46 6.89 16.61
N LEU C 376 -8.64 7.22 17.14
CA LEU C 376 -9.78 6.31 17.13
C LEU C 376 -10.67 6.63 15.94
N VAL C 377 -10.74 5.70 14.99
CA VAL C 377 -11.66 5.87 13.86
C VAL C 377 -13.10 5.79 14.33
N SER C 378 -13.37 4.96 15.34
CA SER C 378 -14.70 4.81 15.92
C SER C 378 -14.67 5.26 17.38
N LEU C 379 -15.76 5.88 17.82
CA LEU C 379 -15.88 6.39 19.18
C LEU C 379 -16.52 5.38 20.13
N SER C 380 -16.45 4.09 19.80
CA SER C 380 -17.08 3.03 20.57
C SER C 380 -16.11 2.32 21.51
N PHE C 381 -15.05 3.00 21.95
CA PHE C 381 -13.97 2.41 22.73
C PHE C 381 -13.83 3.05 24.11
N PHE C 382 -14.93 3.62 24.63
CA PHE C 382 -14.97 4.18 25.99
C PHE C 382 -16.11 3.51 26.72
N ARG C 383 -15.80 2.74 27.76
CA ARG C 383 -16.80 1.94 28.45
C ARG C 383 -17.62 2.75 29.46
N LYS C 384 -17.19 3.97 29.79
CA LYS C 384 -17.99 4.90 30.60
C LYS C 384 -17.99 6.25 29.89
N LEU C 385 -19.00 6.47 29.04
CA LEU C 385 -19.27 7.78 28.49
C LEU C 385 -20.77 7.83 28.19
N ARG C 386 -21.54 8.34 29.14
CA ARG C 386 -22.99 8.28 29.10
C ARG C 386 -23.66 9.64 29.28
N LEU C 387 -23.10 10.50 30.12
CA LEU C 387 -23.72 11.77 30.48
C LEU C 387 -23.08 12.91 29.70
N ILE C 388 -23.93 13.76 29.13
CA ILE C 388 -23.49 14.97 28.43
C ILE C 388 -24.46 16.09 28.75
N ARG C 389 -24.09 16.96 29.67
CA ARG C 389 -24.95 18.04 30.14
C ARG C 389 -24.51 19.36 29.52
N GLY C 390 -25.43 20.33 29.58
CA GLY C 390 -25.21 21.64 29.00
C GLY C 390 -25.16 22.75 30.02
N GLU C 391 -24.49 22.51 31.15
CA GLU C 391 -24.34 23.55 32.16
C GLU C 391 -23.55 24.75 31.62
N THR C 392 -22.67 24.54 30.65
CA THR C 392 -21.99 25.62 29.93
C THR C 392 -22.36 25.49 28.46
N LEU C 393 -23.00 26.53 27.92
CA LEU C 393 -23.46 26.57 26.54
C LEU C 393 -22.53 27.47 25.74
N GLU C 394 -21.99 26.93 24.65
CA GLU C 394 -21.14 27.71 23.76
C GLU C 394 -22.02 28.56 22.85
N ILE C 395 -21.42 29.13 21.80
CA ILE C 395 -22.18 29.91 20.83
C ILE C 395 -23.20 29.00 20.15
N GLY C 396 -24.37 29.55 19.85
CA GLY C 396 -25.46 28.80 19.26
C GLY C 396 -26.32 28.04 20.26
N ASN C 397 -26.05 28.18 21.56
CA ASN C 397 -26.83 27.51 22.61
C ASN C 397 -26.77 25.99 22.50
N TYR C 398 -25.68 25.46 21.93
CA TYR C 398 -25.51 24.03 21.74
C TYR C 398 -24.63 23.44 22.83
N SER C 399 -24.93 22.18 23.18
CA SER C 399 -24.13 21.39 24.10
C SER C 399 -23.27 20.36 23.39
N PHE C 400 -23.28 20.34 22.07
CA PHE C 400 -22.49 19.39 21.29
C PHE C 400 -22.14 20.04 19.96
N TYR C 401 -20.93 19.77 19.47
CA TYR C 401 -20.46 20.42 18.25
C TYR C 401 -19.30 19.61 17.67
N ALA C 402 -19.50 19.07 16.46
CA ALA C 402 -18.44 18.40 15.71
C ALA C 402 -18.76 18.66 14.24
N LEU C 403 -18.17 19.72 13.68
CA LEU C 403 -18.53 20.23 12.37
C LEU C 403 -17.32 20.20 11.45
N ASP C 404 -17.50 19.65 10.26
CA ASP C 404 -16.45 19.61 9.23
C ASP C 404 -15.19 18.90 9.72
N ASN C 405 -15.39 17.88 10.56
CA ASN C 405 -14.29 17.11 11.11
C ASN C 405 -13.86 16.03 10.12
N GLN C 406 -12.57 15.72 10.14
CA GLN C 406 -11.94 14.79 9.23
C GLN C 406 -11.25 13.68 10.02
N ASN C 407 -10.86 12.64 9.29
CA ASN C 407 -10.17 11.49 9.88
C ASN C 407 -11.06 10.79 10.90
N LEU C 408 -12.36 10.77 10.63
CA LEU C 408 -13.34 10.03 11.42
C LEU C 408 -14.42 9.49 10.51
N ARG C 409 -14.87 8.26 10.83
CA ARG C 409 -15.87 7.59 10.00
C ARG C 409 -16.89 6.81 10.82
N GLN C 410 -16.85 6.87 12.15
CA GLN C 410 -17.73 6.09 13.01
C GLN C 410 -17.91 6.82 14.32
N LEU C 411 -18.86 6.32 15.13
CA LEU C 411 -19.17 6.89 16.44
C LEU C 411 -19.39 5.73 17.41
N TRP C 412 -19.88 6.05 18.60
CA TRP C 412 -20.10 5.05 19.63
C TRP C 412 -21.25 4.14 19.23
N ASP C 413 -21.05 2.84 19.39
CA ASP C 413 -22.07 1.85 19.06
C ASP C 413 -22.97 1.58 20.26
N TRP C 414 -24.24 1.36 20.00
CA TRP C 414 -25.24 1.11 21.05
C TRP C 414 -25.49 -0.37 21.28
N SER C 415 -24.81 -1.25 20.55
CA SER C 415 -24.94 -2.67 20.82
C SER C 415 -24.39 -3.03 22.20
N LYS C 416 -23.37 -2.29 22.66
CA LYS C 416 -22.72 -2.55 23.94
C LYS C 416 -22.44 -1.25 24.70
N HIS C 417 -23.22 -0.21 24.46
CA HIS C 417 -23.02 1.09 25.11
C HIS C 417 -24.30 1.90 24.91
N ASN C 418 -24.29 3.14 25.41
CA ASN C 418 -25.44 4.04 25.27
C ASN C 418 -24.97 5.44 25.62
N LEU C 419 -25.84 6.42 25.36
CA LEU C 419 -25.56 7.80 25.75
C LEU C 419 -26.87 8.56 25.81
N THR C 420 -26.91 9.58 26.66
CA THR C 420 -28.10 10.39 26.92
C THR C 420 -27.80 11.86 26.67
N ILE C 421 -28.81 12.60 26.20
CA ILE C 421 -28.69 14.00 25.85
C ILE C 421 -29.49 14.83 26.84
N THR C 422 -28.94 16.01 27.17
CA THR C 422 -29.57 16.88 28.15
C THR C 422 -29.30 18.34 27.78
N GLN C 423 -30.15 19.22 28.30
CA GLN C 423 -29.95 20.68 28.27
C GLN C 423 -29.83 21.19 26.84
N GLY C 424 -30.94 21.06 26.12
CA GLY C 424 -31.13 21.82 24.90
C GLY C 424 -30.72 21.09 23.63
N LYS C 425 -30.53 21.90 22.59
CA LYS C 425 -30.32 21.39 21.24
C LYS C 425 -28.93 20.77 21.10
N LEU C 426 -28.66 20.26 19.90
CA LEU C 426 -27.39 19.63 19.57
C LEU C 426 -27.15 19.77 18.09
N PHE C 427 -25.91 20.03 17.69
CA PHE C 427 -25.53 20.23 16.30
C PHE C 427 -24.56 19.13 15.89
N PHE C 428 -24.92 18.38 14.85
CA PHE C 428 -24.06 17.35 14.26
C PHE C 428 -24.17 17.51 12.75
N HIS C 429 -23.04 17.83 12.10
CA HIS C 429 -23.06 18.05 10.67
C HIS C 429 -21.67 17.82 10.08
N TYR C 430 -21.65 17.34 8.84
CA TYR C 430 -20.47 17.32 7.98
C TYR C 430 -19.33 16.51 8.62
N ASN C 431 -19.62 15.22 8.77
CA ASN C 431 -18.62 14.20 9.07
C ASN C 431 -18.88 13.04 8.12
N PRO C 432 -18.45 13.15 6.84
CA PRO C 432 -18.78 12.10 5.86
C PRO C 432 -18.19 10.73 6.22
N LYS C 433 -18.49 9.73 5.39
CA LYS C 433 -18.03 8.36 5.60
C LYS C 433 -18.63 7.77 6.87
N LEU C 434 -19.94 7.93 7.04
CA LEU C 434 -20.65 7.36 8.19
C LEU C 434 -22.14 7.43 7.92
N CYS C 435 -22.84 6.34 8.20
CA CYS C 435 -24.27 6.29 7.96
C CYS C 435 -24.98 7.28 8.87
N LEU C 436 -26.25 7.57 8.56
CA LEU C 436 -27.03 8.59 9.26
C LEU C 436 -28.05 8.03 10.24
N SER C 437 -28.54 6.81 10.01
CA SER C 437 -29.50 6.21 10.94
C SER C 437 -28.88 5.93 12.30
N GLU C 438 -27.56 5.85 12.40
CA GLU C 438 -26.92 5.69 13.70
C GLU C 438 -27.20 6.91 14.58
N ILE C 439 -27.16 8.10 13.99
CA ILE C 439 -27.53 9.30 14.74
C ILE C 439 -29.00 9.27 15.12
N HIS C 440 -29.85 8.67 14.28
CA HIS C 440 -31.25 8.52 14.64
C HIS C 440 -31.41 7.61 15.86
N LYS C 441 -30.64 6.53 15.90
CA LYS C 441 -30.63 5.67 17.09
C LYS C 441 -30.10 6.44 18.30
N MET C 442 -29.12 7.33 18.09
CA MET C 442 -28.64 8.18 19.17
C MET C 442 -29.76 9.05 19.72
N GLU C 443 -30.53 9.64 18.83
CA GLU C 443 -31.68 10.44 19.25
C GLU C 443 -32.71 9.59 19.98
N GLU C 444 -32.95 8.36 19.51
CA GLU C 444 -33.93 7.50 20.15
C GLU C 444 -33.51 7.13 21.56
N VAL C 445 -32.25 6.73 21.75
CA VAL C 445 -31.79 6.37 23.09
C VAL C 445 -31.76 7.60 23.99
N SER C 446 -31.39 8.75 23.43
CA SER C 446 -31.32 9.97 24.24
C SER C 446 -32.69 10.37 24.76
N GLY C 447 -33.70 10.35 23.89
CA GLY C 447 -35.05 10.68 24.30
C GLY C 447 -35.23 12.17 24.51
N THR C 448 -36.40 12.52 25.07
CA THR C 448 -36.78 13.89 25.39
C THR C 448 -36.75 14.76 24.13
N LYS C 449 -37.65 14.43 23.22
CA LYS C 449 -37.74 15.12 21.95
C LYS C 449 -38.17 16.58 22.16
N GLY C 450 -38.04 17.36 21.10
CA GLY C 450 -38.26 18.81 21.16
C GLY C 450 -36.94 19.55 21.26
N ARG C 451 -36.02 19.01 22.06
CA ARG C 451 -34.64 19.44 22.09
C ARG C 451 -33.73 18.57 21.23
N GLN C 452 -34.30 17.65 20.45
CA GLN C 452 -33.58 16.84 19.47
C GLN C 452 -34.19 17.19 18.10
N GLU C 453 -33.66 18.25 17.49
CA GLU C 453 -34.23 18.78 16.25
C GLU C 453 -33.72 17.99 15.05
N ARG C 454 -34.64 17.64 14.16
CA ARG C 454 -34.31 16.96 12.92
C ARG C 454 -33.95 17.92 11.78
N ASN C 455 -33.73 19.20 12.10
CA ASN C 455 -33.19 20.17 11.16
C ASN C 455 -31.85 20.75 11.56
N ASP C 456 -31.45 20.61 12.84
CA ASP C 456 -30.14 21.04 13.32
C ASP C 456 -29.10 19.93 13.23
N ILE C 457 -29.45 18.77 12.68
CA ILE C 457 -28.56 17.62 12.60
C ILE C 457 -28.56 17.13 11.16
N ALA C 458 -27.46 16.49 10.77
CA ALA C 458 -27.31 16.00 9.40
C ALA C 458 -28.32 14.91 9.08
N LEU C 459 -29.23 15.19 8.14
CA LEU C 459 -30.12 14.19 7.56
C LEU C 459 -30.25 14.42 6.06
N LYS C 460 -29.21 14.99 5.45
CA LYS C 460 -29.24 15.43 4.06
C LYS C 460 -28.00 15.05 3.26
N THR C 461 -26.90 14.65 3.90
CA THR C 461 -25.65 14.38 3.19
C THR C 461 -24.73 13.65 4.17
N ASN C 462 -23.45 13.52 3.79
CA ASN C 462 -22.40 12.93 4.61
C ASN C 462 -22.56 11.42 4.77
N GLY C 463 -23.30 10.77 3.86
CA GLY C 463 -23.49 9.33 3.93
C GLY C 463 -23.58 8.67 2.56
N ASP C 464 -23.06 9.33 1.52
CA ASP C 464 -23.11 8.80 0.16
C ASP C 464 -21.90 7.94 -0.19
N GLN C 465 -21.24 7.37 0.82
CA GLN C 465 -20.20 6.37 0.63
C GLN C 465 -20.40 5.13 1.48
N ALA C 466 -21.24 5.18 2.51
CA ALA C 466 -21.64 4.02 3.30
C ALA C 466 -23.16 4.02 3.37
N SER C 467 -23.79 3.33 2.43
CA SER C 467 -25.25 3.35 2.31
C SER C 467 -25.88 2.67 3.52
N CYS C 468 -26.90 3.32 4.09
CA CYS C 468 -27.64 2.76 5.22
C CYS C 468 -28.65 1.76 4.68
N GLU C 469 -28.32 0.47 4.79
CA GLU C 469 -29.18 -0.60 4.30
C GLU C 469 -30.12 -1.02 5.42
N ASN C 470 -31.41 -0.77 5.21
CA ASN C 470 -32.40 -1.05 6.25
C ASN C 470 -32.49 -2.54 6.54
N GLU C 471 -32.63 -3.35 5.49
CA GLU C 471 -32.74 -4.79 5.67
C GLU C 471 -31.40 -5.40 6.03
N LEU C 472 -31.47 -6.58 6.64
CA LEU C 472 -30.30 -7.35 7.02
C LEU C 472 -30.53 -8.81 6.63
N LEU C 473 -29.42 -9.55 6.50
CA LEU C 473 -29.44 -10.92 6.01
C LEU C 473 -28.70 -11.82 6.99
N LYS C 474 -28.66 -13.10 6.69
CA LYS C 474 -28.01 -14.11 7.52
C LYS C 474 -27.29 -15.08 6.61
N PHE C 475 -26.81 -16.20 7.18
CA PHE C 475 -26.21 -17.30 6.43
C PHE C 475 -27.10 -18.52 6.64
N SER C 476 -27.96 -18.80 5.66
CA SER C 476 -28.84 -19.95 5.76
C SER C 476 -28.06 -21.25 5.81
N TYR C 477 -26.96 -21.35 5.07
CA TYR C 477 -26.14 -22.55 5.07
C TYR C 477 -24.67 -22.14 5.05
N ILE C 478 -23.85 -22.88 5.80
CA ILE C 478 -22.42 -22.67 5.80
C ILE C 478 -21.72 -24.02 5.88
N ARG C 479 -21.16 -24.48 4.78
CA ARG C 479 -20.45 -25.75 4.71
C ARG C 479 -18.97 -25.43 4.63
N THR C 480 -18.25 -25.69 5.71
CA THR C 480 -16.89 -25.21 5.90
C THR C 480 -15.88 -26.31 5.63
N SER C 481 -14.61 -25.91 5.65
CA SER C 481 -13.48 -26.81 5.56
C SER C 481 -12.30 -26.08 6.20
N PHE C 482 -11.08 -26.56 5.94
CA PHE C 482 -9.91 -25.91 6.51
C PHE C 482 -9.82 -24.45 6.03
N ASP C 483 -9.97 -24.21 4.73
CA ASP C 483 -10.16 -22.84 4.22
C ASP C 483 -11.33 -22.71 3.26
N LYS C 484 -11.54 -23.70 2.40
CA LYS C 484 -12.66 -23.66 1.46
C LYS C 484 -13.97 -23.74 2.22
N ILE C 485 -14.72 -22.63 2.25
CA ILE C 485 -15.99 -22.57 2.97
C ILE C 485 -17.03 -21.98 2.02
N LEU C 486 -18.09 -22.75 1.76
CA LEU C 486 -19.19 -22.31 0.94
C LEU C 486 -20.29 -21.76 1.84
N LEU C 487 -20.55 -20.45 1.72
CA LEU C 487 -21.61 -19.78 2.45
C LEU C 487 -22.74 -19.46 1.48
N ARG C 488 -23.96 -19.85 1.84
CA ARG C 488 -25.14 -19.66 1.01
C ARG C 488 -26.18 -18.95 1.84
N TRP C 489 -26.78 -17.88 1.29
CA TRP C 489 -27.69 -17.03 2.04
C TRP C 489 -29.03 -16.88 1.30
N GLU C 490 -29.90 -16.02 1.81
CA GLU C 490 -31.27 -15.97 1.32
C GLU C 490 -31.30 -15.45 -0.12
N PRO C 491 -32.22 -15.95 -0.97
CA PRO C 491 -32.26 -15.47 -2.37
C PRO C 491 -33.05 -14.18 -2.56
N TYR C 492 -33.34 -13.47 -1.48
CA TYR C 492 -34.02 -12.18 -1.57
C TYR C 492 -33.23 -11.21 -2.43
N TRP C 493 -33.90 -10.61 -3.41
CA TRP C 493 -33.36 -9.59 -4.28
C TRP C 493 -34.14 -8.29 -4.11
N PRO C 494 -33.62 -7.18 -4.62
CA PRO C 494 -34.41 -5.94 -4.62
C PRO C 494 -35.62 -6.08 -5.52
N PRO C 495 -36.55 -5.12 -5.51
CA PRO C 495 -37.71 -5.21 -6.42
C PRO C 495 -37.31 -5.25 -7.88
N ASP C 496 -36.21 -4.61 -8.27
CA ASP C 496 -35.65 -4.71 -9.60
C ASP C 496 -34.60 -5.83 -9.60
N PHE C 497 -34.73 -6.76 -10.55
CA PHE C 497 -33.92 -7.96 -10.58
C PHE C 497 -32.61 -7.78 -11.35
N ARG C 498 -32.18 -6.53 -11.56
CA ARG C 498 -30.89 -6.24 -12.17
C ARG C 498 -30.12 -5.14 -11.45
N ASP C 499 -30.75 -4.36 -10.58
CA ASP C 499 -30.04 -3.28 -9.91
C ASP C 499 -28.95 -3.82 -8.99
N LEU C 500 -29.19 -4.95 -8.35
CA LEU C 500 -28.17 -5.59 -7.53
C LEU C 500 -27.16 -6.28 -8.43
N LEU C 501 -25.87 -6.03 -8.17
CA LEU C 501 -24.78 -6.44 -9.06
C LEU C 501 -23.76 -7.33 -8.36
N GLY C 502 -24.17 -8.05 -7.32
CA GLY C 502 -23.31 -8.97 -6.60
C GLY C 502 -23.41 -8.75 -5.11
N PHE C 503 -22.39 -9.21 -4.39
CA PHE C 503 -22.35 -9.06 -2.94
C PHE C 503 -20.93 -8.75 -2.50
N MET C 504 -20.77 -7.79 -1.59
CA MET C 504 -19.46 -7.38 -1.09
C MET C 504 -19.23 -8.09 0.24
N LEU C 505 -18.42 -9.14 0.24
CA LEU C 505 -18.09 -9.85 1.46
C LEU C 505 -17.00 -9.10 2.22
N PHE C 506 -17.22 -8.94 3.52
CA PHE C 506 -16.29 -8.30 4.44
C PHE C 506 -15.83 -9.33 5.47
N TYR C 507 -14.53 -9.35 5.74
CA TYR C 507 -13.97 -10.33 6.67
C TYR C 507 -12.64 -9.83 7.19
N LYS C 508 -12.23 -10.37 8.33
CA LYS C 508 -10.92 -10.10 8.90
C LYS C 508 -10.68 -11.08 10.03
N GLU C 509 -9.43 -11.13 10.49
CA GLU C 509 -9.06 -11.93 11.65
C GLU C 509 -9.54 -11.22 12.91
N ALA C 510 -10.28 -11.92 13.76
CA ALA C 510 -10.89 -11.33 14.96
C ALA C 510 -11.20 -12.41 15.97
N PRO C 511 -10.18 -12.92 16.69
CA PRO C 511 -10.48 -13.88 17.76
C PRO C 511 -11.36 -13.31 18.85
N TYR C 512 -11.23 -12.02 19.13
CA TYR C 512 -12.12 -11.34 20.07
C TYR C 512 -13.57 -11.43 19.61
N GLN C 513 -14.48 -11.17 20.55
CA GLN C 513 -15.92 -11.24 20.31
C GLN C 513 -16.59 -9.86 20.44
N ASN C 514 -15.86 -8.79 20.20
CA ASN C 514 -16.41 -7.44 20.20
C ASN C 514 -15.72 -6.65 19.09
N VAL C 515 -16.49 -6.21 18.10
CA VAL C 515 -15.95 -5.51 16.95
C VAL C 515 -16.93 -4.44 16.50
N THR C 516 -16.39 -3.31 16.05
CA THR C 516 -17.19 -2.25 15.47
C THR C 516 -17.36 -2.51 13.97
N GLU C 517 -17.86 -1.52 13.23
CA GLU C 517 -18.06 -1.63 11.78
C GLU C 517 -17.44 -0.39 11.14
N PHE C 518 -16.25 -0.54 10.58
CA PHE C 518 -15.54 0.57 9.95
C PHE C 518 -14.67 0.10 8.79
N ASP C 519 -13.89 1.01 8.22
CA ASP C 519 -12.96 0.69 7.15
C ASP C 519 -11.78 1.66 7.24
N GLY C 520 -10.57 1.12 7.37
CA GLY C 520 -9.39 1.97 7.51
C GLY C 520 -9.13 2.85 6.31
N GLN C 521 -8.04 3.61 6.35
CA GLN C 521 -7.69 4.49 5.25
C GLN C 521 -7.40 3.68 3.99
N ASP C 522 -7.37 4.37 2.86
CA ASP C 522 -7.26 3.77 1.54
C ASP C 522 -5.88 4.08 0.97
N ALA C 523 -5.14 3.04 0.59
CA ALA C 523 -3.85 3.17 -0.07
C ALA C 523 -3.69 2.13 -1.18
N CYS C 524 -4.81 1.76 -1.81
CA CYS C 524 -4.83 0.78 -2.90
C CYS C 524 -4.31 -0.57 -2.42
N GLY C 525 -5.06 -1.15 -1.48
CA GLY C 525 -4.80 -2.48 -0.95
C GLY C 525 -4.72 -2.53 0.56
N SER C 526 -4.14 -1.51 1.17
CA SER C 526 -3.94 -1.48 2.62
C SER C 526 -5.22 -1.05 3.31
N ASN C 527 -5.73 -1.92 4.19
CA ASN C 527 -6.93 -1.60 4.95
C ASN C 527 -6.98 -2.54 6.15
N SER C 528 -7.54 -2.04 7.25
CA SER C 528 -7.67 -2.87 8.45
C SER C 528 -8.57 -4.06 8.19
N TRP C 529 -9.71 -3.84 7.54
CA TRP C 529 -10.60 -4.92 7.14
C TRP C 529 -10.06 -5.55 5.86
N THR C 530 -10.74 -6.60 5.38
CA THR C 530 -10.54 -7.12 4.04
C THR C 530 -11.90 -7.28 3.39
N VAL C 531 -11.98 -6.91 2.11
CA VAL C 531 -13.24 -6.86 1.40
C VAL C 531 -13.03 -7.40 0.00
N VAL C 532 -14.05 -8.09 -0.51
CA VAL C 532 -14.01 -8.65 -1.85
C VAL C 532 -15.42 -8.69 -2.40
N ASP C 533 -15.57 -8.95 -3.70
CA ASP C 533 -16.86 -8.97 -4.37
C ASP C 533 -17.18 -10.35 -4.91
N ILE C 534 -18.49 -10.61 -5.06
CA ILE C 534 -19.01 -11.90 -5.49
C ILE C 534 -20.07 -11.65 -6.55
N ASP C 535 -20.05 -12.47 -7.60
CA ASP C 535 -20.91 -12.24 -8.75
C ASP C 535 -22.37 -12.45 -8.36
N PRO C 536 -23.31 -11.78 -9.03
CA PRO C 536 -24.72 -11.89 -8.64
C PRO C 536 -25.30 -13.23 -9.05
N PRO C 537 -26.40 -13.69 -8.45
CA PRO C 537 -26.99 -14.96 -8.87
C PRO C 537 -27.79 -14.86 -10.16
N LEU C 538 -28.42 -15.97 -10.54
CA LEU C 538 -29.16 -16.08 -11.80
C LEU C 538 -30.60 -16.48 -11.49
N ARG C 539 -31.54 -15.82 -12.17
CA ARG C 539 -32.95 -16.17 -12.01
C ARG C 539 -33.27 -17.44 -12.77
N SER C 540 -34.19 -18.23 -12.20
CA SER C 540 -34.65 -19.48 -12.80
C SER C 540 -36.15 -19.48 -13.07
N ASN C 541 -36.96 -19.10 -12.09
CA ASN C 541 -38.41 -19.10 -12.27
C ASN C 541 -39.02 -18.10 -11.30
N ASP C 542 -40.28 -17.75 -11.57
CA ASP C 542 -40.96 -16.72 -10.80
C ASP C 542 -41.10 -17.04 -9.31
N PRO C 543 -41.63 -18.20 -8.90
CA PRO C 543 -41.93 -18.37 -7.47
C PRO C 543 -40.70 -18.59 -6.61
N LYS C 544 -39.69 -19.30 -7.11
CA LYS C 544 -38.53 -19.63 -6.30
C LYS C 544 -37.40 -20.08 -7.21
N SER C 545 -36.18 -20.08 -6.66
CA SER C 545 -34.98 -20.51 -7.36
C SER C 545 -34.45 -21.80 -6.78
N GLN C 546 -33.80 -22.58 -7.64
CA GLN C 546 -33.16 -23.84 -7.23
C GLN C 546 -31.67 -23.70 -6.98
N ASN C 547 -31.13 -22.47 -7.05
CA ASN C 547 -29.73 -22.21 -6.74
C ASN C 547 -29.70 -20.97 -5.83
N HIS C 548 -29.43 -21.20 -4.54
CA HIS C 548 -29.37 -20.11 -3.58
C HIS C 548 -28.18 -19.22 -3.91
N PRO C 549 -28.16 -17.96 -3.45
CA PRO C 549 -26.95 -17.15 -3.62
C PRO C 549 -25.83 -17.66 -2.73
N GLY C 550 -24.81 -18.23 -3.37
CA GLY C 550 -23.70 -18.88 -2.69
C GLY C 550 -22.35 -18.30 -3.06
N TRP C 551 -21.35 -18.59 -2.23
CA TRP C 551 -20.01 -18.08 -2.48
C TRP C 551 -19.01 -18.94 -1.72
N LEU C 552 -17.93 -19.33 -2.39
CA LEU C 552 -16.87 -20.14 -1.81
C LEU C 552 -15.69 -19.23 -1.50
N MET C 553 -15.26 -19.25 -0.24
CA MET C 553 -14.17 -18.41 0.25
C MET C 553 -13.01 -19.28 0.70
N ARG C 554 -11.80 -18.75 0.52
CA ARG C 554 -10.57 -19.42 0.91
C ARG C 554 -9.65 -18.42 1.58
N GLY C 555 -8.50 -18.91 2.06
CA GLY C 555 -7.51 -18.10 2.73
C GLY C 555 -7.66 -18.07 4.24
N LEU C 556 -8.86 -18.34 4.75
CA LEU C 556 -9.07 -18.35 6.19
C LEU C 556 -8.41 -19.57 6.81
N LYS C 557 -7.64 -19.36 7.88
CA LYS C 557 -6.98 -20.46 8.57
C LYS C 557 -8.00 -21.24 9.39
N PRO C 558 -7.90 -22.57 9.52
CA PRO C 558 -8.83 -23.27 10.41
C PRO C 558 -8.59 -22.88 11.87
N TRP C 559 -9.56 -23.22 12.71
CA TRP C 559 -9.56 -23.03 14.16
C TRP C 559 -9.81 -21.57 14.54
N THR C 560 -9.89 -20.64 13.59
CA THR C 560 -9.81 -19.21 13.86
C THR C 560 -11.18 -18.56 13.67
N GLN C 561 -11.48 -17.60 14.54
CA GLN C 561 -12.73 -16.84 14.49
C GLN C 561 -12.54 -15.59 13.65
N TYR C 562 -13.47 -15.36 12.73
CA TYR C 562 -13.45 -14.19 11.86
C TYR C 562 -14.78 -13.46 11.98
N ALA C 563 -14.70 -12.14 12.20
CA ALA C 563 -15.89 -11.28 12.31
C ALA C 563 -16.37 -10.89 10.91
N ILE C 564 -16.99 -11.85 10.24
CA ILE C 564 -17.31 -11.74 8.83
C ILE C 564 -18.76 -11.35 8.65
N PHE C 565 -19.05 -10.68 7.55
CA PHE C 565 -20.41 -10.38 7.12
C PHE C 565 -20.39 -10.05 5.63
N VAL C 566 -21.51 -9.57 5.11
CA VAL C 566 -21.61 -9.15 3.72
C VAL C 566 -22.45 -7.88 3.61
N LYS C 567 -22.31 -7.19 2.48
CA LYS C 567 -23.16 -6.08 2.10
C LYS C 567 -23.60 -6.31 0.66
N THR C 568 -24.52 -5.48 0.20
CA THR C 568 -25.06 -5.58 -1.16
C THR C 568 -24.45 -4.49 -2.04
N LEU C 569 -24.03 -4.88 -3.25
CA LEU C 569 -23.58 -3.91 -4.24
C LEU C 569 -24.80 -3.12 -4.69
N VAL C 570 -24.96 -1.92 -4.13
CA VAL C 570 -26.15 -1.10 -4.36
C VAL C 570 -25.80 -0.01 -5.35
N THR C 571 -26.63 0.13 -6.38
CA THR C 571 -26.47 1.21 -7.33
C THR C 571 -27.01 2.50 -6.73
N PHE C 572 -26.17 3.53 -6.71
CA PHE C 572 -26.52 4.77 -6.05
C PHE C 572 -27.72 5.42 -6.74
N SER C 573 -28.64 5.94 -5.95
CA SER C 573 -29.83 6.60 -6.45
C SER C 573 -30.31 7.60 -5.41
N ASP C 574 -31.46 8.22 -5.66
CA ASP C 574 -32.00 9.24 -4.79
C ASP C 574 -32.89 8.67 -3.68
N GLU C 575 -33.05 7.36 -3.60
CA GLU C 575 -33.87 6.72 -2.56
C GLU C 575 -33.15 5.49 -2.05
N ARG C 576 -32.85 5.46 -0.76
CA ARG C 576 -32.22 4.30 -0.12
C ARG C 576 -33.24 3.29 0.40
N ARG C 577 -34.54 3.52 0.17
CA ARG C 577 -35.55 2.59 0.68
C ARG C 577 -35.42 1.22 0.03
N THR C 578 -35.08 1.18 -1.25
CA THR C 578 -35.10 -0.06 -2.04
C THR C 578 -33.71 -0.66 -2.21
N TYR C 579 -32.75 -0.26 -1.39
CA TYR C 579 -31.42 -0.86 -1.44
C TYR C 579 -31.46 -2.28 -0.91
N GLY C 580 -30.31 -2.93 -0.87
CA GLY C 580 -30.23 -4.33 -0.48
C GLY C 580 -30.20 -4.52 1.03
N ALA C 581 -29.19 -5.22 1.52
CA ALA C 581 -29.09 -5.57 2.93
C ALA C 581 -27.65 -5.92 3.24
N LYS C 582 -27.37 -6.13 4.52
CA LYS C 582 -26.05 -6.55 4.97
C LYS C 582 -26.25 -7.60 6.06
N SER C 583 -25.41 -8.64 6.03
CA SER C 583 -25.45 -9.61 7.10
C SER C 583 -24.84 -9.01 8.37
N ASP C 584 -25.23 -9.57 9.51
CA ASP C 584 -24.68 -9.15 10.79
C ASP C 584 -23.30 -9.77 10.97
N ILE C 585 -22.43 -9.05 11.67
CA ILE C 585 -21.08 -9.53 11.93
C ILE C 585 -21.15 -10.78 12.78
N ILE C 586 -20.74 -11.92 12.21
CA ILE C 586 -20.68 -13.19 12.93
C ILE C 586 -19.23 -13.54 13.13
N TYR C 587 -18.86 -13.87 14.37
CA TYR C 587 -17.53 -14.36 14.71
C TYR C 587 -17.43 -15.85 14.37
N VAL C 588 -17.53 -16.14 13.07
CA VAL C 588 -17.59 -17.53 12.63
C VAL C 588 -16.24 -18.17 12.80
N GLN C 589 -16.22 -19.33 13.46
CA GLN C 589 -14.98 -20.07 13.71
C GLN C 589 -14.79 -21.10 12.62
N THR C 590 -13.75 -20.93 11.82
CA THR C 590 -13.34 -21.97 10.89
C THR C 590 -13.03 -23.23 11.68
N ASP C 591 -13.55 -24.37 11.19
CA ASP C 591 -13.49 -25.60 11.97
C ASP C 591 -12.05 -26.03 12.21
N ALA C 592 -11.81 -26.59 13.38
CA ALA C 592 -10.51 -27.17 13.70
C ALA C 592 -10.19 -28.26 12.69
N THR C 593 -9.16 -28.02 11.88
CA THR C 593 -8.89 -28.85 10.71
C THR C 593 -7.41 -29.12 10.62
N ASN C 594 -7.08 -30.20 9.91
CA ASN C 594 -5.75 -30.80 9.86
C ASN C 594 -4.62 -29.85 9.43
N PRO C 595 -4.86 -28.80 8.62
CA PRO C 595 -3.76 -27.88 8.33
C PRO C 595 -3.29 -27.03 9.50
N SER C 596 -3.87 -27.22 10.69
CA SER C 596 -3.33 -26.61 11.90
C SER C 596 -1.89 -27.06 12.12
N VAL C 597 -0.94 -26.14 12.03
CA VAL C 597 0.48 -26.43 12.19
C VAL C 597 1.06 -25.45 13.20
N PRO C 598 1.35 -25.85 14.46
CA PRO C 598 2.01 -24.92 15.38
C PRO C 598 3.36 -24.44 14.89
N LEU C 599 3.84 -23.34 15.43
CA LEU C 599 5.09 -22.71 15.01
C LEU C 599 5.95 -22.47 16.23
N ASP C 600 7.17 -21.98 15.98
CA ASP C 600 8.21 -21.85 16.98
C ASP C 600 8.42 -23.16 17.75
N PRO C 601 8.67 -24.28 17.06
CA PRO C 601 8.90 -25.54 17.78
C PRO C 601 10.24 -25.54 18.47
N ILE C 602 10.24 -25.47 19.81
CA ILE C 602 11.44 -25.34 20.61
C ILE C 602 11.60 -26.61 21.44
N SER C 603 12.73 -27.30 21.26
CA SER C 603 13.06 -28.49 22.02
C SER C 603 13.97 -28.09 23.17
N VAL C 604 13.42 -28.07 24.39
CA VAL C 604 14.18 -27.78 25.60
C VAL C 604 14.04 -28.96 26.54
N SER C 605 14.82 -28.97 27.62
CA SER C 605 14.82 -30.12 28.53
C SER C 605 15.53 -29.72 29.82
N ASN C 606 15.10 -30.35 30.91
CA ASN C 606 15.84 -30.33 32.17
C ASN C 606 16.74 -31.55 32.32
N SER C 607 16.79 -32.44 31.34
CA SER C 607 17.62 -33.64 31.38
C SER C 607 17.80 -34.12 29.94
N SER C 608 18.59 -35.19 29.78
CA SER C 608 18.87 -35.74 28.46
C SER C 608 17.76 -36.67 28.00
N SER C 609 17.16 -37.42 28.93
CA SER C 609 16.07 -38.34 28.61
C SER C 609 14.70 -37.65 28.64
N GLN C 610 14.67 -36.32 28.55
CA GLN C 610 13.42 -35.57 28.51
C GLN C 610 13.55 -34.49 27.45
N ILE C 611 12.42 -34.11 26.86
CA ILE C 611 12.35 -32.96 25.98
C ILE C 611 11.03 -32.25 26.21
N ILE C 612 11.05 -31.16 26.97
CA ILE C 612 9.82 -30.44 27.31
C ILE C 612 9.53 -29.51 26.15
N LEU C 613 8.82 -30.05 25.17
CA LEU C 613 8.53 -29.31 23.95
C LEU C 613 7.54 -28.18 24.23
N LYS C 614 7.82 -27.00 23.69
CA LYS C 614 6.93 -25.86 23.79
C LYS C 614 6.94 -25.13 22.46
N TRP C 615 5.89 -24.35 22.21
CA TRP C 615 5.66 -23.76 20.90
C TRP C 615 4.72 -22.57 21.07
N LYS C 616 4.41 -21.91 19.95
CA LYS C 616 3.35 -20.91 19.84
C LYS C 616 2.47 -21.28 18.65
N PRO C 617 1.17 -20.96 18.69
CA PRO C 617 0.29 -21.33 17.58
C PRO C 617 0.19 -20.20 16.57
N PRO C 618 0.12 -20.49 15.27
CA PRO C 618 -0.14 -19.39 14.32
C PRO C 618 -1.53 -18.80 14.48
N SER C 619 -2.56 -19.63 14.35
CA SER C 619 -3.93 -19.16 14.56
C SER C 619 -4.81 -20.17 15.28
N ASP C 620 -4.24 -21.14 16.02
CA ASP C 620 -4.99 -22.23 16.64
C ASP C 620 -4.88 -22.10 18.16
N PRO C 621 -5.88 -21.49 18.85
CA PRO C 621 -5.79 -21.37 20.31
C PRO C 621 -6.17 -22.63 21.07
N ASN C 622 -6.35 -23.75 20.37
CA ASN C 622 -6.58 -25.07 20.96
C ASN C 622 -7.89 -25.15 21.75
N GLY C 623 -8.86 -24.29 21.44
CA GLY C 623 -10.11 -24.31 22.18
C GLY C 623 -10.91 -25.59 21.96
N ASN C 624 -10.98 -26.07 20.72
CA ASN C 624 -11.69 -27.28 20.38
C ASN C 624 -10.82 -28.52 20.39
N ILE C 625 -9.56 -28.40 20.84
CA ILE C 625 -8.61 -29.50 20.70
C ILE C 625 -8.96 -30.63 21.67
N THR C 626 -8.51 -31.82 21.35
CA THR C 626 -8.71 -33.02 22.16
C THR C 626 -7.41 -33.70 22.57
N HIS C 627 -6.41 -33.74 21.70
CA HIS C 627 -5.13 -34.35 22.03
C HIS C 627 -4.10 -33.87 21.01
N TYR C 628 -2.83 -34.17 21.30
CA TYR C 628 -1.70 -33.83 20.44
C TYR C 628 -1.04 -35.11 19.98
N LEU C 629 -0.88 -35.28 18.67
CA LEU C 629 -0.10 -36.38 18.13
C LEU C 629 1.35 -35.95 18.04
N VAL C 630 2.23 -36.67 18.73
CA VAL C 630 3.65 -36.36 18.82
C VAL C 630 4.43 -37.65 18.68
N PHE C 631 5.58 -37.57 18.04
CA PHE C 631 6.39 -38.74 17.70
C PHE C 631 7.65 -38.76 18.54
N TRP C 632 7.93 -39.91 19.17
CA TRP C 632 9.22 -40.18 19.76
C TRP C 632 9.75 -41.57 19.44
N GLU C 633 8.94 -42.45 18.86
CA GLU C 633 9.46 -43.71 18.34
C GLU C 633 10.49 -43.42 17.25
N ARG C 634 11.51 -44.28 17.17
CA ARG C 634 12.65 -43.99 16.32
C ARG C 634 12.26 -43.88 14.87
N GLN C 635 12.41 -42.68 14.31
CA GLN C 635 12.24 -42.45 12.88
C GLN C 635 13.36 -41.59 12.32
N ALA C 636 14.57 -41.73 12.89
CA ALA C 636 15.77 -41.12 12.32
C ALA C 636 16.88 -42.14 12.13
N GLU C 637 16.56 -43.44 12.14
CA GLU C 637 17.55 -44.49 11.87
C GLU C 637 17.68 -44.67 10.36
N ASP C 638 18.12 -43.60 9.70
CA ASP C 638 18.12 -43.52 8.24
C ASP C 638 19.51 -43.86 7.72
N SER C 639 19.56 -44.49 6.55
CA SER C 639 20.83 -44.80 5.91
C SER C 639 21.62 -43.54 5.57
N GLU C 640 20.95 -42.42 5.39
CA GLU C 640 21.67 -41.16 5.17
C GLU C 640 22.51 -40.80 6.39
N LEU C 641 22.00 -41.05 7.60
CA LEU C 641 22.79 -40.78 8.79
C LEU C 641 23.89 -41.82 8.98
N PHE C 642 23.64 -43.06 8.59
CA PHE C 642 24.62 -44.12 8.74
C PHE C 642 25.69 -44.12 7.65
N GLU C 643 25.53 -43.30 6.61
CA GLU C 643 26.37 -43.36 5.42
C GLU C 643 26.79 -41.98 4.93
N LEU C 644 27.25 -41.10 5.83
CA LEU C 644 27.48 -39.71 5.49
C LEU C 644 28.56 -39.11 6.39
N ASP C 645 29.14 -38.01 5.91
CA ASP C 645 30.03 -37.16 6.71
C ASP C 645 31.29 -37.89 7.17
N TYR C 646 32.12 -38.32 6.23
CA TYR C 646 33.45 -38.82 6.58
C TYR C 646 34.27 -37.70 7.20
N CYS C 647 35.19 -38.07 8.09
CA CYS C 647 36.04 -37.09 8.74
C CYS C 647 36.98 -36.39 7.77
N LEU C 648 37.22 -36.95 6.59
CA LEU C 648 37.99 -36.26 5.58
C LEU C 648 37.34 -34.95 5.16
N LYS C 649 36.02 -34.84 5.28
CA LYS C 649 35.30 -33.63 4.94
C LYS C 649 35.48 -32.58 6.03
N GLY C 650 35.15 -31.34 5.69
CA GLY C 650 35.16 -30.27 6.67
C GLY C 650 34.02 -30.41 7.66
N LEU C 651 34.21 -29.83 8.83
CA LEU C 651 33.21 -29.91 9.91
C LEU C 651 32.01 -29.06 9.52
N LYS C 652 30.97 -29.72 9.00
CA LYS C 652 29.70 -29.08 8.64
C LYS C 652 28.50 -29.76 9.26
N LEU C 653 28.52 -31.08 9.39
CA LEU C 653 27.43 -31.83 10.02
C LEU C 653 27.37 -31.62 11.53
N PRO C 654 28.50 -31.47 12.25
CA PRO C 654 28.40 -31.09 13.66
C PRO C 654 27.66 -29.78 13.85
N SER C 655 26.90 -29.71 14.94
CA SER C 655 26.06 -28.55 15.25
C SER C 655 24.99 -28.36 14.17
N ARG C 656 24.23 -29.43 13.95
CA ARG C 656 23.10 -29.41 13.03
C ARG C 656 21.97 -30.25 13.59
N THR C 657 20.74 -29.87 13.23
CA THR C 657 19.53 -30.61 13.55
C THR C 657 18.64 -30.67 12.31
N TRP C 658 19.26 -30.84 11.15
CA TRP C 658 18.54 -30.87 9.88
C TRP C 658 19.38 -31.68 8.90
N SER C 659 18.79 -32.74 8.36
CA SER C 659 19.51 -33.71 7.54
C SER C 659 18.63 -34.11 6.37
N PRO C 660 19.19 -34.73 5.33
CA PRO C 660 18.43 -34.96 4.07
C PRO C 660 17.12 -35.72 4.26
N PRO C 661 17.11 -36.88 4.92
CA PRO C 661 15.87 -37.68 4.93
C PRO C 661 14.71 -37.03 5.66
N PHE C 662 14.96 -35.97 6.44
CA PHE C 662 13.92 -35.22 7.12
C PHE C 662 13.51 -33.96 6.38
N GLU C 663 13.95 -33.79 5.14
CA GLU C 663 13.68 -32.57 4.39
C GLU C 663 12.32 -32.62 3.72
N SER C 664 11.62 -31.48 3.78
CA SER C 664 10.36 -31.29 3.06
C SER C 664 10.36 -29.94 2.35
N GLU C 665 11.54 -29.43 1.99
CA GLU C 665 11.63 -28.12 1.34
C GLU C 665 11.04 -28.18 -0.07
N ASP C 666 10.47 -27.06 -0.49
CA ASP C 666 9.95 -26.96 -1.85
C ASP C 666 11.08 -27.09 -2.86
N SER C 667 10.80 -27.76 -3.98
CA SER C 667 11.79 -27.89 -5.03
C SER C 667 12.19 -26.53 -5.58
N GLN C 668 11.20 -25.68 -5.83
CA GLN C 668 11.42 -24.30 -6.23
C GLN C 668 10.34 -23.42 -5.62
N LYS C 669 10.75 -22.26 -5.09
CA LYS C 669 9.79 -21.32 -4.54
C LYS C 669 8.88 -20.74 -5.61
N HIS C 670 9.27 -20.81 -6.89
CA HIS C 670 8.44 -20.29 -7.96
C HIS C 670 7.15 -21.08 -8.07
N ASN C 671 6.11 -20.43 -8.60
CA ASN C 671 4.78 -21.01 -8.69
C ASN C 671 4.74 -21.96 -9.88
N GLN C 672 4.82 -23.27 -9.61
CA GLN C 672 4.87 -24.28 -10.67
C GLN C 672 3.66 -25.20 -10.67
N SER C 673 3.40 -25.94 -9.58
CA SER C 673 2.37 -26.98 -9.56
C SER C 673 1.26 -26.69 -8.56
N GLU C 674 1.60 -26.52 -7.28
CA GLU C 674 0.62 -26.28 -6.23
C GLU C 674 0.95 -25.09 -5.35
N TYR C 675 2.04 -24.36 -5.64
CA TYR C 675 2.34 -23.14 -4.90
C TYR C 675 1.49 -21.96 -5.37
N GLU C 676 0.61 -22.15 -6.35
CA GLU C 676 -0.30 -21.11 -6.81
C GLU C 676 -1.44 -20.83 -5.85
N ASP C 677 -1.53 -21.54 -4.72
CA ASP C 677 -2.56 -21.24 -3.73
C ASP C 677 -2.42 -19.84 -3.17
N SER C 678 -1.21 -19.27 -3.20
CA SER C 678 -0.97 -17.90 -2.74
C SER C 678 -1.40 -16.84 -3.76
N ALA C 679 -2.09 -17.23 -4.83
CA ALA C 679 -2.57 -16.24 -5.80
C ALA C 679 -3.67 -15.42 -5.16
N GLY C 680 -3.33 -14.19 -4.77
CA GLY C 680 -4.23 -13.33 -4.02
C GLY C 680 -4.73 -12.14 -4.80
N GLU C 681 -5.38 -11.21 -4.11
CA GLU C 681 -5.91 -10.03 -4.77
C GLU C 681 -4.78 -9.10 -5.21
N CYS C 682 -5.12 -8.18 -6.09
CA CYS C 682 -4.20 -7.12 -6.48
C CYS C 682 -3.80 -6.31 -5.25
N CYS C 683 -2.51 -6.04 -5.11
CA CYS C 683 -1.99 -5.19 -4.05
C CYS C 683 -1.25 -3.98 -4.59
N SER C 684 -0.93 -3.95 -5.88
CA SER C 684 -0.59 -2.69 -6.54
C SER C 684 -1.85 -1.86 -6.77
N CYS C 685 -2.91 -2.48 -7.37
CA CYS C 685 -4.25 -1.93 -7.47
C CYS C 685 -5.15 -2.55 -6.41
N PRO C 686 -6.24 -1.90 -6.00
CA PRO C 686 -7.07 -2.52 -4.94
C PRO C 686 -7.67 -3.85 -5.37
N LYS C 687 -8.54 -3.86 -6.38
CA LYS C 687 -8.91 -5.09 -7.07
C LYS C 687 -8.59 -4.98 -8.56
N THR C 688 -8.98 -3.86 -9.16
CA THR C 688 -8.84 -3.63 -10.60
C THR C 688 -8.25 -2.25 -10.84
N ASP C 689 -7.60 -2.09 -12.00
CA ASP C 689 -6.95 -0.82 -12.33
C ASP C 689 -7.98 0.30 -12.43
N SER C 690 -9.10 0.05 -13.10
CA SER C 690 -10.16 1.05 -13.22
C SER C 690 -11.00 1.04 -11.94
N GLN C 691 -11.22 2.21 -11.36
CA GLN C 691 -12.01 2.32 -10.14
C GLN C 691 -13.48 1.98 -10.43
N ILE C 692 -14.29 2.03 -9.38
CA ILE C 692 -15.61 1.38 -9.37
C ILE C 692 -16.55 1.96 -10.42
N LEU C 693 -16.53 3.27 -10.62
CA LEU C 693 -17.56 3.94 -11.41
C LEU C 693 -17.58 3.44 -12.85
N LYS C 694 -16.42 3.17 -13.44
CA LYS C 694 -16.36 2.65 -14.80
C LYS C 694 -17.13 1.35 -14.94
N GLU C 695 -17.17 0.52 -13.90
CA GLU C 695 -18.03 -0.66 -13.94
C GLU C 695 -19.50 -0.25 -13.84
N LEU C 696 -19.83 0.63 -12.90
CA LEU C 696 -21.20 1.09 -12.76
C LEU C 696 -21.68 1.76 -14.04
N GLU C 697 -20.80 2.56 -14.66
CA GLU C 697 -21.07 3.17 -15.96
C GLU C 697 -21.53 2.11 -16.96
N GLU C 698 -20.87 0.95 -16.97
CA GLU C 698 -21.35 -0.14 -17.81
C GLU C 698 -22.67 -0.69 -17.30
N SER C 699 -22.77 -0.95 -16.00
CA SER C 699 -23.91 -1.69 -15.47
C SER C 699 -25.21 -0.97 -15.76
N SER C 700 -25.35 0.24 -15.22
CA SER C 700 -26.53 1.05 -15.50
C SER C 700 -26.73 1.24 -17.00
N PHE C 701 -25.64 1.35 -17.76
CA PHE C 701 -25.77 1.55 -19.20
C PHE C 701 -26.56 0.41 -19.81
N ARG C 702 -26.22 -0.83 -19.43
CA ARG C 702 -26.96 -1.98 -19.93
C ARG C 702 -28.43 -1.88 -19.56
N LYS C 703 -28.72 -1.47 -18.33
CA LYS C 703 -30.11 -1.27 -17.94
C LYS C 703 -30.76 -0.24 -18.86
N THR C 704 -30.11 0.92 -19.04
CA THR C 704 -30.71 1.95 -19.87
C THR C 704 -30.75 1.51 -21.33
N PHE C 705 -29.95 0.51 -21.70
CA PHE C 705 -30.15 -0.11 -23.00
C PHE C 705 -31.40 -0.97 -22.98
N GLU C 706 -31.46 -1.95 -22.07
CA GLU C 706 -32.50 -2.96 -22.13
C GLU C 706 -33.88 -2.34 -21.94
N ASP C 707 -34.03 -1.48 -20.93
CA ASP C 707 -35.28 -0.76 -20.78
C ASP C 707 -35.60 0.10 -21.98
N TYR C 708 -34.59 0.75 -22.57
CA TYR C 708 -34.84 1.49 -23.81
C TYR C 708 -35.24 0.54 -24.93
N LEU C 709 -34.69 -0.67 -24.92
CA LEU C 709 -35.14 -1.68 -25.88
C LEU C 709 -36.53 -2.20 -25.56
N HIS C 710 -37.01 -2.03 -24.33
CA HIS C 710 -38.33 -2.49 -23.93
C HIS C 710 -39.41 -1.44 -24.16
N ASN C 711 -39.13 -0.17 -23.85
CA ASN C 711 -40.12 0.90 -23.87
C ASN C 711 -40.64 1.20 -25.28
N VAL C 712 -39.98 0.70 -26.32
CA VAL C 712 -40.43 0.89 -27.70
C VAL C 712 -41.31 -0.25 -28.20
N VAL C 713 -41.26 -1.42 -27.57
CA VAL C 713 -41.90 -2.63 -28.09
C VAL C 713 -43.17 -2.98 -27.33
N PHE C 714 -43.62 -2.13 -26.42
CA PHE C 714 -44.77 -2.42 -25.55
C PHE C 714 -45.72 -1.24 -25.54
N VAL C 715 -46.78 -1.37 -24.74
CA VAL C 715 -47.82 -0.35 -24.59
C VAL C 715 -48.49 -0.12 -25.94
N PRO C 716 -49.25 -1.08 -26.46
CA PRO C 716 -49.92 -0.86 -27.76
C PRO C 716 -50.90 0.29 -27.75
N ARG C 717 -51.60 0.53 -26.65
CA ARG C 717 -52.58 1.61 -26.55
C ARG C 717 -52.64 2.07 -25.11
N PRO C 718 -52.88 3.37 -24.86
CA PRO C 718 -53.22 3.77 -23.49
C PRO C 718 -54.49 3.09 -22.97
N SER C 719 -55.45 2.85 -23.85
CA SER C 719 -56.70 2.22 -23.46
C SER C 719 -56.53 0.71 -23.26
N SER D 1 6.05 -51.37 11.98
CA SER D 1 6.97 -52.46 12.24
C SER D 1 6.64 -53.14 13.56
N LEU D 2 6.46 -52.33 14.61
CA LEU D 2 6.11 -52.83 15.94
C LEU D 2 5.10 -51.86 16.56
N GLY D 3 3.84 -52.25 16.56
CA GLY D 3 2.82 -51.40 17.15
C GLY D 3 3.04 -51.22 18.64
N ASP D 4 2.71 -50.04 19.15
CA ASP D 4 2.90 -49.66 20.53
C ASP D 4 1.56 -49.29 21.16
N VAL D 5 1.58 -49.15 22.49
CA VAL D 5 0.38 -48.80 23.26
C VAL D 5 0.67 -47.55 24.09
N GLY D 6 -0.36 -47.00 24.71
CA GLY D 6 -0.22 -45.82 25.54
C GLY D 6 -0.54 -44.53 24.81
N ASN D 7 -1.19 -43.59 25.49
CA ASN D 7 -1.51 -42.27 24.96
C ASN D 7 -0.85 -41.14 25.72
N VAL D 8 -0.01 -41.44 26.71
CA VAL D 8 0.69 -40.42 27.48
C VAL D 8 2.19 -40.71 27.41
N THR D 9 2.98 -39.84 28.02
CA THR D 9 4.43 -40.01 28.00
C THR D 9 4.81 -41.30 28.73
N VAL D 10 5.70 -42.07 28.10
CA VAL D 10 6.05 -43.40 28.57
C VAL D 10 7.13 -43.27 29.64
N ALA D 11 7.12 -44.21 30.58
CA ALA D 11 8.19 -44.35 31.57
C ALA D 11 8.64 -45.79 31.76
N VAL D 12 7.82 -46.79 31.46
CA VAL D 12 8.19 -48.19 31.61
C VAL D 12 9.11 -48.55 30.44
N PRO D 13 9.96 -49.57 30.58
CA PRO D 13 10.82 -49.95 29.44
C PRO D 13 10.00 -50.54 28.31
N THR D 14 10.50 -50.34 27.09
CA THR D 14 9.89 -50.89 25.88
C THR D 14 10.78 -52.02 25.37
N VAL D 15 10.15 -53.18 25.08
CA VAL D 15 10.91 -54.33 24.61
C VAL D 15 11.55 -54.00 23.27
N ALA D 16 12.89 -54.11 23.21
CA ALA D 16 13.66 -53.79 22.02
C ALA D 16 14.54 -54.94 21.55
N ALA D 17 14.37 -56.14 22.12
CA ALA D 17 15.19 -57.31 21.76
C ALA D 17 16.67 -57.04 22.00
N PHE D 18 16.98 -56.35 23.08
CA PHE D 18 18.35 -56.10 23.53
C PHE D 18 18.40 -56.35 25.02
N PRO D 19 19.61 -56.55 25.59
CA PRO D 19 19.70 -56.76 27.04
C PRO D 19 19.21 -55.56 27.84
N ASN D 20 19.76 -54.38 27.56
CA ASN D 20 19.30 -53.14 28.17
C ASN D 20 18.26 -52.51 27.25
N THR D 21 17.04 -52.36 27.76
CA THR D 21 15.91 -51.90 26.97
C THR D 21 15.49 -50.52 27.47
N SER D 22 15.42 -49.57 26.54
CA SER D 22 14.95 -48.22 26.80
C SER D 22 13.82 -47.87 25.82
N SER D 23 12.86 -47.09 26.31
CA SER D 23 11.73 -46.69 25.49
C SER D 23 12.16 -45.64 24.48
N THR D 24 11.31 -45.43 23.47
CA THR D 24 11.63 -44.60 22.31
C THR D 24 12.88 -45.14 21.60
N SER D 25 12.90 -46.46 21.41
CA SER D 25 13.99 -47.17 20.75
C SER D 25 13.46 -48.18 19.75
N VAL D 26 12.33 -47.89 19.11
CA VAL D 26 11.62 -48.81 18.25
C VAL D 26 11.33 -48.11 16.93
N PRO D 27 11.39 -48.79 15.79
CA PRO D 27 10.88 -48.18 14.55
C PRO D 27 9.38 -47.93 14.62
N THR D 28 8.92 -46.94 13.88
CA THR D 28 7.52 -46.56 13.88
C THR D 28 6.66 -47.67 13.29
N SER D 29 5.37 -47.61 13.59
CA SER D 29 4.38 -48.57 13.13
C SER D 29 3.11 -47.84 12.71
N PRO D 30 2.27 -48.45 11.87
CA PRO D 30 0.99 -47.80 11.52
C PRO D 30 0.07 -47.58 12.71
N GLU D 31 0.26 -48.29 13.82
CA GLU D 31 -0.59 -48.09 14.98
C GLU D 31 -0.48 -46.66 15.49
N GLU D 32 -1.62 -46.05 15.80
CA GLU D 32 -1.67 -44.65 16.19
C GLU D 32 -1.33 -44.40 17.65
N HIS D 33 -1.35 -45.45 18.49
CA HIS D 33 -1.12 -45.29 19.93
C HIS D 33 0.38 -45.14 20.15
N ARG D 34 0.84 -43.90 20.06
CA ARG D 34 2.24 -43.52 20.13
C ARG D 34 2.59 -43.02 21.53
N PRO D 35 3.87 -42.63 21.79
CA PRO D 35 4.19 -42.02 23.10
C PRO D 35 3.71 -40.58 23.28
N PHE D 36 2.80 -40.12 22.43
CA PHE D 36 2.24 -38.78 22.51
C PHE D 36 1.53 -38.51 23.83
N GLU D 37 1.04 -37.29 24.00
CA GLU D 37 0.24 -36.90 25.14
C GLU D 37 -0.97 -36.09 24.66
N LYS D 38 -2.05 -36.17 25.43
CA LYS D 38 -3.26 -35.43 25.13
C LYS D 38 -3.12 -33.99 25.65
N VAL D 39 -4.14 -33.18 25.33
CA VAL D 39 -4.08 -31.76 25.66
C VAL D 39 -4.20 -31.57 27.17
N VAL D 40 -3.47 -30.60 27.70
CA VAL D 40 -3.58 -30.19 29.10
C VAL D 40 -3.92 -28.72 29.17
N ASN D 41 -4.59 -28.19 28.14
CA ASN D 41 -4.98 -26.79 28.01
C ASN D 41 -3.79 -25.84 27.90
N LYS D 42 -2.56 -26.35 27.77
CA LYS D 42 -1.35 -25.54 27.75
C LYS D 42 -0.41 -26.07 26.70
N GLU D 43 0.33 -25.17 26.07
CA GLU D 43 1.31 -25.53 25.04
C GLU D 43 2.66 -25.90 25.66
N SER D 44 2.62 -26.89 26.55
CA SER D 44 3.84 -27.34 27.23
C SER D 44 3.56 -28.71 27.82
N LEU D 45 4.41 -29.68 27.50
CA LEU D 45 4.26 -31.04 27.99
C LEU D 45 5.63 -31.62 28.26
N VAL D 46 5.92 -31.92 29.53
CA VAL D 46 7.16 -32.59 29.88
C VAL D 46 7.09 -34.03 29.41
N ILE D 47 8.15 -34.48 28.74
CA ILE D 47 8.22 -35.80 28.13
C ILE D 47 9.27 -36.62 28.84
N SER D 48 8.93 -37.88 29.09
CA SER D 48 9.78 -38.78 29.87
C SER D 48 9.91 -40.10 29.11
N GLY D 49 10.75 -40.98 29.64
CA GLY D 49 11.01 -42.27 29.02
C GLY D 49 11.94 -42.23 27.84
N LEU D 50 12.47 -41.06 27.48
CA LEU D 50 13.32 -40.94 26.30
C LEU D 50 14.70 -41.48 26.64
N ARG D 51 15.61 -41.40 25.68
CA ARG D 51 17.00 -41.81 25.86
C ARG D 51 17.87 -40.57 26.05
N HIS D 52 18.99 -40.76 26.73
CA HIS D 52 19.91 -39.65 26.98
C HIS D 52 20.48 -39.17 25.64
N PHE D 53 19.95 -38.04 25.17
CA PHE D 53 20.39 -37.33 23.97
C PHE D 53 20.35 -38.19 22.71
N THR D 54 19.35 -39.07 22.57
CA THR D 54 19.14 -39.75 21.31
C THR D 54 18.50 -38.79 20.30
N GLY D 55 18.97 -38.85 19.05
CA GLY D 55 18.36 -38.07 17.99
C GLY D 55 16.93 -38.50 17.77
N TYR D 56 16.02 -37.53 17.64
CA TYR D 56 14.60 -37.80 17.47
C TYR D 56 14.01 -36.81 16.49
N ARG D 57 13.63 -37.29 15.32
CA ARG D 57 12.68 -36.56 14.49
C ARG D 57 11.31 -36.62 15.14
N ILE D 58 10.57 -35.52 15.08
CA ILE D 58 9.18 -35.47 15.52
C ILE D 58 8.39 -34.64 14.53
N GLU D 59 7.15 -35.07 14.29
CA GLU D 59 6.18 -34.32 13.49
C GLU D 59 5.13 -33.77 14.46
N LEU D 60 5.28 -32.51 14.83
CA LEU D 60 4.36 -31.92 15.78
C LEU D 60 2.96 -31.81 15.16
N GLN D 61 1.97 -32.34 15.87
CA GLN D 61 0.61 -32.38 15.34
C GLN D 61 -0.38 -32.25 16.48
N ALA D 62 -1.38 -31.38 16.29
CA ALA D 62 -2.55 -31.30 17.13
C ALA D 62 -3.62 -32.21 16.55
N CYS D 63 -4.68 -32.45 17.33
CA CYS D 63 -5.72 -33.39 16.95
C CYS D 63 -7.09 -32.93 17.43
N ASN D 64 -8.11 -33.46 16.76
CA ASN D 64 -9.50 -33.30 17.16
C ASN D 64 -10.24 -34.55 16.73
N GLN D 65 -11.42 -34.76 17.31
CA GLN D 65 -12.25 -35.95 17.04
C GLN D 65 -11.46 -37.23 17.33
N ASP D 66 -11.16 -37.41 18.62
CA ASP D 66 -10.44 -38.59 19.06
C ASP D 66 -11.28 -39.87 18.96
N THR D 67 -12.60 -39.76 18.78
CA THR D 67 -13.46 -40.94 18.84
C THR D 67 -13.19 -41.92 17.70
N PRO D 68 -13.27 -41.54 16.41
CA PRO D 68 -13.10 -42.56 15.37
C PRO D 68 -11.68 -43.08 15.29
N GLU D 69 -10.72 -42.16 15.16
CA GLU D 69 -9.30 -42.48 15.15
C GLU D 69 -8.57 -41.26 15.70
N GLU D 70 -7.23 -41.25 15.58
CA GLU D 70 -6.44 -40.08 15.93
C GLU D 70 -6.41 -39.16 14.71
N ARG D 71 -7.56 -38.55 14.44
CA ARG D 71 -7.66 -37.57 13.36
C ARG D 71 -6.85 -36.35 13.75
N CYS D 72 -5.71 -36.14 13.08
CA CYS D 72 -4.70 -35.18 13.50
C CYS D 72 -4.27 -34.35 12.29
N SER D 73 -3.24 -33.54 12.49
CA SER D 73 -2.86 -32.49 11.56
C SER D 73 -1.68 -32.95 10.69
N VAL D 74 -1.29 -32.09 9.75
CA VAL D 74 -0.17 -32.41 8.88
C VAL D 74 1.15 -32.31 9.64
N ALA D 75 2.19 -32.86 9.04
CA ALA D 75 3.48 -33.07 9.70
C ALA D 75 4.39 -31.87 9.49
N ALA D 76 5.02 -31.43 10.58
CA ALA D 76 6.11 -30.46 10.55
C ALA D 76 7.35 -31.11 11.14
N TYR D 77 8.34 -31.38 10.27
CA TYR D 77 9.51 -32.19 10.63
C TYR D 77 10.50 -31.34 11.41
N VAL D 78 10.72 -31.71 12.67
CA VAL D 78 11.68 -31.01 13.53
C VAL D 78 12.49 -32.05 14.32
N SER D 79 13.80 -31.86 14.36
CA SER D 79 14.72 -32.77 15.05
C SER D 79 15.10 -32.19 16.41
N ALA D 80 15.12 -33.03 17.43
CA ALA D 80 15.37 -32.62 18.79
C ALA D 80 16.75 -33.07 19.27
N ARG D 81 17.49 -32.15 19.91
CA ARG D 81 18.81 -32.43 20.47
C ARG D 81 18.96 -31.55 21.72
N THR D 82 18.73 -32.15 22.89
CA THR D 82 18.68 -31.42 24.16
C THR D 82 19.53 -32.13 25.21
N MET D 83 20.41 -31.36 25.86
CA MET D 83 21.14 -31.81 27.04
C MET D 83 22.00 -33.03 26.73
N PRO D 84 23.10 -32.88 25.99
CA PRO D 84 24.00 -34.02 25.78
C PRO D 84 24.67 -34.48 27.07
N GLU D 85 24.72 -35.80 27.26
CA GLU D 85 25.45 -36.41 28.36
C GLU D 85 26.81 -36.88 27.89
N ALA D 86 27.70 -35.92 27.67
CA ALA D 86 29.07 -36.23 27.25
C ALA D 86 29.78 -37.10 28.27
N LYS D 87 29.38 -37.01 29.55
CA LYS D 87 29.84 -37.96 30.55
C LYS D 87 29.47 -39.38 30.15
N ALA D 88 28.21 -39.58 29.76
CA ALA D 88 27.73 -40.90 29.35
C ALA D 88 28.39 -41.39 28.06
N ASP D 89 29.02 -40.50 27.31
CA ASP D 89 29.72 -40.92 26.09
C ASP D 89 30.91 -41.82 26.38
N ASP D 90 31.38 -41.86 27.63
CA ASP D 90 32.46 -42.76 28.00
C ASP D 90 32.08 -44.20 27.70
N ILE D 91 31.04 -44.72 28.37
CA ILE D 91 30.59 -46.09 28.17
C ILE D 91 29.13 -46.19 28.56
N VAL D 92 28.35 -46.85 27.70
CA VAL D 92 27.02 -47.34 28.05
C VAL D 92 27.14 -48.85 28.08
N GLY D 93 27.56 -49.44 26.97
CA GLY D 93 28.01 -50.82 26.92
C GLY D 93 29.52 -50.87 26.92
N PRO D 94 30.09 -52.06 27.08
CA PRO D 94 31.56 -52.16 27.12
C PRO D 94 32.20 -51.91 25.77
N VAL D 95 33.53 -51.85 25.75
CA VAL D 95 34.31 -51.68 24.54
C VAL D 95 35.42 -52.72 24.55
N THR D 96 35.70 -53.28 23.38
CA THR D 96 36.69 -54.34 23.25
C THR D 96 37.48 -54.04 21.99
N HIS D 97 38.27 -55.02 21.52
CA HIS D 97 39.06 -54.81 20.33
C HIS D 97 39.51 -56.15 19.77
N GLU D 98 39.56 -56.23 18.44
CA GLU D 98 40.15 -57.37 17.74
C GLU D 98 41.52 -56.95 17.22
N ILE D 99 42.55 -57.66 17.65
CA ILE D 99 43.91 -57.35 17.24
C ILE D 99 44.16 -57.96 15.86
N PHE D 100 43.92 -57.17 14.81
CA PHE D 100 44.07 -57.70 13.47
C PHE D 100 45.55 -57.94 13.17
N GLU D 101 45.79 -58.83 12.21
CA GLU D 101 47.16 -59.24 11.86
C GLU D 101 47.79 -58.27 10.87
N ASN D 102 47.75 -56.98 11.20
CA ASN D 102 48.36 -55.94 10.38
C ASN D 102 48.97 -54.84 11.26
N ASN D 103 49.37 -55.18 12.49
CA ASN D 103 49.82 -54.20 13.47
C ASN D 103 48.77 -53.13 13.71
N VAL D 104 47.51 -53.56 13.81
CA VAL D 104 46.39 -52.67 14.11
C VAL D 104 45.48 -53.37 15.12
N VAL D 105 44.96 -52.57 16.05
CA VAL D 105 44.04 -53.05 17.08
C VAL D 105 42.69 -52.42 16.75
N HIS D 106 41.87 -53.15 16.00
CA HIS D 106 40.56 -52.67 15.57
C HIS D 106 39.67 -52.57 16.79
N LEU D 107 39.45 -51.35 17.27
CA LEU D 107 38.66 -51.14 18.48
C LEU D 107 37.19 -51.29 18.16
N MET D 108 36.56 -52.30 18.76
CA MET D 108 35.15 -52.61 18.53
C MET D 108 34.33 -51.99 19.66
N TRP D 109 33.36 -51.17 19.29
CA TRP D 109 32.57 -50.38 20.23
C TRP D 109 31.20 -51.03 20.35
N GLN D 110 30.97 -51.70 21.47
CA GLN D 110 29.71 -52.39 21.72
C GLN D 110 28.72 -51.44 22.38
N GLU D 111 27.44 -51.81 22.29
CA GLU D 111 26.36 -50.99 22.81
C GLU D 111 25.07 -51.80 22.83
N PRO D 112 24.15 -51.59 23.80
CA PRO D 112 22.81 -52.16 23.65
C PRO D 112 22.10 -51.58 22.44
N LYS D 113 22.00 -50.25 22.42
CA LYS D 113 21.58 -49.50 21.24
C LYS D 113 22.32 -48.19 21.05
N GLU D 114 22.87 -47.59 22.11
CA GLU D 114 23.39 -46.23 22.02
C GLU D 114 24.53 -45.99 23.01
N PRO D 115 25.75 -45.68 22.54
CA PRO D 115 26.76 -45.05 23.42
C PRO D 115 26.54 -43.53 23.50
N ASN D 116 25.62 -43.14 24.38
CA ASN D 116 25.23 -41.75 24.55
C ASN D 116 24.64 -41.16 23.28
N GLY D 117 23.50 -41.69 22.85
CA GLY D 117 22.78 -41.15 21.70
C GLY D 117 23.01 -41.94 20.43
N LEU D 118 22.77 -41.30 19.28
CA LEU D 118 22.88 -41.96 17.99
C LEU D 118 24.32 -41.86 17.50
N ILE D 119 24.93 -43.02 17.22
CA ILE D 119 26.25 -43.01 16.63
C ILE D 119 26.15 -42.47 15.21
N VAL D 120 26.92 -41.42 14.93
CA VAL D 120 26.96 -40.82 13.59
C VAL D 120 28.39 -40.78 13.08
N LEU D 121 29.37 -40.71 13.98
CA LEU D 121 30.77 -40.65 13.60
C LEU D 121 31.62 -40.79 14.85
N TYR D 122 32.88 -41.15 14.65
CA TYR D 122 33.91 -41.10 15.68
C TYR D 122 35.05 -40.27 15.12
N GLU D 123 35.13 -39.00 15.51
CA GLU D 123 36.17 -38.12 14.99
C GLU D 123 37.55 -38.64 15.39
N VAL D 124 38.44 -38.71 14.41
CA VAL D 124 39.83 -39.12 14.61
C VAL D 124 40.73 -38.15 13.86
N SER D 125 41.82 -37.73 14.50
CA SER D 125 42.77 -36.77 13.93
C SER D 125 44.17 -37.37 13.87
N TYR D 126 44.26 -38.68 13.69
CA TYR D 126 45.55 -39.39 13.69
C TYR D 126 45.89 -39.73 12.24
N ARG D 127 46.72 -38.88 11.63
CA ARG D 127 47.18 -39.09 10.26
C ARG D 127 48.66 -38.70 10.11
N ARG D 128 49.40 -38.61 11.21
CA ARG D 128 50.75 -38.07 11.22
C ARG D 128 51.76 -39.16 10.88
N TYR D 129 53.04 -38.86 11.06
CA TYR D 129 54.13 -39.81 10.83
C TYR D 129 54.17 -40.25 9.35
N GLY D 130 54.03 -39.27 8.47
CA GLY D 130 54.06 -39.56 7.05
C GLY D 130 52.91 -40.45 6.63
N ASP D 131 53.16 -41.29 5.62
CA ASP D 131 52.16 -42.21 5.09
C ASP D 131 52.42 -43.60 5.65
N GLU D 132 51.35 -44.26 6.06
CA GLU D 132 51.43 -45.55 6.75
C GLU D 132 50.21 -46.37 6.31
N GLU D 133 49.90 -47.41 7.09
CA GLU D 133 48.85 -48.36 6.74
C GLU D 133 47.51 -47.66 6.54
N LEU D 134 46.55 -48.42 6.00
CA LEU D 134 45.26 -47.87 5.62
C LEU D 134 44.52 -47.34 6.83
N HIS D 135 44.42 -46.02 6.93
CA HIS D 135 43.80 -45.33 8.06
C HIS D 135 42.40 -44.87 7.69
N LEU D 136 41.46 -45.09 8.60
CA LEU D 136 40.10 -44.61 8.43
C LEU D 136 39.59 -44.06 9.74
N CYS D 137 39.24 -42.78 9.73
CA CYS D 137 38.36 -42.21 10.75
C CYS D 137 36.94 -42.69 10.44
N VAL D 138 36.69 -43.92 10.88
CA VAL D 138 35.62 -44.74 10.31
C VAL D 138 34.25 -44.08 10.51
N SER D 139 33.47 -44.07 9.44
CA SER D 139 32.11 -43.54 9.48
C SER D 139 31.17 -44.63 9.99
N ARG D 140 29.87 -44.33 10.00
CA ARG D 140 28.92 -45.28 10.56
C ARG D 140 28.68 -46.45 9.62
N LYS D 141 28.79 -46.24 8.32
CA LYS D 141 28.60 -47.35 7.38
C LYS D 141 29.75 -48.34 7.49
N HIS D 142 30.99 -47.85 7.45
CA HIS D 142 32.14 -48.74 7.59
C HIS D 142 32.20 -49.34 8.98
N PHE D 143 31.71 -48.59 9.99
CA PHE D 143 31.55 -49.18 11.32
C PHE D 143 30.54 -50.32 11.30
N ALA D 144 29.45 -50.17 10.56
CA ALA D 144 28.48 -51.24 10.46
C ALA D 144 29.08 -52.47 9.79
N LEU D 145 29.84 -52.25 8.71
CA LEU D 145 30.40 -53.35 7.94
C LEU D 145 31.68 -53.92 8.52
N GLU D 146 32.25 -53.30 9.57
CA GLU D 146 33.45 -53.80 10.21
C GLU D 146 33.37 -53.85 11.73
N ARG D 147 32.44 -53.11 12.34
CA ARG D 147 32.27 -53.11 13.80
C ARG D 147 33.52 -52.66 14.53
N GLY D 148 34.24 -51.69 13.96
CA GLY D 148 35.40 -51.13 14.64
C GLY D 148 35.99 -49.92 13.95
N CYS D 149 37.29 -49.68 14.17
CA CYS D 149 37.95 -48.47 13.67
C CYS D 149 39.37 -48.80 13.24
N ARG D 150 39.77 -48.29 12.09
CA ARG D 150 41.13 -48.43 11.57
C ARG D 150 41.95 -47.19 11.90
N LEU D 151 43.28 -47.34 11.81
CA LEU D 151 44.21 -46.27 12.11
C LEU D 151 45.48 -46.48 11.29
N ARG D 152 46.37 -45.49 11.35
CA ARG D 152 47.70 -45.60 10.75
C ARG D 152 48.54 -46.60 11.52
N GLY D 153 49.75 -46.87 11.05
CA GLY D 153 50.66 -47.71 11.80
C GLY D 153 51.02 -47.09 13.13
N LEU D 154 51.27 -47.95 14.12
CA LEU D 154 51.64 -47.53 15.46
C LEU D 154 52.88 -48.30 15.91
N SER D 155 53.87 -47.55 16.37
CA SER D 155 55.17 -48.08 16.78
C SER D 155 55.22 -48.27 18.29
N PRO D 156 56.21 -49.01 18.80
CA PRO D 156 56.34 -49.15 20.25
C PRO D 156 56.64 -47.82 20.92
N GLY D 157 56.15 -47.66 22.14
CA GLY D 157 56.40 -46.47 22.93
C GLY D 157 55.13 -45.75 23.36
N ASN D 158 55.10 -44.43 23.20
CA ASN D 158 53.98 -43.60 23.62
C ASN D 158 53.20 -43.09 22.41
N TYR D 159 51.87 -43.13 22.52
CA TYR D 159 51.00 -42.68 21.43
C TYR D 159 49.82 -41.91 22.01
N SER D 160 49.68 -40.65 21.59
CA SER D 160 48.55 -39.83 22.01
C SER D 160 47.38 -40.10 21.08
N VAL D 161 46.27 -40.59 21.64
CA VAL D 161 45.09 -40.89 20.84
C VAL D 161 44.31 -39.61 20.57
N ARG D 162 43.53 -39.63 19.48
CA ARG D 162 42.67 -38.52 19.09
C ARG D 162 41.27 -39.00 18.69
N ILE D 163 40.85 -40.16 19.16
CA ILE D 163 39.55 -40.74 18.81
C ILE D 163 38.56 -40.40 19.92
N ARG D 164 37.58 -39.56 19.60
CA ARG D 164 36.46 -39.26 20.49
C ARG D 164 35.17 -39.63 19.79
N ALA D 165 34.30 -40.35 20.47
CA ALA D 165 33.00 -40.66 19.90
C ALA D 165 32.18 -39.38 19.78
N THR D 166 31.62 -39.16 18.59
CA THR D 166 30.86 -37.94 18.28
C THR D 166 29.42 -38.34 17.99
N SER D 167 28.63 -38.45 19.06
CA SER D 167 27.18 -38.58 18.96
C SER D 167 26.50 -37.24 19.08
N LEU D 168 27.16 -36.17 18.62
CA LEU D 168 26.76 -34.78 18.84
C LEU D 168 26.83 -34.39 20.31
N ALA D 169 27.57 -35.13 21.14
CA ALA D 169 27.77 -34.84 22.55
C ALA D 169 29.24 -34.78 22.95
N GLY D 170 30.07 -35.70 22.44
CA GLY D 170 31.50 -35.65 22.66
C GLY D 170 31.95 -36.36 23.92
N ASN D 171 33.28 -36.43 24.05
CA ASN D 171 33.95 -37.00 25.22
C ASN D 171 33.69 -38.50 25.37
N GLY D 172 33.82 -39.24 24.27
CA GLY D 172 33.77 -40.69 24.29
C GLY D 172 35.13 -41.32 24.06
N SER D 173 35.74 -41.86 25.12
CA SER D 173 37.07 -42.47 25.12
C SER D 173 38.19 -41.47 24.86
N TRP D 174 37.92 -40.17 24.96
CA TRP D 174 38.97 -39.18 24.80
C TRP D 174 38.46 -37.84 25.28
N THR D 175 39.29 -37.15 26.06
CA THR D 175 39.08 -35.75 26.41
C THR D 175 40.32 -34.89 26.25
N GLU D 176 41.52 -35.48 26.30
CA GLU D 176 42.77 -34.78 26.11
C GLU D 176 43.79 -35.77 25.57
N PRO D 177 44.84 -35.32 24.88
CA PRO D 177 45.75 -36.30 24.24
C PRO D 177 46.67 -37.00 25.22
N THR D 178 46.09 -37.90 26.01
CA THR D 178 46.88 -38.76 26.89
C THR D 178 47.59 -39.82 26.06
N TYR D 179 48.78 -40.20 26.51
CA TYR D 179 49.64 -41.14 25.80
C TYR D 179 49.42 -42.55 26.34
N PHE D 180 48.94 -43.45 25.48
CA PHE D 180 48.92 -44.87 25.79
C PHE D 180 50.25 -45.52 25.44
N TYR D 181 50.53 -46.65 26.10
CA TYR D 181 51.73 -47.44 25.87
C TYR D 181 51.44 -48.45 24.77
N VAL D 182 51.93 -48.17 23.56
CA VAL D 182 51.86 -49.12 22.45
C VAL D 182 52.99 -50.12 22.65
N THR D 183 52.64 -51.40 22.75
CA THR D 183 53.59 -52.47 23.03
C THR D 183 53.62 -53.44 21.86
N ASP D 184 54.75 -53.47 21.15
CA ASP D 184 54.93 -54.34 19.98
C ASP D 184 53.87 -54.06 18.93
N TYR D 185 53.68 -52.78 18.63
CA TYR D 185 52.78 -52.31 17.57
C TYR D 185 51.32 -52.68 17.82
N LEU D 186 50.97 -53.11 19.02
CA LEU D 186 49.65 -53.67 19.30
C LEU D 186 49.39 -53.52 20.80
N ASP D 187 48.22 -54.00 21.23
CA ASP D 187 47.84 -54.09 22.64
C ASP D 187 47.85 -52.70 23.30
N VAL D 188 46.94 -51.86 22.83
CA VAL D 188 46.73 -50.51 23.33
C VAL D 188 45.45 -50.51 24.16
N PRO D 189 45.53 -50.49 25.51
CA PRO D 189 44.27 -50.43 26.29
C PRO D 189 43.62 -49.04 26.23
N SER D 190 42.96 -48.76 25.11
CA SER D 190 42.31 -47.47 24.93
C SER D 190 41.08 -47.37 25.83
N ASN D 191 40.59 -46.14 25.99
CA ASN D 191 39.44 -45.84 26.85
C ASN D 191 39.72 -46.26 28.29
N ILE D 192 40.75 -45.63 28.86
CA ILE D 192 41.12 -45.86 30.25
C ILE D 192 40.17 -45.05 31.11
N ALA D 193 39.01 -45.63 31.43
CA ALA D 193 37.95 -44.93 32.16
C ALA D 193 37.56 -43.64 31.46
N LYS D 194 37.48 -43.69 30.14
CA LYS D 194 37.22 -42.50 29.35
C LYS D 194 35.96 -42.65 28.50
N GLY E 1 -44.74 3.27 -20.76
CA GLY E 1 -44.00 2.02 -20.75
C GLY E 1 -44.55 1.03 -19.73
N ILE E 2 -44.32 -0.26 -19.98
CA ILE E 2 -44.71 -1.27 -19.02
C ILE E 2 -43.97 -1.08 -17.69
N VAL E 3 -42.70 -0.68 -17.75
CA VAL E 3 -41.92 -0.42 -16.55
C VAL E 3 -42.62 0.60 -15.66
N GLU E 4 -43.26 1.60 -16.28
CA GLU E 4 -43.97 2.66 -15.56
C GLU E 4 -45.11 2.14 -14.70
N GLN E 5 -45.50 0.86 -14.83
CA GLN E 5 -46.46 0.25 -13.93
C GLN E 5 -45.96 -1.04 -13.29
N CYS E 6 -44.73 -1.49 -13.57
CA CYS E 6 -44.22 -2.74 -13.01
C CYS E 6 -42.80 -2.65 -12.48
N CYS E 7 -42.00 -1.68 -12.93
CA CYS E 7 -40.74 -1.33 -12.28
C CYS E 7 -40.92 -0.23 -11.25
N THR E 8 -42.10 -0.11 -10.66
CA THR E 8 -42.50 0.97 -9.79
C THR E 8 -43.65 0.46 -8.93
N SER E 9 -44.44 1.39 -8.37
CA SER E 9 -45.58 1.09 -7.51
C SER E 9 -46.47 -0.03 -8.05
N ILE E 10 -47.23 -0.67 -7.16
CA ILE E 10 -47.77 -2.02 -7.28
C ILE E 10 -48.31 -2.35 -8.68
N CYS E 11 -47.92 -3.51 -9.19
CA CYS E 11 -48.28 -3.97 -10.53
C CYS E 11 -49.41 -5.00 -10.39
N SER E 12 -50.65 -4.56 -10.62
CA SER E 12 -51.85 -5.36 -10.41
C SER E 12 -52.28 -6.02 -11.72
N LEU E 13 -53.43 -6.69 -11.66
CA LEU E 13 -53.92 -7.44 -12.82
C LEU E 13 -54.21 -6.52 -13.99
N TYR E 14 -54.85 -5.37 -13.73
CA TYR E 14 -55.18 -4.45 -14.82
C TYR E 14 -53.93 -3.87 -15.46
N GLN E 15 -52.85 -3.75 -14.69
CA GLN E 15 -51.60 -3.23 -15.24
C GLN E 15 -50.95 -4.21 -16.22
N LEU E 16 -51.40 -5.47 -16.25
CA LEU E 16 -50.88 -6.48 -17.16
C LEU E 16 -51.83 -6.83 -18.28
N GLU E 17 -53.10 -7.07 -17.97
CA GLU E 17 -54.11 -7.45 -18.97
C GLU E 17 -54.74 -6.20 -19.58
N ASN E 18 -53.88 -5.40 -20.21
CA ASN E 18 -54.32 -4.22 -20.96
C ASN E 18 -54.32 -4.44 -22.47
N TYR E 19 -53.72 -5.52 -22.97
CA TYR E 19 -53.71 -5.83 -24.39
C TYR E 19 -53.94 -7.30 -24.71
N CYS E 20 -54.12 -8.18 -23.73
CA CYS E 20 -54.42 -9.57 -24.05
C CYS E 20 -55.82 -9.67 -24.67
N ASN E 21 -56.12 -10.85 -25.21
CA ASN E 21 -57.43 -11.13 -25.76
C ASN E 21 -58.45 -11.27 -24.64
N PHE F 1 -45.34 -8.71 -10.93
CA PHE F 1 -46.23 -9.81 -11.30
C PHE F 1 -46.70 -10.57 -10.07
N VAL F 2 -45.77 -11.28 -9.43
CA VAL F 2 -46.08 -12.11 -8.27
C VAL F 2 -45.80 -11.36 -6.96
N ASN F 3 -44.78 -10.51 -6.95
CA ASN F 3 -44.51 -9.61 -5.84
C ASN F 3 -45.02 -8.19 -6.10
N GLN F 4 -45.76 -7.98 -7.19
CA GLN F 4 -46.25 -6.68 -7.64
C GLN F 4 -45.12 -5.73 -8.03
N HIS F 5 -43.89 -6.23 -8.16
CA HIS F 5 -42.74 -5.42 -8.58
C HIS F 5 -41.82 -6.34 -9.36
N LEU F 6 -41.96 -6.35 -10.68
CA LEU F 6 -41.13 -7.15 -11.56
C LEU F 6 -40.51 -6.25 -12.62
N CYS F 7 -39.22 -6.46 -12.89
CA CYS F 7 -38.47 -5.59 -13.79
C CYS F 7 -37.34 -6.41 -14.40
N GLY F 8 -37.52 -6.81 -15.65
CA GLY F 8 -36.52 -7.59 -16.35
C GLY F 8 -37.12 -8.34 -17.52
N SER F 9 -36.31 -9.21 -18.10
CA SER F 9 -36.80 -10.06 -19.19
C SER F 9 -37.89 -10.99 -18.70
N HIS F 10 -37.87 -11.33 -17.41
CA HIS F 10 -38.91 -12.17 -16.81
C HIS F 10 -40.26 -11.49 -16.95
N LEU F 11 -40.28 -10.15 -16.86
CA LEU F 11 -41.52 -9.41 -17.07
C LEU F 11 -42.09 -9.68 -18.46
N VAL F 12 -41.24 -9.59 -19.48
CA VAL F 12 -41.72 -9.82 -20.85
C VAL F 12 -42.17 -11.26 -21.04
N GLU F 13 -41.41 -12.23 -20.51
CA GLU F 13 -41.77 -13.63 -20.67
C GLU F 13 -43.11 -13.92 -19.99
N ALA F 14 -43.29 -13.41 -18.77
CA ALA F 14 -44.55 -13.61 -18.07
C ALA F 14 -45.70 -12.93 -18.80
N LEU F 15 -45.46 -11.74 -19.34
CA LEU F 15 -46.52 -11.04 -20.08
C LEU F 15 -46.93 -11.84 -21.31
N TYR F 16 -45.95 -12.40 -22.03
CA TYR F 16 -46.27 -13.23 -23.19
C TYR F 16 -47.06 -14.46 -22.77
N LEU F 17 -46.66 -15.09 -21.66
CA LEU F 17 -47.42 -16.23 -21.15
C LEU F 17 -48.83 -15.86 -20.72
N VAL F 18 -49.04 -14.62 -20.26
CA VAL F 18 -50.38 -14.22 -19.83
C VAL F 18 -51.33 -14.16 -21.02
N CYS F 19 -50.92 -13.48 -22.09
CA CYS F 19 -51.79 -13.36 -23.26
C CYS F 19 -51.72 -14.62 -24.13
N GLY F 20 -50.51 -15.01 -24.51
CA GLY F 20 -50.30 -16.11 -25.44
C GLY F 20 -50.18 -15.62 -26.87
N GLU F 21 -50.25 -16.57 -27.79
CA GLU F 21 -50.17 -16.24 -29.21
C GLU F 21 -51.35 -15.36 -29.61
N ARG F 22 -51.11 -14.44 -30.54
CA ARG F 22 -52.07 -13.41 -30.92
C ARG F 22 -52.55 -12.65 -29.68
N GLY F 23 -51.56 -12.23 -28.88
CA GLY F 23 -51.80 -11.51 -27.64
C GLY F 23 -51.44 -10.05 -27.73
N PHE F 24 -50.36 -9.73 -28.43
CA PHE F 24 -49.91 -8.36 -28.59
C PHE F 24 -50.70 -7.65 -29.68
N PHE F 25 -50.96 -6.37 -29.45
CA PHE F 25 -51.60 -5.49 -30.43
C PHE F 25 -50.65 -4.34 -30.73
N TYR F 26 -51.11 -3.44 -31.58
CA TYR F 26 -50.55 -2.10 -31.73
C TYR F 26 -51.55 -1.27 -32.53
N THR F 27 -51.18 -0.03 -32.85
CA THR F 27 -52.06 0.89 -33.56
C THR F 27 -51.32 1.54 -34.73
N PRO F 28 -51.54 1.10 -35.98
CA PRO F 28 -50.91 1.81 -37.10
C PRO F 28 -51.56 3.15 -37.41
N LYS F 29 -52.89 3.20 -37.28
CA LYS F 29 -53.65 4.41 -37.56
C LYS F 29 -53.45 5.39 -36.40
N THR F 30 -52.56 6.35 -36.58
CA THR F 30 -52.20 7.31 -35.55
C THR F 30 -52.08 8.71 -36.13
N GLY G 1 -14.33 -24.15 -18.57
CA GLY G 1 -15.07 -25.40 -18.50
C GLY G 1 -15.00 -26.03 -17.13
N ILE G 2 -14.91 -27.36 -17.10
CA ILE G 2 -14.81 -28.06 -15.83
C ILE G 2 -13.50 -27.73 -15.14
N VAL G 3 -12.43 -27.54 -15.91
CA VAL G 3 -11.11 -27.23 -15.36
C VAL G 3 -10.55 -25.98 -16.03
N GLU G 4 -11.43 -25.13 -16.58
CA GLU G 4 -10.99 -23.87 -17.17
C GLU G 4 -11.94 -22.71 -16.87
N GLN G 5 -13.02 -22.93 -16.10
CA GLN G 5 -13.94 -21.86 -15.73
C GLN G 5 -13.59 -21.21 -14.40
N CYS G 6 -12.81 -21.87 -13.56
CA CYS G 6 -12.34 -21.34 -12.29
C CYS G 6 -10.83 -21.18 -12.23
N CYS G 7 -10.08 -22.08 -12.88
CA CYS G 7 -8.63 -21.92 -12.95
C CYS G 7 -8.24 -20.95 -14.05
N THR G 8 -8.84 -21.10 -15.24
CA THR G 8 -8.56 -20.26 -16.40
C THR G 8 -9.66 -19.22 -16.59
N SER G 9 -10.27 -18.77 -15.49
CA SER G 9 -11.31 -17.75 -15.51
C SER G 9 -11.70 -17.46 -14.07
N ILE G 10 -12.48 -16.40 -13.89
CA ILE G 10 -12.94 -16.02 -12.55
C ILE G 10 -13.87 -17.12 -12.03
N CYS G 11 -13.60 -17.58 -10.82
CA CYS G 11 -14.36 -18.68 -10.26
C CYS G 11 -15.80 -18.25 -10.01
N SER G 12 -16.73 -19.17 -10.29
CA SER G 12 -18.14 -18.94 -10.06
C SER G 12 -18.85 -20.29 -10.01
N LEU G 13 -19.62 -20.51 -8.94
CA LEU G 13 -20.26 -21.79 -8.72
C LEU G 13 -21.41 -22.07 -9.67
N TYR G 14 -21.84 -21.08 -10.47
CA TYR G 14 -23.00 -21.28 -11.34
C TYR G 14 -22.70 -22.33 -12.40
N GLN G 15 -21.57 -22.19 -13.09
CA GLN G 15 -21.18 -23.19 -14.07
C GLN G 15 -20.83 -24.51 -13.40
N LEU G 16 -20.34 -24.46 -12.17
CA LEU G 16 -19.99 -25.68 -11.45
C LEU G 16 -21.22 -26.48 -11.05
N GLU G 17 -22.37 -25.81 -10.86
CA GLU G 17 -23.61 -26.52 -10.56
C GLU G 17 -24.01 -27.45 -11.70
N ASN G 18 -23.63 -27.12 -12.93
CA ASN G 18 -24.07 -27.88 -14.09
C ASN G 18 -23.53 -29.30 -14.11
N TYR G 19 -22.41 -29.56 -13.44
CA TYR G 19 -21.76 -30.86 -13.50
C TYR G 19 -22.41 -31.89 -12.57
N CYS G 20 -23.23 -31.45 -11.62
CA CYS G 20 -24.08 -32.35 -10.83
C CYS G 20 -25.49 -31.82 -10.62
N ASN G 21 -25.84 -30.66 -11.19
CA ASN G 21 -27.19 -30.13 -11.10
C ASN G 21 -27.46 -29.19 -12.27
N PHE H 1 -6.11 -19.47 -4.23
CA PHE H 1 -7.37 -19.10 -3.59
C PHE H 1 -8.38 -18.60 -4.62
N VAL H 2 -9.51 -18.11 -4.14
CA VAL H 2 -10.59 -17.64 -5.00
C VAL H 2 -10.39 -16.17 -5.39
N ASN H 3 -9.23 -15.60 -5.08
CA ASN H 3 -8.99 -14.21 -5.43
C ASN H 3 -8.99 -14.00 -6.94
N GLN H 4 -8.23 -14.83 -7.65
CA GLN H 4 -8.17 -14.80 -9.11
C GLN H 4 -8.33 -16.18 -9.74
N HIS H 5 -7.80 -17.22 -9.11
CA HIS H 5 -7.85 -18.56 -9.70
C HIS H 5 -7.33 -19.57 -8.69
N LEU H 6 -7.88 -20.78 -8.77
CA LEU H 6 -7.31 -21.95 -8.12
C LEU H 6 -7.02 -23.01 -9.18
N CYS H 7 -5.78 -23.49 -9.20
CA CYS H 7 -5.32 -24.42 -10.22
C CYS H 7 -4.52 -25.53 -9.53
N GLY H 8 -5.03 -26.75 -9.60
CA GLY H 8 -4.36 -27.88 -9.01
C GLY H 8 -5.37 -28.94 -8.59
N SER H 9 -4.86 -29.91 -7.83
CA SER H 9 -5.72 -30.95 -7.26
C SER H 9 -6.67 -30.40 -6.20
N HIS H 10 -6.42 -29.19 -5.70
CA HIS H 10 -7.28 -28.62 -4.66
C HIS H 10 -8.71 -28.44 -5.13
N LEU H 11 -8.92 -28.36 -6.45
CA LEU H 11 -10.27 -28.30 -7.00
C LEU H 11 -11.11 -29.47 -6.51
N VAL H 12 -10.49 -30.65 -6.36
CA VAL H 12 -11.19 -31.81 -5.83
C VAL H 12 -11.73 -31.49 -4.44
N GLU H 13 -10.88 -30.89 -3.59
CA GLU H 13 -11.31 -30.50 -2.25
C GLU H 13 -12.45 -29.50 -2.29
N ALA H 14 -12.59 -28.74 -3.38
CA ALA H 14 -13.76 -27.91 -3.60
C ALA H 14 -14.88 -28.65 -4.30
N LEU H 15 -14.55 -29.54 -5.25
CA LEU H 15 -15.56 -30.11 -6.13
C LEU H 15 -16.59 -30.91 -5.34
N TYR H 16 -16.12 -31.85 -4.52
CA TYR H 16 -17.03 -32.64 -3.70
C TYR H 16 -17.79 -31.76 -2.72
N LEU H 17 -17.23 -30.60 -2.35
CA LEU H 17 -17.93 -29.71 -1.44
C LEU H 17 -19.11 -29.00 -2.12
N VAL H 18 -19.25 -29.11 -3.44
CA VAL H 18 -20.31 -28.39 -4.14
C VAL H 18 -21.59 -29.23 -4.28
N CYS H 19 -21.47 -30.52 -4.57
CA CYS H 19 -22.62 -31.29 -5.02
C CYS H 19 -23.40 -31.92 -3.87
N GLY H 20 -22.75 -32.75 -3.07
CA GLY H 20 -23.45 -33.46 -2.02
C GLY H 20 -24.25 -34.63 -2.57
N GLU H 21 -24.80 -35.46 -1.69
CA GLU H 21 -25.53 -36.65 -2.12
C GLU H 21 -26.88 -36.23 -2.67
N ARG H 22 -26.95 -36.07 -4.00
CA ARG H 22 -28.19 -35.76 -4.69
C ARG H 22 -28.22 -36.40 -6.07
N GLY H 23 -27.57 -37.54 -6.22
CA GLY H 23 -27.35 -38.10 -7.54
C GLY H 23 -26.23 -37.42 -8.28
N PHE H 24 -25.22 -36.94 -7.56
CA PHE H 24 -24.15 -36.14 -8.15
C PHE H 24 -23.37 -36.95 -9.18
N PHE H 25 -22.92 -36.25 -10.23
CA PHE H 25 -22.08 -36.83 -11.28
C PHE H 25 -20.98 -35.85 -11.67
N TYR H 26 -20.33 -35.25 -10.68
CA TYR H 26 -19.27 -34.30 -10.98
C TYR H 26 -18.10 -34.99 -11.67
N THR H 27 -17.33 -34.20 -12.42
CA THR H 27 -16.27 -34.71 -13.28
C THR H 27 -14.94 -34.12 -12.84
N PRO H 28 -14.20 -34.81 -11.95
CA PRO H 28 -12.89 -34.29 -11.54
C PRO H 28 -11.84 -34.56 -12.61
N LYS H 29 -11.33 -33.49 -13.21
CA LYS H 29 -10.23 -33.59 -14.17
C LYS H 29 -8.92 -33.50 -13.42
N THR H 30 -8.06 -34.51 -13.61
CA THR H 30 -6.78 -34.57 -12.93
C THR H 30 -5.69 -35.04 -13.90
N GLY I 1 24.59 29.16 20.47
CA GLY I 1 24.90 29.30 19.06
C GLY I 1 26.04 28.40 18.63
N ILE I 2 25.96 27.12 19.02
CA ILE I 2 26.97 26.13 18.67
C ILE I 2 26.28 24.92 18.01
N VAL I 3 25.15 25.16 17.35
CA VAL I 3 24.43 24.07 16.71
C VAL I 3 25.15 23.68 15.42
N GLU I 4 25.25 22.36 15.19
CA GLU I 4 25.94 21.81 14.03
C GLU I 4 24.99 20.97 13.17
N GLN I 5 24.07 20.27 13.81
CA GLN I 5 23.11 19.42 13.13
C GLN I 5 21.88 20.24 12.72
N CYS I 6 21.28 19.83 11.60
CA CYS I 6 20.02 20.42 11.16
C CYS I 6 19.04 19.39 10.62
N CYS I 7 19.38 18.10 10.65
CA CYS I 7 18.45 17.04 10.30
C CYS I 7 17.61 16.62 11.50
N THR I 8 18.28 16.24 12.59
CA THR I 8 17.63 16.03 13.87
C THR I 8 17.49 17.32 14.68
N SER I 9 17.92 18.45 14.12
CA SER I 9 17.82 19.75 14.79
C SER I 9 17.46 20.77 13.72
N ILE I 10 17.62 22.06 14.05
CA ILE I 10 17.22 23.16 13.17
C ILE I 10 18.42 24.08 12.95
N CYS I 11 18.32 24.91 11.92
CA CYS I 11 19.37 25.85 11.55
C CYS I 11 18.72 27.02 10.82
N SER I 12 19.54 27.91 10.27
CA SER I 12 19.05 29.09 9.56
C SER I 12 20.14 29.57 8.59
N LEU I 13 19.80 30.60 7.82
CA LEU I 13 20.72 31.08 6.79
C LEU I 13 21.99 31.67 7.41
N TYR I 14 21.84 32.46 8.47
CA TYR I 14 22.98 33.15 9.07
C TYR I 14 23.98 32.21 9.75
N GLN I 15 23.61 30.94 9.96
CA GLN I 15 24.55 29.94 10.44
C GLN I 15 25.30 29.24 9.31
N LEU I 16 24.80 29.30 8.08
CA LEU I 16 25.36 28.59 6.94
C LEU I 16 25.97 29.51 5.90
N GLU I 17 25.43 30.72 5.72
CA GLU I 17 25.95 31.62 4.70
C GLU I 17 27.40 32.01 5.00
N ASN I 18 27.76 32.11 6.28
CA ASN I 18 29.16 32.37 6.63
C ASN I 18 30.05 31.24 6.16
N TYR I 19 29.59 30.00 6.31
CA TYR I 19 30.32 28.83 5.83
C TYR I 19 30.05 28.61 4.35
N CYS I 20 30.56 29.54 3.55
CA CYS I 20 30.56 29.42 2.09
C CYS I 20 31.90 29.90 1.53
N ASN I 21 32.99 29.50 2.17
CA ASN I 21 34.32 29.97 1.76
C ASN I 21 34.70 29.42 0.38
N PHE J 1 10.25 22.01 8.23
CA PHE J 1 10.59 20.99 7.24
C PHE J 1 10.45 19.62 7.88
N VAL J 2 10.09 18.62 7.09
CA VAL J 2 9.98 17.26 7.61
C VAL J 2 11.37 16.72 7.93
N ASN J 3 11.50 16.08 9.09
CA ASN J 3 12.80 15.69 9.62
C ASN J 3 13.27 14.42 8.93
N GLN J 4 13.96 14.59 7.80
CA GLN J 4 14.65 13.51 7.11
C GLN J 4 16.10 13.49 7.58
N HIS J 5 16.91 12.62 6.95
CA HIS J 5 18.34 12.60 7.22
C HIS J 5 19.02 13.63 6.32
N LEU J 6 18.75 14.90 6.65
CA LEU J 6 19.27 16.05 5.91
C LEU J 6 20.75 16.34 6.23
N CYS J 7 21.39 15.56 7.09
CA CYS J 7 22.80 15.73 7.43
C CYS J 7 23.65 14.93 6.46
N GLY J 8 24.97 14.99 6.66
CA GLY J 8 25.91 14.32 5.78
C GLY J 8 26.17 15.11 4.52
N SER J 9 26.24 14.41 3.37
CA SER J 9 26.50 15.08 2.11
C SER J 9 25.46 16.15 1.80
N HIS J 10 24.20 15.95 2.21
CA HIS J 10 23.17 16.95 2.02
C HIS J 10 23.58 18.29 2.62
N LEU J 11 24.28 18.26 3.76
CA LEU J 11 24.76 19.49 4.38
C LEU J 11 25.60 20.31 3.40
N VAL J 12 26.47 19.65 2.64
CA VAL J 12 27.27 20.35 1.64
C VAL J 12 26.36 21.04 0.64
N GLU J 13 25.34 20.33 0.16
CA GLU J 13 24.35 20.96 -0.71
C GLU J 13 23.61 22.06 0.03
N ALA J 14 23.29 21.84 1.31
CA ALA J 14 22.70 22.91 2.10
C ALA J 14 23.66 24.09 2.22
N LEU J 15 24.97 23.81 2.24
CA LEU J 15 25.95 24.89 2.24
C LEU J 15 26.12 25.50 0.86
N TYR J 16 25.71 24.80 -0.20
CA TYR J 16 25.97 25.27 -1.56
C TYR J 16 24.77 25.99 -2.15
N LEU J 17 23.56 25.45 -1.93
CA LEU J 17 22.39 25.95 -2.66
C LEU J 17 22.03 27.38 -2.31
N VAL J 18 22.43 27.87 -1.14
CA VAL J 18 22.28 29.28 -0.79
C VAL J 18 23.57 30.06 -1.08
N CYS J 19 24.48 29.48 -1.87
CA CYS J 19 25.76 30.08 -2.19
C CYS J 19 26.13 29.63 -3.60
N GLY J 20 27.41 29.73 -3.95
CA GLY J 20 27.89 29.44 -5.30
C GLY J 20 28.15 30.75 -6.02
N GLU J 21 27.23 31.70 -5.85
CA GLU J 21 27.53 33.09 -6.14
C GLU J 21 28.53 33.67 -5.14
N ARG J 22 28.63 33.06 -3.95
CA ARG J 22 29.57 33.45 -2.90
C ARG J 22 30.39 32.24 -2.47
N GLY J 23 30.86 31.45 -3.43
CA GLY J 23 31.62 30.26 -3.10
C GLY J 23 30.73 29.19 -2.49
N PHE J 24 31.38 28.28 -1.75
CA PHE J 24 30.68 27.26 -0.99
C PHE J 24 31.68 26.51 -0.13
N PHE J 25 31.19 25.95 0.97
CA PHE J 25 32.03 25.24 1.95
C PHE J 25 32.07 23.77 1.56
N TYR J 26 33.26 23.32 1.15
CA TYR J 26 33.37 21.99 0.53
C TYR J 26 33.07 20.88 1.51
N THR J 27 33.69 20.91 2.68
CA THR J 27 33.61 19.84 3.66
C THR J 27 32.46 20.07 4.64
N PRO J 28 32.09 19.05 5.41
CA PRO J 28 31.06 19.26 6.45
C PRO J 28 31.56 20.20 7.53
N LYS J 29 30.61 20.88 8.17
CA LYS J 29 30.90 21.75 9.31
C LYS J 29 30.74 21.06 10.65
N THR J 30 30.02 19.94 10.69
CA THR J 30 29.81 19.20 11.93
C THR J 30 31.13 18.65 12.45
#